data_3QS7
#
_entry.id   3QS7
#
_cell.length_a   103.890
_cell.length_b   146.260
_cell.length_c   105.950
_cell.angle_alpha   90.000
_cell.angle_beta   109.660
_cell.angle_gamma   90.000
#
_symmetry.space_group_name_H-M   'P 1 21 1'
#
loop_
_entity.id
_entity.type
_entity.pdbx_description
1 polymer 'SL cytokine'
2 polymer 'FL cytokine receptor'
3 non-polymer 2-acetamido-2-deoxy-beta-D-glucopyranose
#
loop_
_entity_poly.entity_id
_entity_poly.type
_entity_poly.pdbx_seq_one_letter_code
_entity_poly.pdbx_strand_id
1 'polypeptide(L)'
;GSHMTQDCSFQHSPISSDFAVKIRELSDYLLQDYPVTVASNLQDEELCGGLWRLVLAQRWMERLKTVAGSKMQGLLERVN
TEIHFVTKCAFQPPPSCLRFVQTNISRLLQETSEQLVALKPWITRQNFSRCLELQCQP
;
A,B,C,D
2 'polypeptide(L)'
;ETGNQDLPVIKCVLINHKNNDSSVGKSSSYPMVSESPEDLGCALRPQSSGTVYEAAAVEVDVSASITLQVLVDAPGNISC
LWVFKHSSLNCQPHFDLQNRGVVSMVILKMTETQAGEYLLFIQSEATNYTILFTVSIRNTLLYTLRRPYFRKMENQDALV
CISESVPEPIVEWVLCDSQGESCKEESPAVVKKEEKVLHELFGTDIRCCARNELGRECTRLFTIDLNQTPQTTLPQLFLK
VGEPLWIRCKAVHVNHGFGLTWELENKALEEGNYFEMSTYSTNRTMIRILFAFVSSVARNDTGYYTCSSSKHPSQSALVT
IVEKGFINATNSSEDYEIDQYEEFCFSVRFKAYPQIRCTWTFSRKSFPCEQKGLDNGYSISKFCNHKHQPGEYIFHAEND
DAQFTKMFTLNIRSGTKHHHHHH
;
E,F,G,H
#
loop_
_chem_comp.id
_chem_comp.type
_chem_comp.name
_chem_comp.formula
NAG D-saccharide, beta linking 2-acetamido-2-deoxy-beta-D-glucopyranose 'C8 H15 N O6'
#
# COMPACT_ATOMS: atom_id res chain seq x y z
N SER A 2 7.24 -23.32 12.86
CA SER A 2 6.08 -24.22 12.85
C SER A 2 6.44 -25.61 12.30
N HIS A 3 6.79 -26.53 13.23
CA HIS A 3 7.16 -27.91 12.93
C HIS A 3 6.95 -28.78 14.19
N MET A 4 8.00 -29.53 14.63
CA MET A 4 7.93 -30.43 15.79
C MET A 4 9.12 -30.21 16.77
N THR A 5 9.76 -31.32 17.28
CA THR A 5 10.80 -31.22 18.29
C THR A 5 11.73 -32.48 18.50
N GLN A 6 11.84 -32.99 19.79
CA GLN A 6 12.65 -34.06 20.45
C GLN A 6 13.50 -34.92 19.50
N ASP A 7 14.74 -35.23 19.99
CA ASP A 7 15.93 -35.78 19.29
C ASP A 7 16.32 -34.65 18.37
N CYS A 8 17.59 -34.47 18.11
CA CYS A 8 17.95 -33.24 17.45
C CYS A 8 19.09 -33.43 16.51
N SER A 9 18.81 -33.35 15.23
CA SER A 9 19.82 -33.49 14.18
C SER A 9 19.29 -32.87 12.94
N PHE A 10 20.19 -32.46 12.05
CA PHE A 10 19.80 -31.81 10.80
C PHE A 10 20.42 -32.55 9.64
N GLN A 11 19.58 -33.03 8.70
CA GLN A 11 20.00 -33.76 7.49
C GLN A 11 20.68 -32.82 6.50
N HIS A 12 20.07 -31.63 6.28
CA HIS A 12 20.61 -30.61 5.38
C HIS A 12 20.95 -29.36 6.20
N SER A 13 22.05 -28.64 5.82
CA SER A 13 22.61 -27.45 6.45
C SER A 13 21.61 -26.31 6.66
N PRO A 14 21.14 -26.11 7.92
CA PRO A 14 20.20 -25.01 8.18
C PRO A 14 20.91 -23.67 8.32
N ILE A 15 22.24 -23.68 8.29
CA ILE A 15 23.05 -22.48 8.40
C ILE A 15 23.35 -22.04 6.98
N SER A 16 22.92 -20.81 6.66
CA SER A 16 23.13 -20.25 5.33
C SER A 16 24.58 -19.81 5.14
N SER A 17 24.98 -19.55 3.91
CA SER A 17 26.32 -19.06 3.64
C SER A 17 26.36 -17.55 3.87
N ASP A 18 25.27 -16.86 3.52
CA ASP A 18 25.19 -15.41 3.61
C ASP A 18 24.49 -14.93 4.89
N PHE A 19 24.73 -15.60 6.03
CA PHE A 19 24.13 -15.20 7.31
C PHE A 19 24.87 -14.01 7.90
N ALA A 20 26.16 -13.91 7.60
CA ALA A 20 27.02 -12.85 8.10
C ALA A 20 26.60 -11.52 7.49
N VAL A 21 25.91 -11.59 6.37
CA VAL A 21 25.43 -10.42 5.67
C VAL A 21 24.21 -9.84 6.37
N LYS A 22 23.26 -10.72 6.73
CA LYS A 22 22.03 -10.32 7.40
C LYS A 22 22.32 -9.72 8.79
N ILE A 23 23.47 -10.09 9.39
CA ILE A 23 23.86 -9.61 10.71
C ILE A 23 24.54 -8.26 10.60
N ARG A 24 25.31 -8.05 9.51
CA ARG A 24 25.98 -6.79 9.28
C ARG A 24 24.94 -5.76 8.91
N GLU A 25 23.87 -6.21 8.25
CA GLU A 25 22.79 -5.34 7.84
C GLU A 25 21.92 -4.93 9.02
N LEU A 26 21.71 -5.85 9.98
CA LEU A 26 20.96 -5.52 11.19
C LEU A 26 21.76 -4.55 12.03
N SER A 27 23.05 -4.86 12.21
CA SER A 27 23.97 -4.03 12.98
C SER A 27 24.09 -2.59 12.42
N ASP A 28 23.88 -2.42 11.11
CA ASP A 28 23.96 -1.10 10.49
C ASP A 28 22.83 -0.17 10.90
N TYR A 29 21.78 -0.69 11.50
CA TYR A 29 20.66 0.13 11.93
C TYR A 29 20.44 -0.01 13.44
N LEU A 30 21.43 -0.58 14.13
CA LEU A 30 21.31 -0.79 15.56
C LEU A 30 22.06 0.22 16.36
N LEU A 31 21.51 0.50 17.54
CA LEU A 31 22.11 1.24 18.62
C LEU A 31 22.86 0.17 19.39
N GLN A 32 24.17 0.05 19.11
CA GLN A 32 25.09 -0.98 19.58
C GLN A 32 25.07 -1.32 21.08
N ASP A 33 24.75 -0.38 21.97
CA ASP A 33 24.79 -0.73 23.38
C ASP A 33 23.40 -1.00 23.97
N TYR A 34 22.44 -1.36 23.11
CA TYR A 34 21.11 -1.73 23.57
C TYR A 34 21.29 -2.90 24.52
N PRO A 35 20.70 -2.87 25.72
CA PRO A 35 20.93 -3.98 26.64
C PRO A 35 20.15 -5.26 26.36
N VAL A 36 20.90 -6.34 26.14
CA VAL A 36 20.41 -7.70 25.97
C VAL A 36 21.07 -8.51 27.08
N THR A 37 20.93 -9.83 27.07
CA THR A 37 21.60 -10.68 28.06
C THR A 37 22.22 -11.86 27.38
N VAL A 38 23.15 -12.49 28.07
CA VAL A 38 23.87 -13.69 27.65
C VAL A 38 23.99 -14.56 28.86
N ALA A 39 23.97 -15.88 28.71
CA ALA A 39 24.17 -16.71 29.88
C ALA A 39 25.62 -16.53 30.33
N SER A 40 25.83 -16.33 31.63
CA SER A 40 27.16 -16.09 32.17
C SER A 40 27.86 -17.39 32.58
N ASN A 41 27.08 -18.41 32.98
CA ASN A 41 27.66 -19.67 33.46
C ASN A 41 27.20 -20.92 32.66
N LEU A 42 27.35 -20.88 31.34
CA LEU A 42 27.02 -22.05 30.55
C LEU A 42 28.18 -23.01 30.61
N GLN A 43 27.90 -24.27 30.96
CA GLN A 43 28.90 -25.32 31.05
C GLN A 43 29.71 -25.38 29.75
N ASP A 44 31.02 -25.63 29.88
CA ASP A 44 31.88 -25.76 28.71
C ASP A 44 31.60 -27.11 28.09
N GLU A 45 30.97 -27.10 26.90
CA GLU A 45 30.60 -28.29 26.15
C GLU A 45 30.79 -28.02 24.67
N GLU A 46 31.99 -28.30 24.12
CA GLU A 46 32.38 -28.03 22.73
C GLU A 46 31.38 -28.55 21.65
N LEU A 47 30.30 -29.26 22.06
CA LEU A 47 29.31 -29.78 21.12
C LEU A 47 27.98 -29.01 21.24
N CYS A 48 27.56 -28.70 22.47
CA CYS A 48 26.29 -28.04 22.71
C CYS A 48 26.43 -26.53 22.92
N GLY A 49 27.61 -26.09 23.36
CA GLY A 49 27.92 -24.70 23.66
C GLY A 49 27.31 -23.61 22.79
N GLY A 50 27.75 -23.55 21.54
CA GLY A 50 27.26 -22.56 20.58
C GLY A 50 25.77 -22.69 20.34
N LEU A 51 25.28 -23.95 20.34
CA LEU A 51 23.88 -24.29 20.15
C LEU A 51 23.02 -23.75 21.28
N TRP A 52 23.51 -23.83 22.53
CA TRP A 52 22.79 -23.31 23.69
C TRP A 52 22.64 -21.81 23.59
N ARG A 53 23.73 -21.11 23.21
CA ARG A 53 23.75 -19.66 23.08
C ARG A 53 22.90 -19.20 21.89
N LEU A 54 22.87 -19.99 20.80
CA LEU A 54 22.05 -19.67 19.64
C LEU A 54 20.58 -19.75 20.00
N VAL A 55 20.23 -20.72 20.83
CA VAL A 55 18.87 -20.90 21.33
C VAL A 55 18.48 -19.68 22.12
N LEU A 56 19.39 -19.21 22.96
CA LEU A 56 19.19 -18.05 23.80
C LEU A 56 19.14 -16.78 22.97
N ALA A 57 20.07 -16.65 22.02
CA ALA A 57 20.14 -15.51 21.10
C ALA A 57 18.86 -15.47 20.29
N GLN A 58 18.38 -16.66 19.92
CA GLN A 58 17.15 -16.81 19.17
C GLN A 58 16.00 -16.29 19.99
N ARG A 59 15.94 -16.64 21.27
CA ARG A 59 14.88 -16.18 22.15
C ARG A 59 14.90 -14.67 22.21
N TRP A 60 16.07 -14.06 22.05
CA TRP A 60 16.21 -12.62 22.10
C TRP A 60 15.71 -11.95 20.83
N MET A 61 15.87 -12.59 19.67
CA MET A 61 15.43 -12.03 18.39
C MET A 61 13.92 -11.86 18.36
N GLU A 62 13.22 -12.73 19.10
CA GLU A 62 11.76 -12.73 19.21
C GLU A 62 11.31 -11.61 20.10
N ARG A 63 11.96 -11.47 21.28
CA ARG A 63 11.66 -10.41 22.23
C ARG A 63 11.88 -9.04 21.58
N LEU A 64 12.97 -8.92 20.81
CA LEU A 64 13.33 -7.69 20.14
C LEU A 64 12.34 -7.29 19.07
N LYS A 65 11.80 -8.26 18.31
CA LYS A 65 10.87 -7.99 17.22
C LYS A 65 9.62 -7.28 17.73
N THR A 66 9.18 -7.60 18.96
CA THR A 66 7.97 -7.03 19.57
C THR A 66 8.09 -5.56 19.92
N VAL A 67 9.31 -5.06 20.13
CA VAL A 67 9.53 -3.66 20.51
C VAL A 67 10.31 -2.94 19.40
N ALA A 68 10.36 -3.54 18.22
CA ALA A 68 11.06 -2.98 17.07
C ALA A 68 10.13 -2.23 16.14
N GLY A 69 10.66 -1.21 15.48
CA GLY A 69 9.91 -0.41 14.51
C GLY A 69 9.63 -1.23 13.28
N SER A 70 8.63 -0.81 12.50
CA SER A 70 8.21 -1.53 11.28
C SER A 70 9.39 -2.04 10.42
N LYS A 71 10.40 -1.19 10.18
CA LYS A 71 11.55 -1.54 9.36
C LYS A 71 12.62 -2.34 10.13
N MET A 72 12.75 -2.12 11.46
CA MET A 72 13.71 -2.86 12.27
C MET A 72 13.21 -4.29 12.45
N GLN A 73 11.88 -4.47 12.43
CA GLN A 73 11.25 -5.77 12.55
C GLN A 73 11.72 -6.70 11.44
N GLY A 74 11.89 -6.14 10.25
CA GLY A 74 12.34 -6.90 9.08
C GLY A 74 13.78 -7.35 9.20
N LEU A 75 14.63 -6.48 9.74
CA LEU A 75 16.06 -6.79 9.91
C LEU A 75 16.24 -7.84 10.99
N LEU A 76 15.43 -7.76 12.06
CA LEU A 76 15.49 -8.70 13.16
C LEU A 76 15.01 -10.04 12.66
N GLU A 77 13.81 -10.06 12.04
CA GLU A 77 13.20 -11.27 11.49
C GLU A 77 14.13 -11.97 10.54
N ARG A 78 14.85 -11.19 9.71
CA ARG A 78 15.79 -11.75 8.72
C ARG A 78 17.01 -12.39 9.38
N VAL A 79 17.36 -11.93 10.58
CA VAL A 79 18.46 -12.51 11.33
C VAL A 79 17.89 -13.66 12.12
N ASN A 80 16.62 -13.54 12.50
CA ASN A 80 15.90 -14.56 13.23
C ASN A 80 15.81 -15.82 12.39
N THR A 81 15.56 -15.67 11.08
CA THR A 81 15.46 -16.79 10.14
C THR A 81 16.75 -17.59 10.05
N GLU A 82 17.90 -16.90 10.14
CA GLU A 82 19.23 -17.50 10.05
C GLU A 82 19.50 -18.47 11.18
N ILE A 83 18.83 -18.27 12.32
CA ILE A 83 19.05 -19.06 13.53
C ILE A 83 17.76 -19.68 14.07
N HIS A 84 16.64 -19.59 13.33
CA HIS A 84 15.36 -20.11 13.80
C HIS A 84 15.31 -21.63 13.83
N PHE A 85 16.23 -22.28 13.12
CA PHE A 85 16.26 -23.73 13.06
C PHE A 85 16.40 -24.39 14.44
N VAL A 86 16.97 -23.67 15.43
CA VAL A 86 17.15 -24.19 16.78
C VAL A 86 15.82 -24.57 17.45
N THR A 87 14.71 -24.05 16.94
CA THR A 87 13.39 -24.34 17.49
C THR A 87 12.80 -25.61 16.90
N LYS A 88 13.49 -26.19 15.92
CA LYS A 88 13.10 -27.46 15.31
C LYS A 88 13.29 -28.56 16.34
N CYS A 89 14.10 -28.26 17.39
CA CYS A 89 14.44 -29.16 18.48
C CYS A 89 13.78 -28.74 19.78
N ALA A 90 13.27 -29.73 20.55
CA ALA A 90 12.59 -29.54 21.83
C ALA A 90 13.56 -29.19 22.95
N PHE A 91 14.18 -28.01 22.86
CA PHE A 91 15.10 -27.54 23.89
C PHE A 91 14.31 -27.28 25.17
N GLN A 92 14.79 -27.83 26.29
CA GLN A 92 14.14 -27.65 27.58
C GLN A 92 14.38 -26.22 28.10
N PRO A 93 13.45 -25.69 28.92
CA PRO A 93 13.63 -24.33 29.45
C PRO A 93 14.90 -24.23 30.28
N PRO A 94 15.52 -23.03 30.32
CA PRO A 94 16.77 -22.88 31.09
C PRO A 94 16.66 -23.36 32.55
N PRO A 95 17.75 -24.00 33.06
CA PRO A 95 17.74 -24.47 34.45
C PRO A 95 17.86 -23.32 35.45
N SER A 96 17.47 -23.56 36.71
CA SER A 96 17.51 -22.56 37.77
C SER A 96 18.94 -22.05 38.01
N CYS A 97 19.94 -22.89 37.74
CA CYS A 97 21.35 -22.59 37.95
C CYS A 97 21.89 -21.56 36.96
N LEU A 98 21.20 -21.38 35.82
CA LEU A 98 21.66 -20.49 34.76
C LEU A 98 21.52 -19.02 35.12
N ARG A 99 22.67 -18.33 35.18
CA ARG A 99 22.75 -16.91 35.47
C ARG A 99 22.93 -16.13 34.18
N PHE A 100 22.20 -15.02 34.05
CA PHE A 100 22.29 -14.18 32.87
C PHE A 100 22.97 -12.86 33.23
N VAL A 101 23.72 -12.29 32.27
CA VAL A 101 24.43 -11.03 32.47
C VAL A 101 24.11 -10.07 31.32
N GLN A 102 23.87 -8.80 31.67
CA GLN A 102 23.55 -7.75 30.69
C GLN A 102 24.75 -7.43 29.78
N THR A 103 24.52 -7.46 28.48
CA THR A 103 25.56 -7.17 27.50
C THR A 103 24.96 -6.37 26.34
N ASN A 104 25.83 -5.71 25.55
CA ASN A 104 25.40 -4.95 24.38
C ASN A 104 24.89 -5.87 23.31
N ILE A 105 23.85 -5.43 22.60
CA ILE A 105 23.27 -6.21 21.52
C ILE A 105 24.31 -6.46 20.43
N SER A 106 25.32 -5.57 20.35
CA SER A 106 26.41 -5.70 19.40
C SER A 106 27.24 -6.91 19.77
N ARG A 107 27.35 -7.17 21.08
CA ARG A 107 28.10 -8.29 21.60
C ARG A 107 27.35 -9.57 21.27
N LEU A 108 26.03 -9.57 21.49
CA LEU A 108 25.17 -10.71 21.21
C LEU A 108 25.19 -11.06 19.74
N LEU A 109 25.10 -10.04 18.87
CA LEU A 109 25.11 -10.24 17.41
C LEU A 109 26.43 -10.80 16.94
N GLN A 110 27.54 -10.31 17.51
CA GLN A 110 28.88 -10.75 17.14
C GLN A 110 29.08 -12.20 17.52
N GLU A 111 28.68 -12.56 18.73
CA GLU A 111 28.79 -13.93 19.23
C GLU A 111 27.95 -14.87 18.40
N THR A 112 26.71 -14.46 18.07
CA THR A 112 25.80 -15.25 17.24
C THR A 112 26.48 -15.60 15.92
N SER A 113 27.13 -14.60 15.29
CA SER A 113 27.85 -14.82 14.03
C SER A 113 28.91 -15.86 14.24
N GLU A 114 29.73 -15.69 15.29
CA GLU A 114 30.80 -16.61 15.64
C GLU A 114 30.30 -18.03 15.84
N GLN A 115 29.19 -18.19 16.58
CA GLN A 115 28.60 -19.50 16.87
C GLN A 115 28.13 -20.17 15.60
N LEU A 116 27.60 -19.39 14.65
CA LEU A 116 27.13 -19.95 13.41
C LEU A 116 28.33 -20.46 12.61
N VAL A 117 29.44 -19.70 12.60
CA VAL A 117 30.66 -20.06 11.87
C VAL A 117 31.22 -21.37 12.36
N ALA A 118 31.40 -21.48 13.68
CA ALA A 118 31.96 -22.68 14.29
C ALA A 118 31.03 -23.87 14.14
N LEU A 119 29.71 -23.64 14.12
CA LEU A 119 28.69 -24.68 14.03
C LEU A 119 28.45 -25.17 12.61
N LYS A 120 28.72 -24.29 11.62
CA LYS A 120 28.51 -24.55 10.19
C LYS A 120 29.11 -25.89 9.70
N PRO A 121 30.38 -26.25 10.04
CA PRO A 121 30.92 -27.52 9.55
C PRO A 121 30.40 -28.77 10.28
N TRP A 122 29.71 -28.61 11.41
CA TRP A 122 29.28 -29.77 12.18
C TRP A 122 27.80 -29.95 12.33
N ILE A 123 27.00 -28.93 12.03
CA ILE A 123 25.54 -28.99 12.19
C ILE A 123 24.84 -30.25 11.62
N THR A 124 25.38 -30.84 10.55
CA THR A 124 24.75 -31.99 9.91
C THR A 124 25.45 -33.32 10.21
N ARG A 125 26.61 -33.28 10.88
CA ARG A 125 27.38 -34.49 11.20
C ARG A 125 27.13 -34.99 12.63
N GLN A 126 26.63 -34.11 13.50
CA GLN A 126 26.42 -34.46 14.90
C GLN A 126 24.98 -34.70 15.25
N ASN A 127 24.80 -35.51 16.28
CA ASN A 127 23.55 -35.80 16.95
C ASN A 127 23.51 -34.86 18.16
N PHE A 128 22.57 -33.95 18.18
CA PHE A 128 22.50 -32.93 19.23
C PHE A 128 21.43 -33.21 20.26
N SER A 129 21.01 -34.46 20.36
CA SER A 129 19.97 -34.87 21.28
C SER A 129 20.30 -34.54 22.75
N ARG A 130 21.58 -34.59 23.17
CA ARG A 130 21.93 -34.30 24.56
C ARG A 130 22.08 -32.79 24.86
N CYS A 131 21.90 -31.94 23.84
CA CYS A 131 22.01 -30.49 23.98
C CYS A 131 20.69 -29.89 24.43
N LEU A 132 19.62 -30.69 24.36
CA LEU A 132 18.27 -30.26 24.70
C LEU A 132 18.14 -29.81 26.14
N GLU A 133 19.03 -30.28 27.01
CA GLU A 133 19.05 -29.82 28.38
C GLU A 133 20.25 -28.92 28.57
N LEU A 134 20.00 -27.63 28.79
CA LEU A 134 21.07 -26.65 29.00
C LEU A 134 21.73 -26.94 30.34
N GLN A 135 23.07 -26.90 30.39
CA GLN A 135 23.80 -27.20 31.62
C GLN A 135 24.68 -26.04 32.12
N CYS A 136 24.87 -25.97 33.46
CA CYS A 136 25.66 -24.91 34.12
C CYS A 136 27.02 -25.41 34.55
N MET B 4 25.92 42.68 19.82
CA MET B 4 26.71 41.76 20.64
C MET B 4 26.65 40.31 20.09
N THR B 5 27.54 39.44 20.64
CA THR B 5 27.65 38.00 20.33
C THR B 5 26.81 37.20 21.37
N GLN B 6 26.04 37.93 22.22
CA GLN B 6 25.10 37.43 23.23
C GLN B 6 23.66 37.54 22.68
N ASP B 7 23.52 37.45 21.34
CA ASP B 7 22.24 37.50 20.65
C ASP B 7 21.94 36.15 20.02
N CYS B 8 20.69 35.96 19.56
CA CYS B 8 20.20 34.71 18.96
C CYS B 8 18.95 34.98 18.17
N SER B 9 19.06 34.92 16.86
CA SER B 9 17.94 35.15 15.95
C SER B 9 18.27 34.54 14.60
N PHE B 10 17.25 34.21 13.81
CA PHE B 10 17.46 33.59 12.51
C PHE B 10 16.73 34.38 11.45
N GLN B 11 17.47 34.86 10.43
CA GLN B 11 16.92 35.67 9.32
C GLN B 11 16.07 34.80 8.38
N HIS B 12 16.59 33.61 8.01
CA HIS B 12 15.91 32.66 7.14
C HIS B 12 15.62 31.41 7.94
N SER B 13 14.48 30.75 7.67
CA SER B 13 13.96 29.57 8.38
C SER B 13 14.93 28.40 8.43
N PRO B 14 15.47 28.08 9.64
CA PRO B 14 16.40 26.94 9.76
C PRO B 14 15.66 25.63 9.96
N ILE B 15 14.32 25.71 10.04
CA ILE B 15 13.44 24.57 10.17
C ILE B 15 12.92 24.21 8.78
N SER B 16 13.26 22.99 8.33
CA SER B 16 12.86 22.48 7.02
C SER B 16 11.41 22.05 7.03
N SER B 17 10.79 21.91 5.85
CA SER B 17 9.41 21.46 5.75
C SER B 17 9.34 19.95 5.97
N ASP B 18 10.29 19.19 5.40
CA ASP B 18 10.32 17.74 5.44
C ASP B 18 11.17 17.18 6.59
N PHE B 19 11.12 17.82 7.77
CA PHE B 19 11.87 17.35 8.93
C PHE B 19 11.17 16.17 9.59
N ALA B 20 9.83 16.14 9.46
CA ALA B 20 8.98 15.09 10.03
C ALA B 20 9.23 13.77 9.33
N VAL B 21 9.78 13.85 8.13
CA VAL B 21 10.11 12.69 7.33
C VAL B 21 11.35 12.04 7.85
N LYS B 22 12.39 12.85 8.12
CA LYS B 22 13.67 12.37 8.61
C LYS B 22 13.54 11.75 9.98
N ILE B 23 12.51 12.14 10.74
CA ILE B 23 12.30 11.63 12.09
C ILE B 23 11.53 10.32 12.03
N ARG B 24 10.63 10.19 11.05
CA ARG B 24 9.86 8.98 10.87
C ARG B 24 10.78 7.91 10.31
N GLU B 25 11.78 8.34 9.54
CA GLU B 25 12.75 7.43 8.95
C GLU B 25 13.71 6.92 10.00
N LEU B 26 14.10 7.78 10.96
CA LEU B 26 14.98 7.36 12.04
C LEU B 26 14.24 6.40 12.92
N SER B 27 13.01 6.77 13.28
CA SER B 27 12.16 5.96 14.14
C SER B 27 11.90 4.57 13.54
N ASP B 28 11.93 4.43 12.21
CA ASP B 28 11.70 3.14 11.56
C ASP B 28 12.82 2.13 11.78
N TYR B 29 13.97 2.58 12.29
CA TYR B 29 15.10 1.71 12.55
C TYR B 29 15.52 1.76 14.01
N LEU B 30 14.66 2.34 14.83
CA LEU B 30 14.95 2.46 16.24
C LEU B 30 14.20 1.48 17.09
N LEU B 31 14.87 1.11 18.18
CA LEU B 31 14.32 0.35 19.29
C LEU B 31 13.73 1.41 20.20
N GLN B 32 12.42 1.62 20.08
CA GLN B 32 11.64 2.68 20.69
C GLN B 32 11.84 2.95 22.19
N ASP B 33 12.23 1.96 23.00
CA ASP B 33 12.37 2.23 24.43
C ASP B 33 13.82 2.41 24.85
N TYR B 34 14.69 2.77 23.90
CA TYR B 34 16.07 3.06 24.20
C TYR B 34 16.07 4.21 25.21
N PRO B 35 16.80 4.11 26.33
CA PRO B 35 16.72 5.19 27.32
C PRO B 35 17.55 6.44 27.00
N VAL B 36 16.83 7.56 26.92
CA VAL B 36 17.37 8.90 26.75
C VAL B 36 16.87 9.69 27.96
N THR B 37 17.09 11.01 27.99
CA THR B 37 16.59 11.85 29.07
C THR B 37 15.94 13.09 28.52
N VAL B 38 15.13 13.72 29.34
CA VAL B 38 14.43 14.96 29.04
C VAL B 38 14.48 15.78 30.30
N ALA B 39 14.53 17.12 30.18
CA ALA B 39 14.51 17.92 31.39
C ALA B 39 13.14 17.79 32.02
N SER B 40 13.08 17.55 33.32
CA SER B 40 11.81 17.37 34.01
C SER B 40 11.24 18.69 34.54
N ASN B 41 12.11 19.67 34.88
CA ASN B 41 11.66 20.92 35.47
C ASN B 41 12.06 22.17 34.67
N LEU B 42 11.76 22.18 33.37
CA LEU B 42 12.05 23.37 32.57
C LEU B 42 10.98 24.38 32.81
N GLN B 43 11.37 25.60 33.17
CA GLN B 43 10.44 26.70 33.42
C GLN B 43 9.49 26.84 32.24
N ASP B 44 8.23 27.14 32.52
CA ASP B 44 7.26 27.33 31.45
C ASP B 44 7.50 28.69 30.83
N GLU B 45 8.00 28.69 29.59
CA GLU B 45 8.34 29.88 28.83
C GLU B 45 7.98 29.63 27.37
N GLU B 46 6.76 29.97 26.97
CA GLU B 46 6.27 29.70 25.61
C GLU B 46 7.13 30.29 24.45
N LEU B 47 8.23 30.99 24.78
CA LEU B 47 9.12 31.54 23.77
C LEU B 47 10.40 30.70 23.68
N CYS B 48 10.97 30.33 24.83
CA CYS B 48 12.22 29.60 24.90
C CYS B 48 12.02 28.11 25.08
N GLY B 49 10.89 27.70 25.63
CA GLY B 49 10.53 26.32 25.94
C GLY B 49 10.98 25.24 24.96
N GLY B 50 10.39 25.24 23.78
CA GLY B 50 10.73 24.28 22.75
C GLY B 50 12.18 24.35 22.33
N LEU B 51 12.72 25.58 22.30
CA LEU B 51 14.10 25.87 21.95
C LEU B 51 15.07 25.24 22.95
N TRP B 52 14.75 25.30 24.25
CA TRP B 52 15.57 24.70 25.29
C TRP B 52 15.65 23.20 25.13
N ARG B 53 14.50 22.59 24.87
CA ARG B 53 14.38 21.14 24.70
C ARG B 53 15.03 20.68 23.41
N LEU B 54 14.98 21.51 22.35
CA LEU B 54 15.62 21.19 21.09
C LEU B 54 17.12 21.19 21.27
N VAL B 55 17.62 22.11 22.09
CA VAL B 55 19.05 22.19 22.40
C VAL B 55 19.48 20.92 23.11
N LEU B 56 18.65 20.47 24.04
CA LEU B 56 18.89 19.26 24.82
C LEU B 56 18.77 18.03 23.94
N ALA B 57 17.72 17.98 23.11
CA ALA B 57 17.47 16.89 22.16
C ALA B 57 18.64 16.81 21.21
N GLN B 58 19.13 17.99 20.81
CA GLN B 58 20.27 18.12 19.92
C GLN B 58 21.50 17.53 20.58
N ARG B 59 21.73 17.82 21.86
CA ARG B 59 22.86 17.28 22.57
C ARG B 59 22.77 15.76 22.60
N TRP B 60 21.55 15.21 22.57
CA TRP B 60 21.35 13.77 22.59
C TRP B 60 21.65 13.13 21.24
N MET B 61 21.39 13.83 20.13
CA MET B 61 21.65 13.30 18.77
C MET B 61 23.13 13.07 18.57
N GLU B 62 23.97 13.88 19.23
CA GLU B 62 25.42 13.79 19.16
C GLU B 62 25.90 12.59 19.94
N ARG B 63 25.41 12.43 21.19
CA ARG B 63 25.77 11.32 22.07
C ARG B 63 25.39 10.01 21.40
N LEU B 64 24.22 9.98 20.76
CA LEU B 64 23.71 8.80 20.09
C LEU B 64 24.54 8.40 18.88
N LYS B 65 25.05 9.37 18.12
CA LYS B 65 25.85 9.11 16.93
C LYS B 65 27.09 8.31 17.25
N THR B 66 27.69 8.54 18.43
CA THR B 66 28.92 7.89 18.88
C THR B 66 28.76 6.40 19.19
N VAL B 67 27.55 5.95 19.51
CA VAL B 67 27.29 4.56 19.85
C VAL B 67 26.36 3.91 18.82
N ALA B 68 26.22 4.57 17.67
CA ALA B 68 25.37 4.10 16.59
C ALA B 68 26.16 3.38 15.53
N GLY B 69 25.52 2.42 14.88
CA GLY B 69 26.11 1.65 13.80
C GLY B 69 26.28 2.51 12.56
N SER B 70 27.15 2.08 11.65
CA SER B 70 27.44 2.83 10.42
C SER B 70 26.19 3.43 9.75
N LYS B 71 25.12 2.63 9.59
CA LYS B 71 23.91 3.13 8.93
C LYS B 71 22.98 3.90 9.88
N MET B 72 23.00 3.63 11.19
CA MET B 72 22.18 4.36 12.15
C MET B 72 22.75 5.74 12.33
N GLN B 73 24.08 5.86 12.14
CA GLN B 73 24.80 7.13 12.24
C GLN B 73 24.25 8.13 11.22
N GLY B 74 23.89 7.64 10.03
CA GLY B 74 23.33 8.45 8.95
C GLY B 74 21.95 8.96 9.27
N LEU B 75 21.11 8.11 9.88
CA LEU B 75 19.74 8.48 10.25
C LEU B 75 19.74 9.48 11.39
N LEU B 76 20.69 9.32 12.34
CA LEU B 76 20.84 10.22 13.48
C LEU B 76 21.33 11.55 12.99
N GLU B 77 22.43 11.53 12.23
CA GLU B 77 23.01 12.72 11.65
C GLU B 77 21.99 13.49 10.84
N ARG B 78 21.15 12.80 10.05
CA ARG B 78 20.13 13.44 9.23
C ARG B 78 19.04 14.11 10.06
N VAL B 79 18.81 13.63 11.28
CA VAL B 79 17.83 14.23 12.19
C VAL B 79 18.54 15.32 12.92
N ASN B 80 19.84 15.13 13.13
CA ASN B 80 20.71 16.07 13.80
C ASN B 80 20.75 17.36 12.99
N THR B 81 20.85 17.25 11.66
CA THR B 81 20.90 18.40 10.75
C THR B 81 19.63 19.26 10.84
N GLU B 82 18.47 18.62 11.07
CA GLU B 82 17.17 19.28 11.17
C GLU B 82 17.07 20.20 12.37
N ILE B 83 17.88 19.94 13.42
CA ILE B 83 17.85 20.69 14.67
C ILE B 83 19.22 21.22 15.08
N HIS B 84 20.22 21.13 14.20
CA HIS B 84 21.59 21.57 14.52
C HIS B 84 21.72 23.08 14.59
N PHE B 85 20.78 23.81 14.00
CA PHE B 85 20.81 25.27 13.99
C PHE B 85 20.85 25.87 15.42
N VAL B 86 20.36 25.15 16.44
CA VAL B 86 20.34 25.61 17.83
C VAL B 86 21.74 25.92 18.34
N THR B 87 22.76 25.34 17.72
CA THR B 87 24.16 25.54 18.10
C THR B 87 24.74 26.81 17.47
N LYS B 88 23.96 27.46 16.61
CA LYS B 88 24.36 28.72 16.01
C LYS B 88 24.36 29.78 17.10
N CYS B 89 23.67 29.49 18.22
CA CYS B 89 23.53 30.36 19.38
C CYS B 89 24.32 29.86 20.56
N ALA B 90 24.95 30.79 21.28
CA ALA B 90 25.77 30.52 22.47
C ALA B 90 24.92 30.18 23.70
N PHE B 91 24.23 29.03 23.65
CA PHE B 91 23.41 28.56 24.76
C PHE B 91 24.31 28.20 25.94
N GLN B 92 24.00 28.73 27.13
CA GLN B 92 24.77 28.48 28.33
C GLN B 92 24.55 27.06 28.84
N PRO B 93 25.55 26.47 29.55
CA PRO B 93 25.37 25.11 30.06
C PRO B 93 24.20 25.02 31.02
N PRO B 94 23.52 23.84 31.08
CA PRO B 94 22.37 23.71 31.98
C PRO B 94 22.67 24.13 33.43
N PRO B 95 21.69 24.80 34.08
CA PRO B 95 21.87 25.22 35.48
C PRO B 95 21.80 24.02 36.43
N SER B 96 22.33 24.19 37.64
CA SER B 96 22.37 23.13 38.66
C SER B 96 20.96 22.66 39.05
N CYS B 97 19.97 23.57 38.92
CA CYS B 97 18.59 23.32 39.29
C CYS B 97 17.89 22.37 38.31
N LEU B 98 18.43 22.21 37.08
CA LEU B 98 17.80 21.40 36.05
C LEU B 98 17.91 19.91 36.33
N ARG B 99 16.74 19.26 36.52
CA ARG B 99 16.61 17.83 36.77
C ARG B 99 16.26 17.12 35.49
N PHE B 100 16.91 15.99 35.24
CA PHE B 100 16.64 15.19 34.05
C PHE B 100 15.95 13.90 34.43
N VAL B 101 15.07 13.40 33.55
CA VAL B 101 14.31 12.18 33.79
C VAL B 101 14.46 11.25 32.59
N GLN B 102 14.65 9.94 32.86
CA GLN B 102 14.80 8.93 31.82
C GLN B 102 13.50 8.69 31.05
N THR B 103 13.58 8.75 29.72
CA THR B 103 12.42 8.54 28.85
C THR B 103 12.83 7.76 27.60
N ASN B 104 11.86 7.18 26.90
CA ASN B 104 12.08 6.46 25.65
C ASN B 104 12.52 7.39 24.56
N ILE B 105 13.43 6.93 23.70
CA ILE B 105 13.92 7.71 22.58
C ILE B 105 12.77 8.06 21.65
N SER B 106 11.72 7.22 21.65
CA SER B 106 10.54 7.46 20.85
C SER B 106 9.82 8.70 21.37
N ARG B 107 9.88 8.90 22.71
CA ARG B 107 9.27 10.06 23.36
C ARG B 107 10.05 11.30 23.01
N LEU B 108 11.38 11.20 23.06
CA LEU B 108 12.26 12.31 22.71
C LEU B 108 12.06 12.74 21.27
N LEU B 109 12.01 11.76 20.35
CA LEU B 109 11.83 12.03 18.92
C LEU B 109 10.49 12.66 18.61
N GLN B 110 9.44 12.20 19.29
CA GLN B 110 8.09 12.70 19.11
C GLN B 110 8.02 14.15 19.57
N GLU B 111 8.59 14.43 20.75
CA GLU B 111 8.60 15.78 21.31
C GLU B 111 9.39 16.72 20.39
N THR B 112 10.56 16.25 19.90
CA THR B 112 11.40 17.05 19.00
C THR B 112 10.58 17.49 17.78
N SER B 113 9.81 16.56 17.21
CA SER B 113 8.97 16.86 16.06
C SER B 113 7.98 17.95 16.44
N GLU B 114 7.28 17.77 17.57
CA GLU B 114 6.30 18.72 18.07
C GLU B 114 6.91 20.11 18.27
N GLN B 115 8.11 20.18 18.87
CA GLN B 115 8.80 21.44 19.13
C GLN B 115 9.17 22.15 17.84
N LEU B 116 9.54 21.39 16.80
CA LEU B 116 9.88 21.98 15.52
C LEU B 116 8.65 22.59 14.88
N VAL B 117 7.50 21.90 15.01
CA VAL B 117 6.24 22.36 14.45
C VAL B 117 5.82 23.66 15.09
N ALA B 118 5.82 23.73 16.43
CA ALA B 118 5.41 24.92 17.18
C ALA B 118 6.36 26.09 16.93
N LEU B 119 7.65 25.79 16.73
CA LEU B 119 8.68 26.79 16.53
C LEU B 119 8.75 27.32 15.10
N LYS B 120 8.31 26.50 14.14
CA LYS B 120 8.38 26.83 12.70
C LYS B 120 7.78 28.21 12.35
N PRO B 121 6.58 28.59 12.85
CA PRO B 121 6.03 29.90 12.46
C PRO B 121 6.68 31.11 13.15
N TRP B 122 7.52 30.89 14.17
CA TRP B 122 8.08 31.99 14.93
C TRP B 122 9.60 32.09 14.90
N ILE B 123 10.31 31.04 14.49
CA ILE B 123 11.77 31.00 14.48
C ILE B 123 12.47 32.26 13.88
N THR B 124 11.82 32.92 12.91
CA THR B 124 12.44 34.07 12.24
C THR B 124 11.87 35.41 12.67
N ARG B 125 10.79 35.40 13.47
CA ARG B 125 10.14 36.63 13.92
C ARG B 125 10.60 37.05 15.33
N GLN B 126 11.13 36.12 16.11
CA GLN B 126 11.52 36.42 17.48
C GLN B 126 13.02 36.57 17.66
N ASN B 127 13.35 37.32 18.69
CA ASN B 127 14.69 37.53 19.23
C ASN B 127 14.81 36.54 20.39
N PHE B 128 15.72 35.57 20.26
CA PHE B 128 15.84 34.51 21.25
C PHE B 128 17.03 34.68 22.13
N SER B 129 17.51 35.92 22.25
CA SER B 129 18.66 36.25 23.07
C SER B 129 18.49 35.83 24.53
N ARG B 130 17.28 35.92 25.09
CA ARG B 130 17.07 35.57 26.50
C ARG B 130 16.87 34.06 26.73
N CYS B 131 16.90 33.26 25.66
CA CYS B 131 16.74 31.82 25.75
C CYS B 131 18.06 31.14 26.04
N LEU B 132 19.16 31.89 25.89
CA LEU B 132 20.52 31.37 26.05
C LEU B 132 20.79 30.85 27.45
N GLU B 133 20.03 31.32 28.45
CA GLU B 133 20.13 30.82 29.81
C GLU B 133 18.92 29.98 30.09
N LEU B 134 19.12 28.66 30.23
CA LEU B 134 18.02 27.72 30.51
C LEU B 134 17.54 27.97 31.92
N GLN B 135 16.22 27.99 32.11
CA GLN B 135 15.67 28.28 33.43
C GLN B 135 14.80 27.15 33.99
N CYS B 136 14.77 27.02 35.33
CA CYS B 136 13.98 26.00 36.06
C CYS B 136 12.72 26.65 36.67
N GLN B 137 11.52 26.00 36.66
CA GLN B 137 10.26 26.64 37.15
C GLN B 137 10.13 26.62 38.67
N SER C 2 2.19 15.57 25.40
CA SER C 2 3.15 16.54 24.88
C SER C 2 4.45 16.51 25.67
N HIS C 3 4.41 16.87 26.99
CA HIS C 3 5.61 16.95 27.85
C HIS C 3 5.46 16.36 29.26
N MET C 4 6.62 15.99 29.87
CA MET C 4 6.75 15.48 31.24
C MET C 4 7.19 16.64 32.15
N THR C 5 6.58 16.76 33.38
CA THR C 5 6.88 17.85 34.35
C THR C 5 7.33 17.34 35.74
N GLN C 6 8.21 18.13 36.43
CA GLN C 6 8.73 17.86 37.79
C GLN C 6 7.61 18.05 38.81
N ASP C 7 6.65 18.94 38.49
CA ASP C 7 5.42 19.10 39.26
C ASP C 7 4.45 18.09 38.70
N CYS C 8 3.36 17.83 39.40
CA CYS C 8 2.40 16.84 38.96
C CYS C 8 1.06 17.13 39.56
N SER C 9 0.14 17.62 38.77
CA SER C 9 -1.21 17.94 39.21
C SER C 9 -2.10 17.99 38.01
N PHE C 10 -3.40 17.79 38.21
CA PHE C 10 -4.34 17.78 37.10
C PHE C 10 -5.45 18.77 37.37
N GLN C 11 -5.66 19.72 36.44
CA GLN C 11 -6.68 20.77 36.52
C GLN C 11 -8.08 20.18 36.31
N HIS C 12 -8.25 19.35 35.26
CA HIS C 12 -9.51 18.69 34.94
C HIS C 12 -9.33 17.17 35.07
N SER C 13 -10.41 16.46 35.51
CA SER C 13 -10.44 15.02 35.80
C SER C 13 -9.96 14.13 34.62
N PRO C 14 -8.76 13.52 34.75
CA PRO C 14 -8.27 12.63 33.68
C PRO C 14 -8.82 11.22 33.80
N ILE C 15 -9.58 10.96 34.89
CA ILE C 15 -10.23 9.67 35.14
C ILE C 15 -11.66 9.80 34.64
N SER C 16 -11.99 8.96 33.66
CA SER C 16 -13.32 8.95 33.06
C SER C 16 -14.31 8.31 34.01
N SER C 17 -15.60 8.44 33.71
CA SER C 17 -16.65 7.81 34.50
C SER C 17 -16.83 6.35 34.05
N ASP C 18 -16.69 6.09 32.74
CA ASP C 18 -16.92 4.78 32.16
C ASP C 18 -15.62 3.99 31.95
N PHE C 19 -14.66 4.09 32.89
CA PHE C 19 -13.39 3.37 32.80
C PHE C 19 -13.57 1.91 33.21
N ALA C 20 -14.52 1.66 34.11
CA ALA C 20 -14.81 0.33 34.63
C ALA C 20 -15.40 -0.53 33.53
N VAL C 21 -15.93 0.12 32.49
CA VAL C 21 -16.53 -0.56 31.35
C VAL C 21 -15.47 -1.08 30.43
N LYS C 22 -14.46 -0.24 30.14
CA LYS C 22 -13.35 -0.59 29.27
C LYS C 22 -12.52 -1.71 29.86
N ILE C 23 -12.54 -1.87 31.19
CA ILE C 23 -11.77 -2.89 31.86
C ILE C 23 -12.54 -4.21 31.86
N ARG C 24 -13.88 -4.13 31.94
CA ARG C 24 -14.73 -5.31 31.92
C ARG C 24 -14.74 -5.86 30.52
N GLU C 25 -14.57 -4.97 29.53
CA GLU C 25 -14.53 -5.34 28.13
C GLU C 25 -13.22 -6.02 27.78
N LEU C 26 -12.11 -5.53 28.35
CA LEU C 26 -10.81 -6.15 28.13
C LEU C 26 -10.78 -7.51 28.78
N SER C 27 -11.25 -7.58 30.03
CA SER C 27 -11.31 -8.81 30.80
C SER C 27 -12.14 -9.89 30.11
N ASP C 28 -13.13 -9.48 29.31
CA ASP C 28 -14.00 -10.41 28.58
C ASP C 28 -13.29 -11.16 27.46
N TYR C 29 -12.08 -10.72 27.08
CA TYR C 29 -11.30 -11.37 26.03
C TYR C 29 -9.94 -11.82 26.56
N LEU C 30 -9.77 -11.78 27.87
CA LEU C 30 -8.51 -12.15 28.48
C LEU C 30 -8.52 -13.51 29.09
N LEU C 31 -7.33 -14.12 29.03
CA LEU C 31 -6.97 -15.33 29.72
C LEU C 31 -6.50 -14.85 31.08
N GLN C 32 -7.39 -14.90 32.06
CA GLN C 32 -7.27 -14.35 33.42
C GLN C 32 -5.96 -14.66 34.20
N ASP C 33 -5.30 -15.80 33.95
CA ASP C 33 -4.10 -16.07 34.73
C ASP C 33 -2.80 -15.78 33.94
N TYR C 34 -2.89 -14.90 32.91
CA TYR C 34 -1.72 -14.47 32.17
C TYR C 34 -0.79 -13.83 33.18
N PRO C 35 0.49 -14.19 33.21
CA PRO C 35 1.36 -13.61 34.24
C PRO C 35 1.86 -12.20 33.98
N VAL C 36 1.53 -11.30 34.91
CA VAL C 36 1.98 -9.91 34.95
C VAL C 36 2.70 -9.78 36.28
N THR C 37 3.10 -8.56 36.66
CA THR C 37 3.75 -8.33 37.96
C THR C 37 3.15 -7.13 38.64
N VAL C 38 3.36 -7.04 39.94
CA VAL C 38 2.92 -5.94 40.79
C VAL C 38 4.03 -5.68 41.75
N ALA C 39 4.23 -4.43 42.18
CA ALA C 39 5.27 -4.18 43.17
C ALA C 39 4.81 -4.83 44.48
N SER C 40 5.72 -5.56 45.13
CA SER C 40 5.39 -6.26 46.37
C SER C 40 5.66 -5.41 47.61
N ASN C 41 6.64 -4.48 47.54
CA ASN C 41 7.01 -3.66 48.70
C ASN C 41 6.88 -2.15 48.47
N LEU C 42 5.72 -1.69 47.97
CA LEU C 42 5.52 -0.25 47.79
C LEU C 42 5.18 0.35 49.13
N GLN C 43 5.92 1.40 49.52
CA GLN C 43 5.71 2.10 50.78
C GLN C 43 4.25 2.50 50.91
N ASP C 44 3.70 2.41 52.12
CA ASP C 44 2.33 2.80 52.36
C ASP C 44 2.27 4.31 52.38
N GLU C 45 1.64 4.90 51.35
CA GLU C 45 1.51 6.33 51.17
C GLU C 45 0.14 6.63 50.59
N GLU C 46 -0.87 6.87 51.45
CA GLU C 46 -2.26 7.11 51.07
C GLU C 46 -2.50 8.21 49.99
N LEU C 47 -1.44 8.90 49.53
CA LEU C 47 -1.56 9.93 48.51
C LEU C 47 -0.94 9.47 47.18
N CYS C 48 0.22 8.81 47.24
CA CYS C 48 0.94 8.37 46.05
C CYS C 48 0.69 6.90 45.70
N GLY C 49 0.31 6.10 46.69
CA GLY C 49 0.06 4.67 46.55
C GLY C 49 -0.58 4.16 45.27
N GLY C 50 -1.84 4.52 45.07
CA GLY C 50 -2.59 4.12 43.89
C GLY C 50 -1.96 4.62 42.60
N LEU C 51 -1.41 5.84 42.67
CA LEU C 51 -0.73 6.50 41.57
C LEU C 51 0.51 5.74 41.15
N TRP C 52 1.29 5.22 42.12
CA TRP C 52 2.50 4.44 41.85
C TRP C 52 2.15 3.15 41.10
N ARG C 53 1.11 2.47 41.58
CA ARG C 53 0.65 1.22 40.98
C ARG C 53 0.04 1.45 39.61
N LEU C 54 -0.65 2.60 39.41
CA LEU C 54 -1.25 2.92 38.12
C LEU C 54 -0.14 3.15 37.11
N VAL C 55 0.95 3.78 37.55
CA VAL C 55 2.11 4.04 36.71
C VAL C 55 2.68 2.71 36.27
N LEU C 56 2.76 1.76 37.22
CA LEU C 56 3.27 0.41 36.98
C LEU C 56 2.33 -0.38 36.09
N ALA C 57 1.03 -0.31 36.40
CA ALA C 57 -0.01 -0.98 35.62
C ALA C 57 0.03 -0.42 34.21
N GLN C 58 0.23 0.90 34.10
CA GLN C 58 0.32 1.59 32.82
C GLN C 58 1.48 1.07 32.04
N ARG C 59 2.63 0.87 32.70
CA ARG C 59 3.82 0.33 32.03
C ARG C 59 3.51 -1.07 31.48
N TRP C 60 2.60 -1.79 32.15
CA TRP C 60 2.24 -3.13 31.72
C TRP C 60 1.32 -3.11 30.52
N MET C 61 0.44 -2.10 30.39
CA MET C 61 -0.47 -1.99 29.25
C MET C 61 0.28 -1.81 27.95
N GLU C 62 1.44 -1.17 28.03
CA GLU C 62 2.31 -0.92 26.89
C GLU C 62 3.00 -2.19 26.46
N ARG C 63 3.60 -2.92 27.43
CA ARG C 63 4.28 -4.18 27.20
C ARG C 63 3.33 -5.18 26.59
N LEU C 64 2.09 -5.22 27.09
CA LEU C 64 1.06 -6.13 26.62
C LEU C 64 0.61 -5.84 25.20
N LYS C 65 0.54 -4.56 24.82
CA LYS C 65 0.11 -4.18 23.48
C LYS C 65 1.02 -4.76 22.41
N THR C 66 2.33 -4.87 22.71
CA THR C 66 3.34 -5.36 21.78
C THR C 66 3.21 -6.85 21.46
N VAL C 67 2.61 -7.62 22.36
CA VAL C 67 2.47 -9.06 22.14
C VAL C 67 1.01 -9.42 22.00
N ALA C 68 0.16 -8.42 21.75
CA ALA C 68 -1.28 -8.62 21.60
C ALA C 68 -1.66 -8.69 20.14
N GLY C 69 -2.72 -9.45 19.86
CA GLY C 69 -3.23 -9.59 18.51
C GLY C 69 -3.92 -8.30 18.08
N SER C 70 -4.09 -8.13 16.76
CA SER C 70 -4.71 -6.93 16.20
C SER C 70 -5.92 -6.42 17.00
N LYS C 71 -6.86 -7.28 17.36
CA LYS C 71 -8.05 -6.87 18.07
C LYS C 71 -7.85 -6.76 19.59
N MET C 72 -6.89 -7.51 20.18
CA MET C 72 -6.60 -7.41 21.62
C MET C 72 -5.88 -6.09 21.87
N GLN C 73 -5.16 -5.62 20.86
CA GLN C 73 -4.43 -4.36 20.91
C GLN C 73 -5.38 -3.21 21.15
N GLY C 74 -6.57 -3.27 20.58
CA GLY C 74 -7.59 -2.24 20.73
C GLY C 74 -8.16 -2.21 22.14
N LEU C 75 -8.39 -3.37 22.74
CA LEU C 75 -8.92 -3.48 24.08
C LEU C 75 -7.90 -3.02 25.11
N LEU C 76 -6.61 -3.35 24.88
CA LEU C 76 -5.52 -2.93 25.75
C LEU C 76 -5.35 -1.44 25.66
N GLU C 77 -5.23 -0.93 24.43
CA GLU C 77 -5.08 0.49 24.17
C GLU C 77 -6.19 1.29 24.80
N ARG C 78 -7.43 0.79 24.73
CA ARG C 78 -8.59 1.47 25.29
C ARG C 78 -8.55 1.53 26.81
N VAL C 79 -7.86 0.58 27.44
CA VAL C 79 -7.71 0.56 28.89
C VAL C 79 -6.50 1.40 29.20
N ASN C 80 -5.56 1.41 28.26
CA ASN C 80 -4.34 2.20 28.37
C ASN C 80 -4.68 3.67 28.42
N THR C 81 -5.65 4.12 27.58
CA THR C 81 -6.10 5.50 27.51
C THR C 81 -6.68 5.99 28.85
N GLU C 82 -7.37 5.09 29.58
CA GLU C 82 -8.01 5.38 30.87
C GLU C 82 -7.01 5.71 31.94
N ILE C 83 -5.77 5.25 31.79
CA ILE C 83 -4.72 5.43 32.79
C ILE C 83 -3.44 6.03 32.20
N HIS C 84 -3.48 6.49 30.94
CA HIS C 84 -2.28 7.05 30.29
C HIS C 84 -1.89 8.41 30.84
N PHE C 85 -2.81 9.08 31.53
CA PHE C 85 -2.52 10.40 32.08
C PHE C 85 -1.32 10.41 33.05
N VAL C 86 -1.00 9.26 33.67
CA VAL C 86 0.12 9.15 34.61
C VAL C 86 1.46 9.51 33.96
N THR C 87 1.52 9.46 32.63
CA THR C 87 2.74 9.78 31.91
C THR C 87 2.85 11.27 31.66
N LYS C 88 1.83 12.04 32.04
CA LYS C 88 1.84 13.49 31.93
C LYS C 88 2.85 14.03 32.93
N CYS C 89 3.20 13.19 33.92
CA CYS C 89 4.13 13.49 34.99
C CYS C 89 5.44 12.71 34.84
N ALA C 90 6.56 13.41 35.11
CA ALA C 90 7.90 12.85 35.02
C ALA C 90 8.23 11.93 36.19
N PHE C 91 7.54 10.77 36.24
CA PHE C 91 7.78 9.75 37.26
C PHE C 91 9.17 9.16 37.09
N GLN C 92 9.96 9.12 38.16
CA GLN C 92 11.31 8.59 38.10
C GLN C 92 11.29 7.07 37.96
N PRO C 93 12.34 6.47 37.33
CA PRO C 93 12.35 5.00 37.20
C PRO C 93 12.31 4.31 38.56
N PRO C 94 11.70 3.10 38.64
CA PRO C 94 11.63 2.39 39.94
C PRO C 94 12.98 2.26 40.65
N PRO C 95 12.96 2.41 42.01
CA PRO C 95 14.20 2.31 42.78
C PRO C 95 14.69 0.86 42.86
N SER C 96 15.96 0.67 43.18
CA SER C 96 16.58 -0.64 43.31
C SER C 96 15.90 -1.51 44.37
N CYS C 97 15.35 -0.86 45.41
CA CYS C 97 14.70 -1.52 46.53
C CYS C 97 13.36 -2.16 46.16
N LEU C 98 12.75 -1.72 45.05
CA LEU C 98 11.44 -2.19 44.64
C LEU C 98 11.45 -3.62 44.11
N ARG C 99 10.73 -4.49 44.81
CA ARG C 99 10.60 -5.89 44.46
C ARG C 99 9.28 -6.12 43.75
N PHE C 100 9.31 -6.93 42.68
CA PHE C 100 8.11 -7.25 41.92
C PHE C 100 7.73 -8.70 42.15
N VAL C 101 6.42 -8.99 42.13
CA VAL C 101 5.90 -10.33 42.32
C VAL C 101 4.90 -10.69 41.21
N GLN C 102 5.01 -11.92 40.68
CA GLN C 102 4.13 -12.42 39.62
C GLN C 102 2.69 -12.56 40.08
N THR C 103 1.76 -12.01 39.32
CA THR C 103 0.33 -12.08 39.60
C THR C 103 -0.47 -12.20 38.30
N ASN C 104 -1.73 -12.67 38.42
CA ASN C 104 -2.63 -12.80 37.28
C ASN C 104 -3.01 -11.44 36.75
N ILE C 105 -3.14 -11.34 35.42
CA ILE C 105 -3.53 -10.09 34.77
C ILE C 105 -4.91 -9.66 35.25
N SER C 106 -5.72 -10.63 35.70
CA SER C 106 -7.04 -10.36 36.23
C SER C 106 -6.89 -9.60 37.52
N ARG C 107 -5.84 -9.92 38.30
CA ARG C 107 -5.55 -9.26 39.56
C ARG C 107 -5.11 -7.84 39.30
N LEU C 108 -4.23 -7.66 38.30
CA LEU C 108 -3.72 -6.35 37.91
C LEU C 108 -4.85 -5.45 37.43
N LEU C 109 -5.75 -6.01 36.60
CA LEU C 109 -6.89 -5.25 36.06
C LEU C 109 -7.86 -4.83 37.15
N GLN C 110 -8.10 -5.72 38.10
CA GLN C 110 -9.01 -5.47 39.20
C GLN C 110 -8.47 -4.36 40.08
N GLU C 111 -7.17 -4.43 40.42
CA GLU C 111 -6.53 -3.43 41.26
C GLU C 111 -6.51 -2.08 40.57
N THR C 112 -6.22 -2.07 39.26
CA THR C 112 -6.20 -0.85 38.47
C THR C 112 -7.56 -0.15 38.58
N SER C 113 -8.65 -0.93 38.47
CA SER C 113 -10.00 -0.38 38.58
C SER C 113 -10.17 0.25 39.95
N GLU C 114 -9.80 -0.48 41.01
CA GLU C 114 -9.89 -0.02 42.38
C GLU C 114 -9.12 1.29 42.60
N GLN C 115 -7.89 1.35 42.08
CA GLN C 115 -7.03 2.53 42.21
C GLN C 115 -7.63 3.73 41.54
N LEU C 116 -8.31 3.52 40.39
CA LEU C 116 -8.94 4.61 39.69
C LEU C 116 -10.11 5.14 40.50
N VAL C 117 -10.88 4.24 41.13
CA VAL C 117 -12.03 4.60 41.95
C VAL C 117 -11.60 5.45 43.12
N ALA C 118 -10.59 4.99 43.88
CA ALA C 118 -10.09 5.70 45.06
C ALA C 118 -9.44 7.04 44.69
N LEU C 119 -8.82 7.10 43.51
CA LEU C 119 -8.12 8.28 43.04
C LEU C 119 -9.06 9.33 42.41
N LYS C 120 -10.21 8.89 41.88
CA LYS C 120 -11.20 9.72 41.19
C LYS C 120 -11.60 10.98 41.99
N PRO C 121 -11.92 10.90 43.31
CA PRO C 121 -12.32 12.12 44.01
C PRO C 121 -11.17 13.08 44.36
N TRP C 122 -9.90 12.62 44.27
CA TRP C 122 -8.77 13.44 44.69
C TRP C 122 -7.81 13.87 43.58
N ILE C 123 -7.87 13.24 42.40
CA ILE C 123 -6.96 13.52 41.29
C ILE C 123 -6.75 15.02 40.95
N THR C 124 -7.76 15.87 41.17
CA THR C 124 -7.67 17.28 40.81
C THR C 124 -7.46 18.21 42.01
N ARG C 125 -7.55 17.67 43.24
CA ARG C 125 -7.42 18.45 44.46
C ARG C 125 -6.01 18.39 45.06
N GLN C 126 -5.25 17.35 44.71
CA GLN C 126 -3.92 17.17 45.27
C GLN C 126 -2.80 17.54 44.33
N ASN C 127 -1.68 17.89 44.95
CA ASN C 127 -0.40 18.16 44.33
C ASN C 127 0.38 16.86 44.47
N PHE C 128 0.68 16.23 43.35
CA PHE C 128 1.33 14.92 43.36
C PHE C 128 2.81 14.98 43.02
N SER C 129 3.42 16.16 43.20
CA SER C 129 4.83 16.38 42.90
C SER C 129 5.75 15.43 43.66
N ARG C 130 5.40 15.04 44.90
CA ARG C 130 6.26 14.14 45.68
C ARG C 130 6.06 12.64 45.34
N CYS C 131 5.13 12.33 44.43
CA CYS C 131 4.83 10.95 44.03
C CYS C 131 5.77 10.50 42.92
N LEU C 132 6.48 11.46 42.32
CA LEU C 132 7.38 11.21 41.20
C LEU C 132 8.51 10.26 41.55
N GLU C 133 8.85 10.14 42.84
CA GLU C 133 9.85 9.19 43.28
C GLU C 133 9.14 8.08 44.01
N LEU C 134 9.14 6.89 43.40
CA LEU C 134 8.51 5.70 44.00
C LEU C 134 9.31 5.29 45.22
N GLN C 135 8.63 4.96 46.32
CA GLN C 135 9.33 4.61 47.56
C GLN C 135 8.99 3.20 48.05
N CYS C 136 9.96 2.56 48.74
CA CYS C 136 9.82 1.19 49.26
C CYS C 136 9.57 1.20 50.77
N GLN D 6 -13.13 -50.10 17.86
CA GLN D 6 -13.99 -48.92 17.84
C GLN D 6 -14.01 -48.24 16.46
N ASP D 7 -12.89 -48.36 15.68
CA ASP D 7 -12.63 -47.81 14.33
C ASP D 7 -12.67 -46.27 14.33
N CYS D 8 -12.17 -45.66 13.23
CA CYS D 8 -12.11 -44.21 13.08
C CYS D 8 -11.98 -43.83 11.64
N SER D 9 -13.04 -43.28 11.08
CA SER D 9 -13.07 -42.83 9.69
C SER D 9 -14.20 -41.85 9.55
N PHE D 10 -14.12 -40.99 8.53
CA PHE D 10 -15.14 -39.97 8.32
C PHE D 10 -15.67 -40.08 6.90
N GLN D 11 -17.01 -40.26 6.77
CA GLN D 11 -17.71 -40.39 5.49
C GLN D 11 -17.75 -39.02 4.74
N HIS D 12 -18.21 -37.96 5.45
CA HIS D 12 -18.27 -36.59 4.92
C HIS D 12 -17.19 -35.76 5.62
N SER D 13 -16.56 -34.82 4.89
CA SER D 13 -15.47 -33.96 5.35
C SER D 13 -15.81 -33.14 6.62
N PRO D 14 -15.18 -33.49 7.77
CA PRO D 14 -15.45 -32.72 9.02
C PRO D 14 -14.59 -31.45 9.12
N ILE D 15 -13.68 -31.24 8.14
CA ILE D 15 -12.79 -30.09 8.05
C ILE D 15 -13.47 -29.07 7.17
N SER D 16 -13.86 -27.93 7.75
CA SER D 16 -14.54 -26.85 7.03
C SER D 16 -13.55 -26.16 6.08
N SER D 17 -14.07 -25.37 5.11
CA SER D 17 -13.23 -24.63 4.18
C SER D 17 -12.73 -23.32 4.80
N ASP D 18 -13.60 -22.69 5.64
CA ASP D 18 -13.35 -21.41 6.31
C ASP D 18 -12.89 -21.57 7.76
N PHE D 19 -12.06 -22.60 8.04
CA PHE D 19 -11.52 -22.84 9.38
C PHE D 19 -10.37 -21.89 9.66
N ALA D 20 -9.64 -21.49 8.61
CA ALA D 20 -8.49 -20.60 8.70
C ALA D 20 -8.94 -19.22 9.13
N VAL D 21 -10.22 -18.93 8.94
CA VAL D 21 -10.84 -17.66 9.29
C VAL D 21 -11.07 -17.60 10.78
N LYS D 22 -11.64 -18.69 11.34
CA LYS D 22 -11.96 -18.77 12.76
C LYS D 22 -10.70 -18.74 13.60
N ILE D 23 -9.56 -19.13 13.02
CA ILE D 23 -8.28 -19.17 13.73
C ILE D 23 -7.61 -17.79 13.70
N ARG D 24 -7.79 -17.07 12.58
CA ARG D 24 -7.24 -15.73 12.44
C ARG D 24 -8.04 -14.80 13.33
N GLU D 25 -9.33 -15.11 13.52
CA GLU D 25 -10.20 -14.31 14.35
C GLU D 25 -9.90 -14.53 15.83
N LEU D 26 -9.55 -15.76 16.21
CA LEU D 26 -9.18 -16.07 17.59
C LEU D 26 -7.86 -15.39 17.89
N SER D 27 -6.92 -15.53 16.96
CA SER D 27 -5.60 -14.95 17.11
C SER D 27 -5.65 -13.42 17.23
N ASP D 28 -6.67 -12.78 16.66
CA ASP D 28 -6.80 -11.33 16.73
C ASP D 28 -7.12 -10.82 18.14
N TYR D 29 -7.54 -11.71 19.04
CA TYR D 29 -7.86 -11.32 20.41
C TYR D 29 -6.97 -12.04 21.39
N LEU D 30 -5.93 -12.69 20.90
CA LEU D 30 -5.03 -13.45 21.77
C LEU D 30 -3.75 -12.74 22.06
N LEU D 31 -3.24 -13.03 23.27
CA LEU D 31 -1.91 -12.67 23.74
C LEU D 31 -1.05 -13.81 23.25
N GLN D 32 -0.38 -13.62 22.10
CA GLN D 32 0.40 -14.60 21.33
C GLN D 32 1.38 -15.48 22.11
N ASP D 33 1.94 -15.04 23.24
CA ASP D 33 2.90 -15.91 23.91
C ASP D 33 2.33 -16.58 25.15
N TYR D 34 0.99 -16.71 25.19
CA TYR D 34 0.33 -17.42 26.29
C TYR D 34 0.88 -18.83 26.28
N PRO D 35 1.31 -19.37 27.42
CA PRO D 35 1.93 -20.71 27.37
C PRO D 35 0.94 -21.89 27.28
N VAL D 36 1.11 -22.67 26.22
CA VAL D 36 0.39 -23.92 25.96
C VAL D 36 1.48 -24.98 25.84
N THR D 37 1.14 -26.21 25.47
CA THR D 37 2.13 -27.27 25.26
C THR D 37 1.88 -28.01 23.97
N VAL D 38 2.89 -28.71 23.49
CA VAL D 38 2.82 -29.52 22.29
C VAL D 38 3.59 -30.76 22.59
N ALA D 39 3.22 -31.90 22.01
CA ALA D 39 4.03 -33.09 22.27
C ALA D 39 5.38 -32.89 21.59
N SER D 40 6.47 -33.20 22.31
CA SER D 40 7.82 -33.00 21.78
C SER D 40 8.33 -34.22 21.05
N ASN D 41 7.89 -35.42 21.44
CA ASN D 41 8.39 -36.65 20.82
C ASN D 41 7.29 -37.54 20.18
N LEU D 42 6.46 -36.96 19.32
CA LEU D 42 5.46 -37.77 18.63
C LEU D 42 6.12 -38.48 17.48
N GLN D 43 5.92 -39.80 17.41
CA GLN D 43 6.47 -40.64 16.36
C GLN D 43 6.11 -40.08 15.01
N ASP D 44 7.05 -40.14 14.06
CA ASP D 44 6.80 -39.67 12.72
C ASP D 44 5.92 -40.69 12.01
N GLU D 45 4.65 -40.32 11.76
CA GLU D 45 3.65 -41.16 11.12
C GLU D 45 2.81 -40.31 10.20
N GLU D 46 3.20 -40.19 8.91
CA GLU D 46 2.52 -39.34 7.91
C GLU D 46 0.98 -39.55 7.78
N LEU D 47 0.41 -40.51 8.52
CA LEU D 47 -1.03 -40.77 8.49
C LEU D 47 -1.72 -40.31 9.77
N CYS D 48 -1.09 -40.56 10.92
CA CYS D 48 -1.67 -40.22 12.22
C CYS D 48 -1.14 -38.92 12.81
N GLY D 49 0.06 -38.53 12.41
CA GLY D 49 0.75 -37.34 12.89
C GLY D 49 -0.07 -36.11 13.21
N GLY D 50 -0.63 -35.49 12.18
CA GLY D 50 -1.45 -34.29 12.32
C GLY D 50 -2.67 -34.53 13.19
N LEU D 51 -3.24 -35.74 13.07
CA LEU D 51 -4.40 -36.18 13.81
C LEU D 51 -4.10 -36.25 15.31
N TRP D 52 -2.92 -36.74 15.67
CA TRP D 52 -2.51 -36.84 17.06
C TRP D 52 -2.40 -35.46 17.69
N ARG D 53 -1.77 -34.54 16.96
CA ARG D 53 -1.57 -33.17 17.41
C ARG D 53 -2.89 -32.40 17.45
N LEU D 54 -3.84 -32.69 16.53
CA LEU D 54 -5.15 -32.05 16.53
C LEU D 54 -5.92 -32.49 17.75
N VAL D 55 -5.75 -33.76 18.14
CA VAL D 55 -6.40 -34.32 19.33
C VAL D 55 -5.87 -33.57 20.55
N LEU D 56 -4.56 -33.35 20.57
CA LEU D 56 -3.90 -32.65 21.67
C LEU D 56 -4.28 -31.17 21.67
N ALA D 57 -4.27 -30.54 20.49
CA ALA D 57 -4.65 -29.14 20.32
C ALA D 57 -6.07 -28.98 20.75
N GLN D 58 -6.90 -29.98 20.40
CA GLN D 58 -8.30 -30.01 20.77
C GLN D 58 -8.43 -30.04 22.27
N ARG D 59 -7.62 -30.86 22.96
CA ARG D 59 -7.66 -30.96 24.40
C ARG D 59 -7.32 -29.60 25.01
N TRP D 60 -6.51 -28.81 24.31
CA TRP D 60 -6.12 -27.50 24.78
C TRP D 60 -7.23 -26.46 24.63
N MET D 61 -8.06 -26.57 23.59
CA MET D 61 -9.16 -25.65 23.35
C MET D 61 -10.18 -25.71 24.46
N GLU D 62 -10.32 -26.89 25.07
CA GLU D 62 -11.24 -27.15 26.17
C GLU D 62 -10.72 -26.52 27.43
N ARG D 63 -9.44 -26.76 27.73
CA ARG D 63 -8.77 -26.22 28.92
C ARG D 63 -8.81 -24.70 28.88
N LEU D 64 -8.59 -24.12 27.70
CA LEU D 64 -8.57 -22.68 27.51
C LEU D 64 -9.94 -22.05 27.72
N LYS D 65 -11.02 -22.73 27.30
CA LYS D 65 -12.37 -22.21 27.43
C LYS D 65 -12.73 -21.96 28.88
N THR D 66 -12.22 -22.78 29.80
CA THR D 66 -12.52 -22.69 31.23
C THR D 66 -11.92 -21.45 31.91
N VAL D 67 -10.83 -20.91 31.37
CA VAL D 67 -10.17 -19.76 31.96
C VAL D 67 -10.29 -18.55 31.05
N ALA D 68 -11.19 -18.63 30.06
CA ALA D 68 -11.42 -17.56 29.10
C ALA D 68 -12.58 -16.71 29.50
N GLY D 69 -12.52 -15.45 29.13
CA GLY D 69 -13.61 -14.53 29.41
C GLY D 69 -14.81 -14.84 28.54
N SER D 70 -15.97 -14.32 28.94
CA SER D 70 -17.24 -14.52 28.22
C SER D 70 -17.08 -14.46 26.68
N LYS D 71 -16.40 -13.42 26.17
CA LYS D 71 -16.26 -13.25 24.74
C LYS D 71 -15.12 -14.07 24.12
N MET D 72 -14.06 -14.36 24.88
CA MET D 72 -12.95 -15.18 24.40
C MET D 72 -13.42 -16.62 24.31
N GLN D 73 -14.38 -16.99 25.17
CA GLN D 73 -14.96 -18.31 25.20
C GLN D 73 -15.58 -18.65 23.83
N GLY D 74 -16.21 -17.64 23.19
CA GLY D 74 -16.85 -17.79 21.90
C GLY D 74 -15.85 -18.05 20.79
N LEU D 75 -14.71 -17.35 20.84
CA LEU D 75 -13.66 -17.47 19.83
C LEU D 75 -12.97 -18.81 19.96
N LEU D 76 -12.78 -19.28 21.20
CA LEU D 76 -12.15 -20.57 21.47
C LEU D 76 -13.07 -21.65 21.02
N GLU D 77 -14.33 -21.58 21.48
CA GLU D 77 -15.35 -22.55 21.13
C GLU D 77 -15.49 -22.68 19.62
N ARG D 78 -15.45 -21.55 18.92
CA ARG D 78 -15.60 -21.54 17.46
C ARG D 78 -14.41 -22.18 16.75
N VAL D 79 -13.25 -22.20 17.39
CA VAL D 79 -12.07 -22.85 16.84
C VAL D 79 -12.13 -24.28 17.27
N ASN D 80 -12.73 -24.50 18.43
CA ASN D 80 -12.91 -25.82 18.99
C ASN D 80 -13.80 -26.65 18.07
N THR D 81 -14.86 -26.03 17.54
CA THR D 81 -15.81 -26.69 16.64
C THR D 81 -15.13 -27.16 15.36
N GLU D 82 -14.16 -26.40 14.85
CA GLU D 82 -13.45 -26.72 13.61
C GLU D 82 -12.62 -28.00 13.76
N ILE D 83 -12.26 -28.39 15.00
CA ILE D 83 -11.40 -29.56 15.25
C ILE D 83 -12.01 -30.51 16.25
N HIS D 84 -13.27 -30.32 16.65
CA HIS D 84 -13.90 -31.17 17.64
C HIS D 84 -14.21 -32.55 17.12
N PHE D 85 -14.21 -32.73 15.80
CA PHE D 85 -14.52 -34.02 15.20
C PHE D 85 -13.58 -35.14 15.68
N VAL D 86 -12.35 -34.79 16.11
CA VAL D 86 -11.36 -35.78 16.58
C VAL D 86 -11.89 -36.59 17.78
N THR D 87 -12.91 -36.07 18.47
CA THR D 87 -13.49 -36.74 19.63
C THR D 87 -14.55 -37.75 19.22
N LYS D 88 -14.88 -37.79 17.92
CA LYS D 88 -15.81 -38.76 17.38
C LYS D 88 -15.15 -40.14 17.43
N CYS D 89 -13.81 -40.16 17.60
CA CYS D 89 -13.00 -41.37 17.67
C CYS D 89 -12.45 -41.59 19.08
N ALA D 90 -12.46 -42.85 19.50
CA ALA D 90 -12.01 -43.28 20.82
C ALA D 90 -10.48 -43.27 20.93
N PHE D 91 -9.89 -42.07 20.90
CA PHE D 91 -8.45 -41.91 21.05
C PHE D 91 -8.04 -42.30 22.46
N GLN D 92 -7.01 -43.16 22.59
CA GLN D 92 -6.51 -43.61 23.88
C GLN D 92 -5.73 -42.50 24.58
N PRO D 93 -5.70 -42.48 25.94
CA PRO D 93 -4.94 -41.45 26.64
C PRO D 93 -3.46 -41.51 26.26
N PRO D 94 -2.76 -40.34 26.29
CA PRO D 94 -1.35 -40.32 25.91
C PRO D 94 -0.50 -41.36 26.67
N PRO D 95 0.47 -41.98 25.97
CA PRO D 95 1.36 -42.95 26.63
C PRO D 95 2.36 -42.26 27.57
N SER D 96 2.92 -43.01 28.51
CA SER D 96 3.87 -42.47 29.48
C SER D 96 5.12 -41.89 28.81
N CYS D 97 5.47 -42.39 27.62
CA CYS D 97 6.66 -41.98 26.87
C CYS D 97 6.51 -40.58 26.28
N LEU D 98 5.27 -40.08 26.15
CA LEU D 98 5.02 -38.80 25.52
C LEU D 98 5.44 -37.62 26.40
N ARG D 99 6.41 -36.85 25.89
CA ARG D 99 6.94 -35.66 26.53
C ARG D 99 6.30 -34.41 25.94
N PHE D 100 5.92 -33.45 26.80
CA PHE D 100 5.32 -32.21 26.34
C PHE D 100 6.27 -31.06 26.56
N VAL D 101 6.24 -30.05 25.66
CA VAL D 101 7.12 -28.89 25.72
C VAL D 101 6.27 -27.61 25.64
N GLN D 102 6.59 -26.62 26.48
CA GLN D 102 5.88 -25.35 26.53
C GLN D 102 6.12 -24.51 25.27
N THR D 103 5.03 -24.05 24.63
CA THR D 103 5.10 -23.25 23.41
C THR D 103 4.05 -22.17 23.44
N ASN D 104 4.21 -21.13 22.61
CA ASN D 104 3.24 -20.05 22.49
C ASN D 104 1.96 -20.53 21.88
N ILE D 105 0.83 -20.00 22.35
CA ILE D 105 -0.48 -20.37 21.83
C ILE D 105 -0.56 -20.01 20.35
N SER D 106 0.26 -19.05 19.91
CA SER D 106 0.33 -18.63 18.52
C SER D 106 0.93 -19.75 17.72
N ARG D 107 1.88 -20.48 18.33
CA ARG D 107 2.54 -21.61 17.70
C ARG D 107 1.56 -22.74 17.56
N LEU D 108 0.80 -23.02 18.63
CA LEU D 108 -0.19 -24.07 18.64
C LEU D 108 -1.27 -23.82 17.60
N LEU D 109 -1.76 -22.56 17.52
CA LEU D 109 -2.80 -22.17 16.57
C LEU D 109 -2.32 -22.29 15.13
N GLN D 110 -1.06 -21.91 14.89
CA GLN D 110 -0.46 -21.97 13.56
C GLN D 110 -0.35 -23.41 13.10
N GLU D 111 0.15 -24.28 13.98
CA GLU D 111 0.31 -25.69 13.69
C GLU D 111 -1.05 -26.33 13.43
N THR D 112 -2.04 -26.01 14.26
CA THR D 112 -3.40 -26.54 14.11
C THR D 112 -3.92 -26.23 12.71
N SER D 113 -3.71 -25.00 12.25
CA SER D 113 -4.14 -24.59 10.92
C SER D 113 -3.46 -25.47 9.90
N GLU D 114 -2.13 -25.60 10.02
CA GLU D 114 -1.33 -26.40 9.10
C GLU D 114 -1.81 -27.86 9.03
N GLN D 115 -2.09 -28.45 10.20
CA GLN D 115 -2.54 -29.83 10.31
C GLN D 115 -3.88 -30.02 9.64
N LEU D 116 -4.76 -29.02 9.74
CA LEU D 116 -6.07 -29.10 9.11
C LEU D 116 -5.91 -29.07 7.61
N VAL D 117 -4.98 -28.24 7.10
CA VAL D 117 -4.72 -28.10 5.68
C VAL D 117 -4.21 -29.40 5.11
N ALA D 118 -3.20 -29.99 5.75
CA ALA D 118 -2.60 -31.23 5.28
C ALA D 118 -3.58 -32.42 5.37
N LEU D 119 -4.44 -32.40 6.38
CA LEU D 119 -5.41 -33.46 6.63
C LEU D 119 -6.67 -33.36 5.76
N LYS D 120 -7.02 -32.14 5.30
CA LYS D 120 -8.21 -31.86 4.50
C LYS D 120 -8.36 -32.79 3.27
N PRO D 121 -7.32 -33.05 2.44
CA PRO D 121 -7.53 -33.91 1.28
C PRO D 121 -7.64 -35.41 1.60
N TRP D 122 -7.33 -35.82 2.83
CA TRP D 122 -7.31 -37.24 3.16
C TRP D 122 -8.26 -37.68 4.25
N ILE D 123 -8.84 -36.76 5.01
CA ILE D 123 -9.73 -37.07 6.13
C ILE D 123 -10.85 -38.10 5.82
N THR D 124 -11.32 -38.15 4.58
CA THR D 124 -12.44 -39.04 4.22
C THR D 124 -11.98 -40.28 3.41
N ARG D 125 -10.71 -40.32 2.99
CA ARG D 125 -10.17 -41.43 2.20
C ARG D 125 -9.39 -42.43 3.04
N GLN D 126 -9.01 -42.09 4.26
CA GLN D 126 -8.23 -43.02 5.07
C GLN D 126 -9.01 -43.60 6.22
N ASN D 127 -8.55 -44.77 6.65
CA ASN D 127 -9.00 -45.49 7.82
C ASN D 127 -8.03 -45.10 8.93
N PHE D 128 -8.52 -44.42 9.96
CA PHE D 128 -7.65 -43.91 11.02
C PHE D 128 -7.73 -44.72 12.30
N SER D 129 -8.17 -45.97 12.18
CA SER D 129 -8.32 -46.85 13.32
C SER D 129 -7.00 -47.06 14.10
N ARG D 130 -5.84 -47.07 13.42
CA ARG D 130 -4.56 -47.29 14.07
C ARG D 130 -3.98 -46.01 14.73
N CYS D 131 -4.67 -44.88 14.56
CA CYS D 131 -4.22 -43.59 15.10
C CYS D 131 -4.69 -43.43 16.53
N LEU D 132 -5.61 -44.30 16.96
CA LEU D 132 -6.21 -44.24 18.28
C LEU D 132 -5.20 -44.40 19.40
N GLU D 133 -4.07 -45.05 19.11
CA GLU D 133 -3.00 -45.16 20.08
C GLU D 133 -1.86 -44.25 19.67
N LEU D 134 -1.64 -43.20 20.47
CA LEU D 134 -0.58 -42.22 20.20
C LEU D 134 0.76 -42.91 20.42
N GLN D 135 1.71 -42.69 19.52
CA GLN D 135 3.02 -43.34 19.63
C GLN D 135 4.19 -42.35 19.74
N CYS D 136 5.27 -42.78 20.43
CA CYS D 136 6.48 -41.96 20.66
C CYS D 136 7.64 -42.37 19.76
N GLN D 137 8.52 -41.38 19.43
CA GLN D 137 9.70 -41.51 18.56
C GLN D 137 10.96 -41.83 19.35
N ALA E 56 43.76 8.26 -15.84
CA ALA E 56 45.20 8.53 -15.90
C ALA E 56 45.78 8.21 -17.28
N ALA E 57 45.17 7.22 -17.98
CA ALA E 57 45.58 6.77 -19.32
C ALA E 57 44.86 7.58 -20.39
N VAL E 58 45.64 8.24 -21.27
CA VAL E 58 45.14 9.10 -22.34
C VAL E 58 45.34 8.42 -23.71
N GLU E 59 44.28 8.40 -24.54
CA GLU E 59 44.30 7.83 -25.89
C GLU E 59 44.11 8.96 -26.90
N VAL E 60 45.18 9.32 -27.63
CA VAL E 60 45.16 10.42 -28.62
C VAL E 60 44.95 9.86 -30.03
N ASP E 61 43.84 10.23 -30.68
CA ASP E 61 43.55 9.80 -32.04
C ASP E 61 44.03 10.86 -33.05
N VAL E 62 45.13 10.53 -33.80
CA VAL E 62 45.80 11.34 -34.83
C VAL E 62 46.24 12.73 -34.28
N SER E 63 46.49 13.71 -35.16
CA SER E 63 46.86 15.06 -34.74
C SER E 63 45.62 15.80 -34.25
N ALA E 64 45.12 15.40 -33.07
CA ALA E 64 43.91 15.94 -32.46
C ALA E 64 44.18 17.20 -31.64
N SER E 65 43.17 18.07 -31.56
CA SER E 65 43.21 19.31 -30.81
C SER E 65 42.21 19.25 -29.64
N ILE E 66 42.70 18.89 -28.43
CA ILE E 66 41.87 18.79 -27.22
C ILE E 66 42.57 19.47 -26.00
N THR E 67 41.79 19.76 -24.95
CA THR E 67 42.27 20.38 -23.71
C THR E 67 42.32 19.36 -22.59
N LEU E 68 43.34 19.46 -21.72
CA LEU E 68 43.49 18.56 -20.59
C LEU E 68 43.47 19.36 -19.28
N GLN E 69 42.33 19.32 -18.58
CA GLN E 69 42.12 20.03 -17.31
C GLN E 69 41.72 19.09 -16.17
N VAL E 70 42.12 19.46 -14.94
CA VAL E 70 41.80 18.72 -13.71
C VAL E 70 41.45 19.73 -12.61
N LEU E 71 40.38 19.42 -11.86
CA LEU E 71 39.89 20.28 -10.78
C LEU E 71 39.84 19.55 -9.45
N VAL E 72 40.25 20.25 -8.36
CA VAL E 72 40.24 19.75 -6.97
C VAL E 72 39.31 20.67 -6.15
N ASP E 73 38.38 20.05 -5.39
CA ASP E 73 37.37 20.73 -4.58
C ASP E 73 38.00 21.45 -3.37
N ALA E 74 38.65 22.61 -3.65
CA ALA E 74 39.31 23.52 -2.70
C ALA E 74 39.84 24.80 -3.42
N PRO E 75 38.98 25.66 -4.02
CA PRO E 75 39.52 26.86 -4.71
C PRO E 75 40.05 27.91 -3.72
N GLY E 76 41.37 28.14 -3.80
CA GLY E 76 42.10 29.09 -2.96
C GLY E 76 43.43 29.51 -3.59
N ASN E 77 44.20 30.36 -2.87
CA ASN E 77 45.51 30.88 -3.33
C ASN E 77 46.57 29.75 -3.33
N ILE E 78 46.47 28.86 -4.34
CA ILE E 78 47.31 27.67 -4.55
C ILE E 78 48.06 27.81 -5.90
N SER E 79 49.33 27.35 -5.96
CA SER E 79 50.18 27.44 -7.17
C SER E 79 50.57 26.08 -7.76
N CYS E 80 50.64 25.99 -9.10
CA CYS E 80 51.01 24.78 -9.84
C CYS E 80 52.41 24.93 -10.50
N LEU E 81 52.85 23.85 -11.18
CA LEU E 81 54.09 23.71 -11.96
C LEU E 81 53.99 22.46 -12.83
N TRP E 82 53.98 22.64 -14.17
CA TRP E 82 53.86 21.54 -15.13
C TRP E 82 55.23 20.89 -15.38
N VAL E 83 55.27 19.55 -15.34
CA VAL E 83 56.48 18.74 -15.56
C VAL E 83 56.27 17.83 -16.76
N PHE E 84 56.58 18.34 -17.96
CA PHE E 84 56.43 17.63 -19.23
C PHE E 84 57.46 16.51 -19.40
N LYS E 85 57.40 15.81 -20.56
CA LYS E 85 58.34 14.76 -20.93
C LYS E 85 59.81 15.28 -20.84
N HIS E 86 60.49 14.94 -19.71
CA HIS E 86 61.88 15.29 -19.33
C HIS E 86 62.20 16.78 -19.59
N SER E 87 61.23 17.68 -19.34
CA SER E 87 61.36 19.13 -19.53
C SER E 87 60.34 19.87 -18.64
N SER E 88 60.70 21.09 -18.15
CA SER E 88 59.84 21.89 -17.27
C SER E 88 58.88 22.81 -18.06
N LEU E 89 57.75 23.25 -17.41
CA LEU E 89 56.74 24.12 -18.00
C LEU E 89 55.97 24.96 -16.95
N ASN E 90 55.77 26.27 -17.24
CA ASN E 90 55.07 27.24 -16.39
C ASN E 90 53.55 27.17 -16.55
N CYS E 91 52.78 27.56 -15.50
CA CYS E 91 51.31 27.52 -15.52
C CYS E 91 50.67 28.72 -14.78
N GLN E 92 49.43 29.04 -15.18
CA GLN E 92 48.56 30.07 -14.63
C GLN E 92 47.10 29.57 -14.77
N PRO E 93 46.50 28.98 -13.71
CA PRO E 93 45.17 28.36 -13.85
C PRO E 93 43.98 29.20 -13.35
N HIS E 94 42.83 28.54 -13.11
CA HIS E 94 41.59 29.17 -12.60
C HIS E 94 41.25 28.61 -11.20
N PHE E 95 40.45 29.37 -10.41
CA PHE E 95 40.04 28.97 -9.05
C PHE E 95 38.59 28.48 -9.01
N GLY E 101 39.64 24.61 -7.30
CA GLY E 101 40.62 25.11 -8.27
C GLY E 101 40.82 24.16 -9.43
N VAL E 102 40.89 24.71 -10.67
CA VAL E 102 41.07 23.93 -11.90
C VAL E 102 42.28 24.41 -12.72
N VAL E 103 43.19 23.47 -13.02
CA VAL E 103 44.41 23.71 -13.80
C VAL E 103 44.28 23.02 -15.16
N SER E 104 44.96 23.54 -16.21
CA SER E 104 44.86 22.96 -17.55
C SER E 104 46.10 23.14 -18.44
N MET E 105 46.25 22.20 -19.40
CA MET E 105 47.25 22.13 -20.45
C MET E 105 46.53 21.69 -21.71
N VAL E 106 46.27 22.63 -22.62
CA VAL E 106 45.56 22.39 -23.87
C VAL E 106 46.55 22.20 -25.02
N ILE E 107 46.17 21.38 -26.02
CA ILE E 107 47.02 21.09 -27.19
C ILE E 107 46.24 21.10 -28.49
N LEU E 108 46.82 21.75 -29.53
CA LEU E 108 46.29 21.83 -30.88
C LEU E 108 47.19 21.00 -31.79
N LYS E 109 46.65 19.87 -32.34
CA LYS E 109 47.34 18.88 -33.18
C LYS E 109 48.50 18.22 -32.39
N MET E 110 48.18 17.18 -31.59
CA MET E 110 49.15 16.46 -30.76
C MET E 110 50.04 15.54 -31.60
N THR E 111 51.26 16.02 -31.93
CA THR E 111 52.26 15.27 -32.70
C THR E 111 52.82 14.12 -31.85
N GLU E 112 53.47 13.11 -32.50
CA GLU E 112 54.07 11.97 -31.80
C GLU E 112 55.16 12.45 -30.81
N THR E 113 55.64 13.68 -31.01
CA THR E 113 56.59 14.37 -30.17
C THR E 113 55.87 14.85 -28.89
N GLN E 114 54.67 15.47 -29.07
CA GLN E 114 53.82 15.99 -27.99
C GLN E 114 52.93 14.87 -27.39
N ALA E 115 53.59 13.84 -26.79
CA ALA E 115 52.95 12.67 -26.17
C ALA E 115 53.91 11.99 -25.16
N GLY E 116 53.36 11.39 -24.10
CA GLY E 116 54.13 10.69 -23.06
C GLY E 116 53.81 11.06 -21.61
N GLU E 117 54.86 11.08 -20.77
CA GLU E 117 54.77 11.40 -19.34
C GLU E 117 54.62 12.90 -19.10
N TYR E 118 53.43 13.32 -18.59
CA TYR E 118 53.12 14.72 -18.28
C TYR E 118 52.58 14.84 -16.85
N LEU E 119 53.41 15.38 -15.93
CA LEU E 119 53.09 15.56 -14.51
C LEU E 119 52.68 17.01 -14.20
N LEU E 120 52.02 17.24 -13.05
CA LEU E 120 51.56 18.56 -12.61
C LEU E 120 51.62 18.63 -11.08
N PHE E 121 52.65 19.31 -10.53
CA PHE E 121 52.84 19.47 -9.08
C PHE E 121 52.18 20.76 -8.57
N ILE E 122 51.47 20.68 -7.43
CA ILE E 122 50.73 21.79 -6.82
C ILE E 122 51.18 22.01 -5.36
N GLN E 123 50.97 23.24 -4.84
CA GLN E 123 51.28 23.65 -3.47
C GLN E 123 50.24 24.69 -2.99
N SER E 124 49.63 24.46 -1.78
CA SER E 124 48.60 25.32 -1.17
C SER E 124 49.11 26.73 -0.84
N THR E 127 49.58 22.27 1.91
CA THR E 127 49.50 21.13 1.00
C THR E 127 50.58 21.20 -0.08
N ASN E 128 51.04 20.01 -0.53
CA ASN E 128 52.05 19.79 -1.56
C ASN E 128 51.67 18.50 -2.34
N TYR E 129 50.84 18.66 -3.39
CA TYR E 129 50.31 17.57 -4.23
C TYR E 129 51.11 17.38 -5.55
N THR E 130 50.87 16.25 -6.25
CA THR E 130 51.49 15.91 -7.54
C THR E 130 50.57 14.96 -8.35
N ILE E 131 50.33 15.29 -9.64
CA ILE E 131 49.52 14.52 -10.60
C ILE E 131 50.41 14.01 -11.77
N LEU E 132 50.03 12.88 -12.43
CA LEU E 132 50.78 12.31 -13.54
C LEU E 132 49.84 11.70 -14.56
N PHE E 133 50.09 11.97 -15.86
CA PHE E 133 49.27 11.48 -16.98
C PHE E 133 50.12 10.79 -18.06
N THR E 134 49.61 9.66 -18.58
CA THR E 134 50.31 8.91 -19.63
C THR E 134 49.56 9.10 -20.97
N VAL E 135 50.12 9.97 -21.84
CA VAL E 135 49.53 10.29 -23.15
C VAL E 135 50.07 9.31 -24.21
N SER E 136 49.17 8.44 -24.68
CA SER E 136 49.44 7.44 -25.72
C SER E 136 48.77 7.86 -27.04
N ILE E 137 49.02 7.12 -28.14
CA ILE E 137 48.47 7.41 -29.46
C ILE E 137 47.66 6.19 -29.99
N ARG E 138 46.60 6.45 -30.81
CA ARG E 138 45.68 5.46 -31.39
C ARG E 138 46.38 4.54 -32.38
N THR E 144 42.08 -5.80 -29.09
CA THR E 144 41.37 -7.06 -28.88
C THR E 144 40.20 -6.89 -27.88
N LEU E 145 39.31 -7.91 -27.82
CA LEU E 145 38.15 -7.96 -26.92
C LEU E 145 37.69 -9.44 -26.69
N ARG E 146 38.52 -10.20 -25.94
CA ARG E 146 38.26 -11.60 -25.60
C ARG E 146 37.21 -11.68 -24.46
N ARG E 147 36.04 -12.30 -24.79
CA ARG E 147 34.85 -12.55 -23.95
C ARG E 147 35.18 -12.97 -22.49
N PRO E 148 34.32 -12.61 -21.49
CA PRO E 148 34.63 -12.95 -20.09
C PRO E 148 34.72 -14.43 -19.77
N TYR E 149 35.62 -14.77 -18.82
CA TYR E 149 35.89 -16.10 -18.25
C TYR E 149 35.56 -16.04 -16.77
N PHE E 150 35.38 -17.17 -16.10
CA PHE E 150 35.03 -17.14 -14.67
C PHE E 150 36.03 -17.90 -13.80
N ARG E 151 36.29 -17.37 -12.58
CA ARG E 151 37.18 -17.97 -11.57
C ARG E 151 36.60 -17.74 -10.17
N LYS E 152 36.31 -18.82 -9.43
CA LYS E 152 35.77 -18.70 -8.07
C LYS E 152 36.88 -18.24 -7.15
N MET E 153 36.68 -17.10 -6.44
CA MET E 153 37.67 -16.57 -5.51
C MET E 153 38.05 -17.64 -4.50
N GLU E 154 39.37 -17.93 -4.37
CA GLU E 154 39.92 -18.96 -3.49
C GLU E 154 39.72 -18.59 -2.01
N ASN E 155 39.51 -17.27 -1.73
CA ASN E 155 39.30 -16.69 -0.39
C ASN E 155 37.94 -17.07 0.18
N GLN E 156 36.83 -16.77 -0.53
CA GLN E 156 35.49 -17.06 -0.03
C GLN E 156 34.53 -17.67 -1.12
N ASP E 157 33.19 -17.71 -0.82
CA ASP E 157 32.12 -18.22 -1.66
C ASP E 157 31.58 -17.09 -2.55
N ALA E 158 32.38 -16.73 -3.57
CA ALA E 158 32.10 -15.65 -4.52
C ALA E 158 32.83 -15.87 -5.86
N LEU E 159 32.22 -15.42 -6.99
CA LEU E 159 32.74 -15.58 -8.36
C LEU E 159 33.41 -14.32 -8.87
N VAL E 160 34.36 -14.47 -9.80
CA VAL E 160 35.13 -13.35 -10.36
C VAL E 160 35.18 -13.46 -11.88
N CYS E 161 35.03 -12.31 -12.57
CA CYS E 161 35.00 -12.16 -14.02
C CYS E 161 36.39 -11.75 -14.62
N ILE E 162 37.00 -12.69 -15.36
CA ILE E 162 38.30 -12.58 -16.02
C ILE E 162 38.04 -12.32 -17.54
N SER E 163 37.89 -11.03 -17.91
CA SER E 163 37.67 -10.64 -19.31
C SER E 163 38.94 -9.97 -19.86
N GLU E 164 39.45 -10.46 -21.01
CA GLU E 164 40.70 -9.89 -21.57
C GLU E 164 40.38 -8.92 -22.72
N SER E 165 41.16 -7.84 -22.89
CA SER E 165 40.92 -6.87 -23.96
C SER E 165 41.99 -5.77 -24.03
N VAL E 166 42.19 -5.24 -25.26
CA VAL E 166 43.11 -4.15 -25.58
C VAL E 166 42.30 -3.09 -26.39
N PRO E 167 41.86 -1.96 -25.80
CA PRO E 167 42.07 -1.45 -24.43
C PRO E 167 41.39 -2.27 -23.34
N GLU E 168 41.85 -2.09 -22.06
CA GLU E 168 41.31 -2.77 -20.87
C GLU E 168 39.81 -2.41 -20.70
N PRO E 169 38.92 -3.41 -20.46
CA PRO E 169 37.49 -3.11 -20.45
C PRO E 169 36.85 -2.91 -19.09
N ILE E 170 35.60 -2.43 -19.11
CA ILE E 170 34.69 -2.25 -17.99
C ILE E 170 34.06 -3.60 -17.76
N VAL E 171 34.31 -4.20 -16.60
CA VAL E 171 33.79 -5.52 -16.27
C VAL E 171 32.60 -5.31 -15.33
N GLU E 172 31.40 -5.51 -15.86
CA GLU E 172 30.19 -5.32 -15.09
C GLU E 172 29.35 -6.59 -15.01
N TRP E 173 28.98 -6.97 -13.78
CA TRP E 173 28.13 -8.13 -13.53
C TRP E 173 26.70 -7.67 -13.64
N VAL E 174 25.85 -8.38 -14.39
CA VAL E 174 24.44 -7.96 -14.49
C VAL E 174 23.51 -9.12 -14.12
N LEU E 175 22.77 -8.96 -13.01
CA LEU E 175 21.80 -9.92 -12.48
C LEU E 175 20.40 -9.41 -12.79
N CYS E 176 19.71 -10.06 -13.76
CA CYS E 176 18.39 -9.66 -14.24
C CYS E 176 17.27 -10.38 -13.47
N VAL E 190 16.13 -5.73 -14.27
CA VAL E 190 17.56 -6.01 -14.36
C VAL E 190 18.34 -5.12 -13.42
N VAL E 191 19.48 -5.61 -12.93
CA VAL E 191 20.35 -4.87 -12.02
C VAL E 191 21.83 -5.02 -12.41
N LYS E 192 22.50 -3.89 -12.67
CA LYS E 192 23.92 -3.84 -13.05
C LYS E 192 24.77 -3.47 -11.84
N LYS E 193 25.83 -4.23 -11.61
CA LYS E 193 26.78 -4.03 -10.52
C LYS E 193 28.18 -4.24 -11.07
N GLU E 194 28.84 -3.11 -11.44
CA GLU E 194 30.19 -3.12 -11.97
C GLU E 194 31.16 -3.35 -10.82
N GLU E 195 31.70 -4.58 -10.68
CA GLU E 195 32.57 -4.92 -9.56
C GLU E 195 33.69 -5.87 -9.95
N LYS E 196 33.53 -6.65 -11.04
CA LYS E 196 34.46 -7.68 -11.52
C LYS E 196 34.47 -8.91 -10.57
N VAL E 197 33.99 -8.73 -9.32
CA VAL E 197 33.87 -9.74 -8.26
C VAL E 197 32.42 -9.71 -7.72
N LEU E 198 31.68 -10.79 -7.97
CA LEU E 198 30.28 -10.94 -7.55
C LEU E 198 30.20 -11.90 -6.38
N HIS E 199 29.53 -11.46 -5.30
CA HIS E 199 29.35 -12.24 -4.09
C HIS E 199 27.89 -12.67 -3.94
N GLU E 200 26.94 -11.88 -4.52
CA GLU E 200 25.49 -12.13 -4.48
C GLU E 200 25.01 -12.93 -5.72
N LEU E 201 25.52 -14.16 -5.85
CA LEU E 201 25.30 -15.13 -6.94
C LEU E 201 23.91 -15.78 -6.98
N PHE E 202 23.03 -15.43 -6.06
CA PHE E 202 21.73 -16.07 -5.98
C PHE E 202 20.76 -15.60 -7.06
N GLY E 203 20.15 -16.60 -7.70
CA GLY E 203 19.10 -16.55 -8.71
C GLY E 203 19.16 -15.53 -9.84
N THR E 204 17.99 -15.33 -10.51
CA THR E 204 17.77 -14.39 -11.62
C THR E 204 18.60 -14.82 -12.86
N ASP E 205 18.93 -13.86 -13.77
CA ASP E 205 19.74 -14.12 -14.97
C ASP E 205 21.10 -13.42 -14.84
N ILE E 206 22.13 -14.16 -14.41
CA ILE E 206 23.46 -13.64 -14.17
C ILE E 206 24.33 -13.72 -15.43
N ARG E 207 24.83 -12.55 -15.89
CA ARG E 207 25.70 -12.45 -17.06
C ARG E 207 26.76 -11.36 -16.87
N CYS E 208 28.05 -11.69 -17.12
CA CYS E 208 29.13 -10.70 -17.02
C CYS E 208 29.35 -10.08 -18.38
N CYS E 209 29.68 -8.78 -18.39
CA CYS E 209 29.90 -8.02 -19.61
C CYS E 209 31.16 -7.20 -19.59
N ALA E 210 31.96 -7.33 -20.66
CA ALA E 210 33.18 -6.56 -20.86
C ALA E 210 32.89 -5.46 -21.88
N ARG E 211 33.26 -4.20 -21.56
CA ARG E 211 33.00 -3.08 -22.48
C ARG E 211 34.26 -2.19 -22.63
N ASN E 212 34.85 -2.14 -23.85
CA ASN E 212 36.03 -1.31 -24.14
C ASN E 212 35.76 -0.42 -25.36
N GLU E 213 36.82 0.09 -26.00
CA GLU E 213 36.73 0.91 -27.22
C GLU E 213 36.12 0.08 -28.38
N LEU E 214 36.50 -1.22 -28.50
CA LEU E 214 36.04 -2.17 -29.53
C LEU E 214 34.51 -2.35 -29.40
N GLY E 215 34.04 -2.71 -28.20
CA GLY E 215 32.62 -2.90 -27.94
C GLY E 215 32.32 -3.66 -26.66
N ARG E 216 31.21 -4.44 -26.65
CA ARG E 216 30.77 -5.22 -25.49
C ARG E 216 30.50 -6.71 -25.78
N GLU E 217 31.41 -7.57 -25.27
CA GLU E 217 31.32 -9.05 -25.38
C GLU E 217 30.86 -9.59 -24.02
N CYS E 218 29.82 -10.43 -24.01
CA CYS E 218 29.28 -10.93 -22.75
C CYS E 218 29.26 -12.45 -22.65
N THR E 219 29.50 -12.94 -21.44
CA THR E 219 29.46 -14.36 -21.16
C THR E 219 28.42 -14.53 -20.07
N ARG E 220 27.37 -15.28 -20.37
CA ARG E 220 26.29 -15.55 -19.43
C ARG E 220 26.59 -16.82 -18.66
N LEU E 221 26.35 -16.79 -17.35
CA LEU E 221 26.60 -17.95 -16.52
C LEU E 221 25.49 -18.95 -16.78
N PHE E 222 25.87 -20.17 -17.18
CA PHE E 222 24.88 -21.20 -17.47
C PHE E 222 24.17 -21.61 -16.20
N THR E 223 22.85 -21.48 -16.20
CA THR E 223 22.04 -21.82 -15.04
C THR E 223 21.01 -22.91 -15.35
N ILE E 224 20.78 -23.78 -14.35
CA ILE E 224 19.79 -24.86 -14.35
C ILE E 224 18.89 -24.64 -13.12
N ASP E 225 17.68 -24.10 -13.35
CA ASP E 225 16.75 -23.81 -12.27
C ASP E 225 15.75 -24.96 -12.14
N LEU E 226 15.97 -25.82 -11.11
CA LEU E 226 15.10 -26.97 -10.81
C LEU E 226 13.76 -26.47 -10.28
N ASN E 227 13.81 -25.33 -9.58
CA ASN E 227 12.65 -24.62 -9.03
C ASN E 227 11.76 -24.19 -10.20
N GLN E 228 12.38 -23.63 -11.29
CA GLN E 228 11.68 -23.14 -12.50
C GLN E 228 11.19 -24.27 -13.41
N THR E 229 10.27 -23.91 -14.34
CA THR E 229 9.66 -24.81 -15.32
C THR E 229 10.74 -25.39 -16.29
N PRO E 230 10.55 -26.63 -16.84
CA PRO E 230 11.60 -27.22 -17.71
C PRO E 230 11.59 -26.76 -19.17
N GLN E 231 12.81 -26.51 -19.73
CA GLN E 231 13.07 -26.06 -21.12
C GLN E 231 13.29 -27.26 -22.06
N THR E 232 13.23 -27.11 -23.39
CA THR E 232 13.44 -28.26 -24.28
C THR E 232 14.90 -28.34 -24.87
N THR E 233 15.14 -29.33 -25.78
CA THR E 233 16.37 -29.63 -26.55
C THR E 233 17.64 -29.87 -25.67
N LEU E 234 17.52 -30.77 -24.62
CA LEU E 234 18.56 -31.15 -23.63
C LEU E 234 19.69 -30.11 -23.61
N PRO E 235 19.43 -28.94 -22.96
CA PRO E 235 20.37 -27.81 -22.99
C PRO E 235 21.81 -28.15 -23.41
N GLN E 236 22.07 -27.90 -24.70
CA GLN E 236 23.38 -28.17 -25.28
C GLN E 236 24.31 -27.00 -24.99
N LEU E 237 25.43 -27.30 -24.29
CA LEU E 237 26.47 -26.35 -23.89
C LEU E 237 27.74 -26.63 -24.67
N PHE E 238 28.14 -25.74 -25.57
CA PHE E 238 29.34 -25.96 -26.35
C PHE E 238 30.47 -25.09 -25.85
N LEU E 239 31.72 -25.64 -25.82
CA LEU E 239 32.94 -24.91 -25.43
C LEU E 239 34.25 -25.57 -25.92
N LYS E 240 35.24 -24.71 -26.25
CA LYS E 240 36.54 -25.10 -26.79
C LYS E 240 37.41 -25.68 -25.70
N VAL E 241 38.12 -26.79 -26.02
CA VAL E 241 39.06 -27.53 -25.15
C VAL E 241 40.08 -26.54 -24.57
N GLY E 242 40.14 -26.50 -23.23
CA GLY E 242 41.00 -25.60 -22.49
C GLY E 242 40.23 -24.51 -21.76
N GLU E 243 38.99 -24.17 -22.24
CA GLU E 243 38.12 -23.13 -21.65
C GLU E 243 37.51 -23.60 -20.27
N PRO E 244 37.11 -22.69 -19.33
CA PRO E 244 36.55 -23.16 -18.05
C PRO E 244 35.02 -23.38 -18.06
N LEU E 245 34.56 -24.60 -17.71
CA LEU E 245 33.13 -24.94 -17.71
C LEU E 245 32.48 -24.42 -16.44
N TRP E 246 31.30 -23.75 -16.55
CA TRP E 246 30.55 -23.19 -15.41
C TRP E 246 29.05 -23.46 -15.51
N ILE E 247 28.54 -24.31 -14.60
CA ILE E 247 27.12 -24.69 -14.55
C ILE E 247 26.59 -24.51 -13.14
N ARG E 248 25.72 -23.51 -12.90
CA ARG E 248 25.12 -23.25 -11.59
C ARG E 248 23.77 -23.86 -11.50
N CYS E 249 23.57 -24.64 -10.47
CA CYS E 249 22.30 -25.29 -10.29
C CYS E 249 21.60 -24.66 -9.13
N LYS E 250 20.45 -24.00 -9.41
CA LYS E 250 19.67 -23.30 -8.40
C LYS E 250 18.35 -23.97 -8.11
N ALA E 251 18.05 -24.19 -6.83
CA ALA E 251 16.80 -24.81 -6.41
C ALA E 251 16.22 -24.08 -5.23
N VAL E 252 14.90 -23.77 -5.28
CA VAL E 252 14.25 -23.06 -4.19
C VAL E 252 13.25 -23.97 -3.56
N HIS E 253 13.29 -24.05 -2.24
CA HIS E 253 12.40 -24.89 -1.47
C HIS E 253 11.91 -24.16 -0.23
N VAL E 254 10.74 -24.56 0.30
CA VAL E 254 10.05 -23.99 1.47
C VAL E 254 10.94 -24.07 2.73
N ASN E 255 11.27 -25.31 3.16
CA ASN E 255 12.13 -25.57 4.30
C ASN E 255 13.57 -25.70 3.79
N HIS E 256 14.56 -25.69 4.70
CA HIS E 256 15.96 -25.85 4.30
C HIS E 256 16.28 -27.32 4.04
N GLY E 257 15.38 -28.21 4.48
CA GLY E 257 15.51 -29.66 4.34
C GLY E 257 15.42 -30.17 2.91
N PHE E 258 16.55 -30.08 2.17
CA PHE E 258 16.76 -30.53 0.80
C PHE E 258 18.23 -30.37 0.40
N GLY E 259 18.74 -31.31 -0.39
CA GLY E 259 20.11 -31.32 -0.89
C GLY E 259 20.16 -31.23 -2.41
N LEU E 260 21.36 -31.07 -2.97
CA LEU E 260 21.59 -30.98 -4.41
C LEU E 260 22.81 -31.84 -4.79
N THR E 261 22.75 -32.48 -5.98
CA THR E 261 23.84 -33.33 -6.44
C THR E 261 24.01 -33.25 -7.93
N TRP E 262 25.29 -33.29 -8.33
CA TRP E 262 25.75 -33.26 -9.73
C TRP E 262 26.20 -34.66 -10.20
N GLU E 263 25.86 -35.02 -11.47
CA GLU E 263 26.27 -36.30 -12.05
C GLU E 263 26.64 -36.15 -13.54
N LEU E 264 27.79 -36.73 -13.95
CA LEU E 264 28.29 -36.77 -15.33
C LEU E 264 28.56 -38.22 -15.73
N GLU E 265 27.95 -38.66 -16.87
CA GLU E 265 28.02 -40.02 -17.41
C GLU E 265 27.65 -41.00 -16.25
N ASN E 266 26.50 -40.69 -15.56
CA ASN E 266 25.89 -41.36 -14.40
C ASN E 266 26.97 -41.71 -13.34
N LYS E 267 27.78 -40.70 -12.96
CA LYS E 267 28.86 -40.84 -11.99
C LYS E 267 28.93 -39.63 -11.02
N ALA E 268 29.60 -39.83 -9.85
CA ALA E 268 29.79 -38.82 -8.81
C ALA E 268 31.04 -37.94 -9.09
N LEU E 269 30.78 -36.77 -9.69
CA LEU E 269 31.68 -35.67 -10.09
C LEU E 269 32.89 -35.47 -9.17
N GLU E 270 34.04 -35.02 -9.76
CA GLU E 270 35.31 -34.72 -9.10
C GLU E 270 35.10 -33.75 -7.93
N GLU E 271 35.83 -33.97 -6.81
CA GLU E 271 35.74 -33.17 -5.57
C GLU E 271 36.13 -31.69 -5.78
N GLY E 272 37.06 -31.44 -6.72
CA GLY E 272 37.51 -30.10 -7.10
C GLY E 272 36.83 -29.58 -8.36
N ASN E 273 35.54 -29.89 -8.48
CA ASN E 273 34.70 -29.52 -9.60
C ASN E 273 33.27 -29.16 -9.10
N TYR E 274 33.08 -29.03 -7.78
CA TYR E 274 31.79 -28.72 -7.17
C TYR E 274 31.92 -27.71 -6.03
N PHE E 275 30.85 -26.89 -5.79
CA PHE E 275 30.77 -25.90 -4.70
C PHE E 275 29.32 -25.55 -4.34
N GLU E 276 29.00 -25.53 -3.03
CA GLU E 276 27.64 -25.25 -2.54
C GLU E 276 27.52 -24.00 -1.67
N MET E 277 26.59 -23.12 -2.08
CA MET E 277 26.20 -21.90 -1.38
C MET E 277 24.73 -21.95 -1.05
N SER E 278 24.28 -21.24 0.01
CA SER E 278 22.87 -21.27 0.44
C SER E 278 22.48 -19.99 1.13
N THR E 279 21.23 -19.50 0.90
CA THR E 279 20.71 -18.32 1.63
C THR E 279 19.18 -18.43 1.81
N TYR E 280 18.60 -17.53 2.60
CA TYR E 280 17.18 -17.50 2.87
C TYR E 280 16.45 -16.47 2.01
N SER E 281 15.16 -16.73 1.75
CA SER E 281 14.27 -15.90 0.94
C SER E 281 12.91 -15.72 1.64
N THR E 282 12.18 -14.63 1.29
CA THR E 282 10.83 -14.24 1.73
C THR E 282 10.39 -14.87 3.09
N ASN E 283 9.32 -15.70 3.09
CA ASN E 283 8.75 -16.39 4.26
C ASN E 283 9.59 -17.64 4.56
N ARG E 284 10.75 -17.47 5.23
CA ARG E 284 11.70 -18.53 5.65
C ARG E 284 11.93 -19.63 4.58
N THR E 285 12.03 -19.20 3.32
CA THR E 285 12.33 -20.03 2.15
C THR E 285 13.84 -20.23 2.05
N MET E 286 14.32 -21.27 1.35
CA MET E 286 15.75 -21.52 1.19
C MET E 286 16.10 -21.69 -0.26
N ILE E 287 17.17 -21.02 -0.70
CA ILE E 287 17.71 -21.10 -2.06
C ILE E 287 19.08 -21.75 -1.97
N ARG E 288 19.30 -22.80 -2.79
CA ARG E 288 20.58 -23.53 -2.83
C ARG E 288 21.22 -23.44 -4.20
N ILE E 289 22.52 -23.12 -4.19
CA ILE E 289 23.36 -23.04 -5.39
C ILE E 289 24.43 -24.12 -5.28
N LEU E 290 24.39 -25.11 -6.17
CA LEU E 290 25.38 -26.17 -6.23
C LEU E 290 26.00 -26.10 -7.59
N PHE E 291 26.99 -25.23 -7.76
CA PHE E 291 27.58 -25.07 -9.08
C PHE E 291 28.75 -26.02 -9.31
N ALA E 292 28.88 -26.44 -10.56
CA ALA E 292 29.93 -27.31 -11.01
C ALA E 292 30.82 -26.52 -11.94
N PHE E 293 32.13 -26.80 -11.90
CA PHE E 293 33.11 -26.09 -12.75
C PHE E 293 34.33 -26.96 -13.17
N VAL E 294 34.87 -26.65 -14.35
CA VAL E 294 36.08 -27.28 -14.87
C VAL E 294 37.05 -26.12 -15.09
N SER E 295 38.30 -26.24 -14.58
CA SER E 295 39.36 -25.23 -14.73
C SER E 295 39.74 -25.06 -16.21
N SER E 296 40.10 -26.17 -16.89
CA SER E 296 40.42 -26.23 -18.31
C SER E 296 39.80 -27.52 -18.88
N VAL E 297 38.83 -27.39 -19.80
CA VAL E 297 38.13 -28.54 -20.36
C VAL E 297 39.01 -29.32 -21.37
N ALA E 298 38.59 -30.57 -21.67
CA ALA E 298 39.18 -31.54 -22.62
C ALA E 298 38.05 -32.41 -23.25
N ARG E 299 38.41 -33.40 -24.08
CA ARG E 299 37.41 -34.32 -24.67
C ARG E 299 36.81 -35.22 -23.57
N ASN E 300 37.62 -35.46 -22.51
CA ASN E 300 37.33 -36.24 -21.30
C ASN E 300 36.13 -35.71 -20.51
N ASP E 301 36.01 -34.38 -20.41
CA ASP E 301 34.97 -33.68 -19.66
C ASP E 301 33.63 -33.54 -20.46
N THR E 302 33.64 -33.71 -21.81
CA THR E 302 32.42 -33.61 -22.61
C THR E 302 31.46 -34.73 -22.17
N GLY E 303 30.18 -34.39 -22.03
CA GLY E 303 29.16 -35.35 -21.62
C GLY E 303 27.86 -34.76 -21.10
N TYR E 304 26.89 -35.65 -20.84
CA TYR E 304 25.58 -35.26 -20.34
C TYR E 304 25.61 -35.13 -18.81
N TYR E 305 25.48 -33.85 -18.32
CA TYR E 305 25.46 -33.46 -16.91
C TYR E 305 24.03 -33.30 -16.42
N THR E 306 23.76 -33.76 -15.19
CA THR E 306 22.43 -33.65 -14.60
C THR E 306 22.50 -33.21 -13.14
N CYS E 307 21.55 -32.36 -12.75
CA CYS E 307 21.43 -31.85 -11.39
C CYS E 307 20.12 -32.33 -10.78
N SER E 308 20.21 -33.01 -9.63
CA SER E 308 19.04 -33.54 -8.94
C SER E 308 18.97 -33.02 -7.51
N SER E 309 17.76 -32.68 -7.02
CA SER E 309 17.58 -32.18 -5.65
C SER E 309 16.68 -33.09 -4.81
N SER E 310 17.03 -33.24 -3.50
CA SER E 310 16.32 -34.06 -2.52
C SER E 310 14.98 -33.39 -2.07
N LYS E 311 14.23 -32.84 -3.05
CA LYS E 311 12.91 -32.19 -2.97
C LYS E 311 12.59 -31.54 -4.31
N HIS E 312 13.29 -31.93 -5.41
CA HIS E 312 13.08 -31.37 -6.76
C HIS E 312 13.34 -32.38 -7.94
N PRO E 313 12.85 -32.10 -9.17
CA PRO E 313 13.09 -33.05 -10.29
C PRO E 313 14.44 -32.84 -10.97
N SER E 314 15.13 -33.95 -11.29
CA SER E 314 16.47 -33.96 -11.92
C SER E 314 16.49 -33.39 -13.36
N GLN E 315 16.92 -32.10 -13.54
CA GLN E 315 17.01 -31.46 -14.86
C GLN E 315 18.46 -31.59 -15.37
N SER E 316 18.64 -31.82 -16.67
CA SER E 316 19.97 -32.06 -17.25
C SER E 316 20.31 -31.17 -18.44
N ALA E 317 21.60 -31.16 -18.79
CA ALA E 317 22.20 -30.40 -19.89
C ALA E 317 23.45 -31.12 -20.43
N LEU E 318 23.59 -31.27 -21.76
CA LEU E 318 24.73 -31.96 -22.36
C LEU E 318 25.82 -30.97 -22.76
N VAL E 319 27.07 -31.36 -22.50
CA VAL E 319 28.24 -30.54 -22.75
C VAL E 319 29.06 -31.11 -23.95
N THR E 320 29.20 -30.28 -25.02
CA THR E 320 29.93 -30.53 -26.27
C THR E 320 31.26 -29.76 -26.24
N ILE E 321 32.42 -30.48 -26.13
CA ILE E 321 33.79 -29.92 -26.04
C ILE E 321 34.69 -30.24 -27.27
N VAL E 322 35.14 -29.17 -28.01
CA VAL E 322 35.95 -29.30 -29.27
C VAL E 322 37.43 -28.87 -29.12
N GLU E 323 38.36 -29.61 -29.76
CA GLU E 323 39.81 -29.34 -29.73
C GLU E 323 40.16 -27.87 -30.00
N LYS E 324 39.50 -27.27 -31.01
CA LYS E 324 39.68 -25.87 -31.41
C LYS E 324 38.36 -25.30 -31.92
N GLY E 325 38.28 -23.97 -32.07
CA GLY E 325 37.10 -23.26 -32.58
C GLY E 325 36.59 -23.87 -33.87
N PHE E 326 35.25 -24.04 -33.99
CA PHE E 326 34.67 -24.72 -35.16
C PHE E 326 33.40 -24.06 -35.71
N ILE E 327 33.11 -24.35 -37.00
CA ILE E 327 31.92 -23.90 -37.73
C ILE E 327 31.40 -25.09 -38.55
N ASN E 328 30.20 -25.59 -38.24
CA ASN E 328 29.58 -26.70 -39.00
C ASN E 328 28.26 -26.20 -39.61
N ALA E 329 28.06 -26.37 -40.94
CA ALA E 329 26.83 -25.88 -41.60
C ALA E 329 26.35 -26.80 -42.73
N THR E 330 25.01 -27.00 -42.83
CA THR E 330 24.38 -27.85 -43.84
C THR E 330 23.75 -27.01 -44.95
N GLU E 334 24.91 -22.91 -52.91
CA GLU E 334 23.60 -23.26 -53.48
C GLU E 334 23.19 -22.25 -54.56
N ASP E 335 22.49 -22.72 -55.60
CA ASP E 335 22.02 -21.87 -56.69
C ASP E 335 20.50 -21.64 -56.56
N TYR E 336 20.02 -20.42 -56.89
CA TYR E 336 18.61 -20.00 -56.80
C TYR E 336 18.19 -19.13 -57.99
N GLU E 337 16.86 -18.94 -58.18
CA GLU E 337 16.31 -18.11 -59.26
C GLU E 337 14.87 -17.71 -58.96
N ILE E 338 14.55 -16.40 -59.01
CA ILE E 338 13.17 -15.93 -58.78
C ILE E 338 12.87 -14.65 -59.58
N ASP E 339 11.55 -14.39 -59.81
CA ASP E 339 11.02 -13.23 -60.54
C ASP E 339 10.58 -12.14 -59.55
N GLN E 340 10.97 -10.86 -59.85
CA GLN E 340 10.70 -9.65 -59.06
C GLN E 340 9.18 -9.45 -58.86
N TYR E 341 8.62 -10.31 -58.00
CA TYR E 341 7.22 -10.42 -57.60
C TYR E 341 7.10 -11.36 -56.40
N GLU E 342 8.16 -12.18 -56.13
CA GLU E 342 8.24 -13.17 -55.05
C GLU E 342 9.00 -12.65 -53.81
N GLU E 343 8.46 -12.94 -52.60
CA GLU E 343 9.05 -12.55 -51.32
C GLU E 343 9.93 -13.69 -50.82
N PHE E 344 11.25 -13.46 -50.73
CA PHE E 344 12.19 -14.52 -50.33
C PHE E 344 13.37 -13.98 -49.51
N CYS E 345 13.91 -14.86 -48.64
CA CYS E 345 15.07 -14.64 -47.78
C CYS E 345 16.04 -15.84 -47.84
N PHE E 346 17.34 -15.57 -48.08
CA PHE E 346 18.41 -16.57 -48.08
C PHE E 346 18.64 -17.05 -46.65
N SER E 347 18.93 -18.34 -46.47
CA SER E 347 19.15 -18.89 -45.14
C SER E 347 20.46 -19.67 -45.05
N VAL E 348 21.01 -19.82 -43.82
CA VAL E 348 22.23 -20.60 -43.50
C VAL E 348 22.15 -21.13 -42.06
N ARG E 349 21.91 -22.45 -41.89
CA ARG E 349 21.84 -23.09 -40.57
C ARG E 349 23.24 -23.57 -40.20
N PHE E 350 23.68 -23.24 -38.98
CA PHE E 350 25.04 -23.59 -38.51
C PHE E 350 25.15 -23.80 -37.00
N LYS E 351 25.92 -24.80 -36.60
CA LYS E 351 26.27 -25.07 -35.21
C LYS E 351 27.75 -24.70 -35.14
N ALA E 352 28.06 -23.57 -34.50
CA ALA E 352 29.42 -23.05 -34.42
C ALA E 352 29.77 -22.47 -33.06
N TYR E 353 31.03 -22.68 -32.59
CA TYR E 353 31.52 -22.14 -31.32
C TYR E 353 32.99 -21.65 -31.45
N PRO E 354 33.34 -20.44 -30.91
CA PRO E 354 32.48 -19.45 -30.25
C PRO E 354 31.58 -18.72 -31.24
N GLN E 355 30.61 -17.92 -30.74
CA GLN E 355 29.69 -17.13 -31.57
C GLN E 355 30.47 -16.47 -32.69
N ILE E 356 30.07 -16.74 -33.93
CA ILE E 356 30.79 -16.28 -35.11
C ILE E 356 30.40 -14.86 -35.55
N ARG E 357 31.38 -14.17 -36.18
CA ARG E 357 31.21 -12.87 -36.81
C ARG E 357 30.90 -13.17 -38.26
N CYS E 358 29.69 -12.80 -38.70
CA CYS E 358 29.23 -13.11 -40.05
C CYS E 358 29.12 -11.84 -40.94
N THR E 359 29.24 -12.03 -42.27
CA THR E 359 29.16 -10.98 -43.27
C THR E 359 28.57 -11.50 -44.59
N TRP E 360 27.52 -10.82 -45.08
CA TRP E 360 26.86 -11.12 -46.36
C TRP E 360 27.36 -10.11 -47.41
N THR E 361 28.29 -10.55 -48.28
CA THR E 361 28.86 -9.68 -49.31
C THR E 361 28.34 -10.04 -50.72
N PHE E 362 28.08 -9.02 -51.57
CA PHE E 362 27.60 -9.14 -52.96
C PHE E 362 28.10 -7.96 -53.83
N SER E 363 28.81 -8.27 -54.96
CA SER E 363 29.39 -7.34 -55.95
C SER E 363 30.18 -6.20 -55.26
N ARG E 364 30.99 -6.59 -54.25
CA ARG E 364 31.84 -5.78 -53.36
C ARG E 364 31.04 -5.17 -52.18
N LYS E 365 29.75 -4.85 -52.37
CA LYS E 365 28.88 -4.27 -51.33
C LYS E 365 28.59 -5.30 -50.23
N SER E 366 29.16 -5.10 -49.03
CA SER E 366 29.02 -6.02 -47.91
C SER E 366 28.13 -5.46 -46.78
N PHE E 367 27.15 -6.27 -46.34
CA PHE E 367 26.22 -5.95 -45.26
C PHE E 367 26.32 -7.03 -44.17
N PRO E 368 26.32 -6.66 -42.87
CA PRO E 368 26.40 -7.69 -41.81
C PRO E 368 25.08 -8.47 -41.66
N CYS E 369 25.01 -9.42 -40.69
CA CYS E 369 23.83 -10.29 -40.53
C CYS E 369 23.29 -10.40 -39.11
N GLU E 370 21.99 -10.75 -39.05
CA GLU E 370 21.26 -11.02 -37.82
C GLU E 370 21.47 -12.51 -37.52
N GLN E 371 22.65 -12.84 -36.95
CA GLN E 371 23.09 -14.21 -36.62
C GLN E 371 22.29 -14.81 -35.43
N LYS E 372 20.96 -14.84 -35.56
CA LYS E 372 19.98 -15.33 -34.57
C LYS E 372 20.06 -16.85 -34.41
N GLY E 373 19.58 -17.34 -33.27
CA GLY E 373 19.57 -18.76 -32.93
C GLY E 373 18.24 -19.44 -33.21
N LEU E 374 18.30 -20.67 -33.74
CA LEU E 374 17.12 -21.50 -34.06
C LEU E 374 16.69 -22.39 -32.88
N ASP E 375 17.50 -22.42 -31.78
CA ASP E 375 17.30 -23.15 -30.51
C ASP E 375 17.20 -24.68 -30.65
N ASN E 376 17.10 -25.22 -31.89
CA ASN E 376 17.02 -26.65 -32.16
C ASN E 376 18.34 -27.37 -31.79
N GLY E 377 19.46 -26.70 -32.05
CA GLY E 377 20.83 -27.18 -31.82
C GLY E 377 21.82 -26.51 -32.76
N TYR E 378 21.37 -25.40 -33.38
CA TYR E 378 22.08 -24.58 -34.35
C TYR E 378 21.47 -23.17 -34.41
N SER E 379 22.20 -22.23 -35.02
CA SER E 379 21.82 -20.85 -35.25
C SER E 379 21.59 -20.64 -36.75
N ILE E 380 20.47 -20.02 -37.15
CA ILE E 380 20.14 -19.83 -38.55
C ILE E 380 20.21 -18.36 -38.95
N SER E 381 21.20 -18.01 -39.78
CA SER E 381 21.38 -16.64 -40.27
C SER E 381 20.49 -16.43 -41.51
N LYS E 382 19.88 -15.24 -41.61
CA LYS E 382 19.01 -14.91 -42.72
C LYS E 382 19.42 -13.59 -43.39
N PHE E 383 19.06 -13.45 -44.68
CA PHE E 383 19.30 -12.25 -45.50
C PHE E 383 18.07 -12.04 -46.39
N CYS E 384 17.45 -10.85 -46.35
CA CYS E 384 16.23 -10.61 -47.10
C CYS E 384 16.34 -9.51 -48.17
N ASN E 385 17.17 -8.48 -47.93
CA ASN E 385 17.37 -7.33 -48.82
C ASN E 385 18.12 -7.70 -50.11
N HIS E 386 17.55 -8.67 -50.88
CA HIS E 386 18.04 -9.17 -52.16
C HIS E 386 17.96 -8.07 -53.24
N LYS E 387 16.94 -7.17 -53.11
CA LYS E 387 16.63 -6.03 -53.98
C LYS E 387 16.41 -6.51 -55.43
N HIS E 388 15.86 -7.74 -55.59
CA HIS E 388 15.60 -8.46 -56.85
C HIS E 388 16.87 -8.46 -57.77
N GLN E 389 18.04 -8.04 -57.20
CA GLN E 389 19.35 -7.96 -57.86
C GLN E 389 19.93 -9.34 -58.12
N PRO E 390 20.31 -9.69 -59.38
CA PRO E 390 20.83 -11.04 -59.64
C PRO E 390 22.34 -11.18 -59.46
N GLY E 391 22.77 -12.41 -59.18
CA GLY E 391 24.19 -12.71 -59.01
C GLY E 391 24.59 -13.51 -57.77
N GLU E 392 25.89 -13.39 -57.44
CA GLU E 392 26.59 -14.10 -56.36
C GLU E 392 26.54 -13.39 -55.00
N TYR E 393 25.77 -13.97 -54.04
CA TYR E 393 25.61 -13.54 -52.65
C TYR E 393 26.44 -14.47 -51.77
N ILE E 394 27.61 -14.02 -51.32
CA ILE E 394 28.53 -14.86 -50.55
C ILE E 394 28.43 -14.54 -49.05
N PHE E 395 28.26 -15.60 -48.23
CA PHE E 395 28.16 -15.55 -46.79
C PHE E 395 29.46 -16.05 -46.15
N HIS E 396 30.24 -15.12 -45.59
CA HIS E 396 31.51 -15.42 -44.93
C HIS E 396 31.36 -15.23 -43.42
N ALA E 397 31.50 -16.34 -42.67
CA ALA E 397 31.38 -16.34 -41.22
C ALA E 397 32.63 -16.93 -40.60
N GLU E 398 33.13 -16.32 -39.50
CA GLU E 398 34.35 -16.80 -38.84
C GLU E 398 34.40 -16.48 -37.36
N ASN E 399 35.06 -17.34 -36.60
CA ASN E 399 35.32 -17.17 -35.17
C ASN E 399 36.86 -17.12 -34.95
N ASP E 400 37.31 -16.97 -33.67
CA ASP E 400 38.72 -16.86 -33.26
C ASP E 400 39.63 -17.97 -33.80
N ASP E 401 39.17 -19.23 -33.85
CA ASP E 401 39.99 -20.33 -34.33
C ASP E 401 39.39 -21.08 -35.53
N ALA E 402 38.45 -20.46 -36.31
CA ALA E 402 37.83 -21.09 -37.49
C ALA E 402 37.23 -20.07 -38.48
N GLN E 403 37.16 -20.45 -39.78
CA GLN E 403 36.63 -19.65 -40.90
C GLN E 403 35.62 -20.46 -41.75
N PHE E 404 34.81 -19.76 -42.61
CA PHE E 404 33.77 -20.35 -43.47
C PHE E 404 33.23 -19.34 -44.52
N THR E 405 32.77 -19.85 -45.70
CA THR E 405 32.19 -19.09 -46.80
C THR E 405 31.28 -19.98 -47.64
N LYS E 406 30.09 -19.48 -48.01
CA LYS E 406 29.10 -20.19 -48.84
C LYS E 406 28.56 -19.29 -49.96
N MET E 407 28.68 -19.75 -51.23
CA MET E 407 28.30 -19.05 -52.45
C MET E 407 26.85 -19.34 -52.88
N PHE E 408 26.01 -18.29 -52.91
CA PHE E 408 24.59 -18.37 -53.29
C PHE E 408 24.32 -17.66 -54.63
N THR E 409 24.19 -18.45 -55.72
CA THR E 409 23.91 -17.91 -57.08
C THR E 409 22.44 -17.47 -57.16
N LEU E 410 22.12 -16.42 -57.96
CA LEU E 410 20.73 -15.96 -58.11
C LEU E 410 20.42 -15.52 -59.55
N ASN E 411 19.23 -15.94 -60.07
CA ASN E 411 18.74 -15.58 -61.40
C ASN E 411 17.23 -15.30 -61.39
N ALA F 56 -25.81 26.89 -27.93
CA ALA F 56 -27.24 26.61 -27.90
C ALA F 56 -27.53 25.15 -27.50
N ALA F 57 -26.59 24.23 -27.83
CA ALA F 57 -26.67 22.79 -27.54
C ALA F 57 -26.04 22.49 -26.18
N VAL F 58 -26.85 21.90 -25.28
CA VAL F 58 -26.43 21.58 -23.91
C VAL F 58 -26.26 20.06 -23.75
N GLU F 59 -25.13 19.64 -23.16
CA GLU F 59 -24.83 18.23 -22.89
C GLU F 59 -24.79 18.02 -21.37
N VAL F 60 -25.81 17.32 -20.82
CA VAL F 60 -25.94 17.07 -19.38
C VAL F 60 -25.41 15.66 -19.04
N ASP F 61 -24.36 15.61 -18.22
CA ASP F 61 -23.78 14.34 -17.79
C ASP F 61 -24.38 13.92 -16.45
N VAL F 62 -25.24 12.86 -16.46
CA VAL F 62 -25.95 12.23 -15.32
C VAL F 62 -26.80 13.27 -14.54
N SER F 63 -27.17 12.99 -13.28
CA SER F 63 -27.95 13.90 -12.45
C SER F 63 -26.99 14.99 -11.93
N ALA F 64 -26.59 15.91 -12.83
CA ALA F 64 -25.66 17.00 -12.56
C ALA F 64 -26.34 18.25 -12.01
N SER F 65 -25.61 19.01 -11.19
CA SER F 65 -26.08 20.24 -10.57
C SER F 65 -25.27 21.41 -11.13
N ILE F 66 -25.82 22.10 -12.15
CA ILE F 66 -25.18 23.27 -12.80
C ILE F 66 -26.18 24.42 -12.99
N THR F 67 -25.65 25.65 -13.22
CA THR F 67 -26.43 26.86 -13.45
C THR F 67 -26.37 27.26 -14.92
N LEU F 68 -27.49 27.78 -15.46
CA LEU F 68 -27.57 28.22 -16.85
C LEU F 68 -27.92 29.70 -16.91
N GLN F 69 -26.91 30.56 -17.15
CA GLN F 69 -27.07 32.00 -17.22
C GLN F 69 -26.61 32.58 -18.57
N VAL F 70 -27.26 33.68 -19.00
CA VAL F 70 -26.93 34.40 -20.23
C VAL F 70 -27.01 35.91 -19.96
N LEU F 71 -26.00 36.65 -20.47
CA LEU F 71 -25.88 38.09 -20.28
C LEU F 71 -25.84 38.83 -21.62
N VAL F 72 -26.56 39.98 -21.68
CA VAL F 72 -26.61 40.87 -22.85
C VAL F 72 -26.06 42.25 -22.41
N ASP F 73 -25.11 42.80 -23.21
CA ASP F 73 -24.45 44.08 -22.94
C ASP F 73 -25.41 45.28 -23.10
N ALA F 74 -26.28 45.47 -22.08
CA ALA F 74 -27.28 46.55 -21.95
C ALA F 74 -28.02 46.47 -20.59
N PRO F 75 -27.34 46.64 -19.41
CA PRO F 75 -28.07 46.53 -18.13
C PRO F 75 -28.99 47.74 -17.88
N GLY F 76 -30.29 47.45 -17.83
CA GLY F 76 -31.35 48.43 -17.61
C GLY F 76 -32.63 47.80 -17.11
N ASN F 77 -33.70 48.60 -16.91
CA ASN F 77 -35.02 48.15 -16.42
C ASN F 77 -35.74 47.32 -17.50
N ILE F 78 -35.29 46.07 -17.67
CA ILE F 78 -35.75 45.09 -18.66
C ILE F 78 -36.33 43.85 -17.90
N SER F 79 -37.41 43.22 -18.44
CA SER F 79 -38.07 42.07 -17.82
C SER F 79 -38.01 40.81 -18.68
N CYS F 80 -37.87 39.63 -18.02
CA CYS F 80 -37.80 38.31 -18.67
C CYS F 80 -39.09 37.49 -18.39
N LEU F 81 -39.14 36.27 -18.98
CA LEU F 81 -40.20 35.24 -18.85
C LEU F 81 -39.66 33.90 -19.39
N TRP F 82 -39.50 32.91 -18.49
CA TRP F 82 -38.98 31.59 -18.86
C TRP F 82 -40.09 30.72 -19.46
N VAL F 83 -39.79 30.06 -20.61
CA VAL F 83 -40.70 29.19 -21.33
C VAL F 83 -40.11 27.77 -21.40
N PHE F 84 -40.38 26.96 -20.36
CA PHE F 84 -39.89 25.59 -20.23
C PHE F 84 -40.56 24.62 -21.21
N LYS F 85 -40.16 23.33 -21.15
CA LYS F 85 -40.74 22.26 -21.94
C LYS F 85 -42.27 22.23 -21.77
N HIS F 86 -42.99 22.82 -22.75
CA HIS F 86 -44.46 22.95 -22.87
C HIS F 86 -45.12 23.40 -21.55
N SER F 87 -44.45 24.30 -20.79
CA SER F 87 -44.92 24.86 -19.52
C SER F 87 -44.27 26.22 -19.25
N SER F 88 -45.00 27.13 -18.58
CA SER F 88 -44.50 28.48 -18.26
C SER F 88 -43.71 28.55 -16.94
N LEU F 89 -42.84 29.58 -16.79
CA LEU F 89 -42.01 29.80 -15.59
C LEU F 89 -41.63 31.28 -15.37
N ASN F 90 -41.72 31.74 -14.09
CA ASN F 90 -41.43 33.11 -13.64
C ASN F 90 -39.93 33.34 -13.39
N CYS F 91 -39.45 34.59 -13.54
CA CYS F 91 -38.03 34.94 -13.35
C CYS F 91 -37.84 36.32 -12.69
N GLN F 92 -36.68 36.47 -12.03
CA GLN F 92 -36.18 37.67 -11.36
C GLN F 92 -34.63 37.65 -11.49
N PRO F 93 -34.06 38.38 -12.47
CA PRO F 93 -32.61 38.30 -12.71
C PRO F 93 -31.76 39.42 -12.10
N HIS F 94 -30.52 39.60 -12.63
CA HIS F 94 -29.57 40.63 -12.22
C HIS F 94 -29.29 41.60 -13.38
N PHE F 95 -28.83 42.85 -13.08
CA PHE F 95 -28.52 43.87 -14.09
C PHE F 95 -27.00 44.03 -14.31
N GLY F 101 -27.24 43.21 -18.56
CA GLY F 101 -28.18 42.41 -17.77
C GLY F 101 -27.96 40.92 -17.94
N VAL F 102 -28.01 40.18 -16.83
CA VAL F 102 -27.81 38.73 -16.83
C VAL F 102 -28.97 37.99 -16.15
N VAL F 103 -29.57 37.04 -16.91
CA VAL F 103 -30.69 36.18 -16.46
C VAL F 103 -30.20 34.74 -16.27
N SER F 104 -30.84 33.97 -15.36
CA SER F 104 -30.42 32.60 -15.08
C SER F 104 -31.52 31.64 -14.62
N MET F 105 -31.31 30.34 -14.91
CA MET F 105 -32.10 29.16 -14.51
C MET F 105 -31.12 28.09 -14.09
N VAL F 106 -30.99 27.88 -12.77
CA VAL F 106 -30.07 26.91 -12.17
C VAL F 106 -30.81 25.61 -11.85
N ILE F 107 -30.10 24.48 -11.90
CA ILE F 107 -30.68 23.16 -11.63
C ILE F 107 -29.74 22.28 -10.80
N LEU F 108 -30.32 21.61 -9.79
CA LEU F 108 -29.64 20.67 -8.92
C LEU F 108 -30.19 19.27 -9.23
N LYS F 109 -29.33 18.38 -9.79
CA LYS F 109 -29.62 17.01 -10.24
C LYS F 109 -30.66 17.03 -11.38
N MET F 110 -30.18 17.27 -12.62
CA MET F 110 -31.03 17.36 -13.81
C MET F 110 -31.54 15.97 -14.25
N THR F 111 -32.78 15.62 -13.84
CA THR F 111 -33.45 14.36 -14.17
C THR F 111 -33.80 14.32 -15.66
N GLU F 112 -34.06 13.13 -16.24
CA GLU F 112 -34.44 12.96 -17.65
C GLU F 112 -35.73 13.74 -17.96
N THR F 113 -36.49 14.08 -16.89
CA THR F 113 -37.69 14.89 -16.92
C THR F 113 -37.29 16.35 -17.12
N GLN F 114 -36.29 16.83 -16.34
CA GLN F 114 -35.76 18.19 -16.38
C GLN F 114 -34.71 18.34 -17.51
N ALA F 115 -35.15 18.17 -18.78
CA ALA F 115 -34.33 18.25 -20.00
C ALA F 115 -35.20 18.50 -21.24
N GLY F 116 -34.65 19.21 -22.23
CA GLY F 116 -35.36 19.51 -23.48
C GLY F 116 -35.37 20.96 -23.92
N GLU F 117 -36.50 21.41 -24.52
CA GLU F 117 -36.67 22.77 -25.05
C GLU F 117 -36.95 23.76 -23.91
N TYR F 118 -35.99 24.69 -23.67
CA TYR F 118 -36.11 25.74 -22.64
C TYR F 118 -35.80 27.13 -23.26
N LEU F 119 -36.85 27.95 -23.43
CA LEU F 119 -36.78 29.29 -24.01
C LEU F 119 -36.82 30.38 -22.94
N LEU F 120 -36.38 31.60 -23.27
CA LEU F 120 -36.36 32.75 -22.36
C LEU F 120 -36.63 34.04 -23.15
N PHE F 121 -37.88 34.58 -23.04
CA PHE F 121 -38.30 35.79 -23.74
C PHE F 121 -38.06 37.03 -22.87
N ILE F 122 -37.53 38.12 -23.47
CA ILE F 122 -37.18 39.37 -22.78
C ILE F 122 -37.88 40.58 -23.46
N GLN F 123 -38.07 41.67 -22.69
CA GLN F 123 -38.66 42.93 -23.14
C GLN F 123 -38.00 44.11 -22.41
N SER F 124 -37.53 45.15 -23.16
CA SER F 124 -36.84 46.34 -22.64
C SER F 124 -37.74 47.21 -21.72
N THR F 127 -37.41 47.11 -27.00
CA THR F 127 -36.91 45.80 -27.42
C THR F 127 -37.82 44.66 -26.94
N ASN F 128 -37.89 43.59 -27.73
CA ASN F 128 -38.66 42.37 -27.48
C ASN F 128 -37.86 41.17 -28.05
N TYR F 129 -36.97 40.59 -27.22
CA TYR F 129 -36.06 39.48 -27.57
C TYR F 129 -36.60 38.10 -27.12
N THR F 130 -35.97 37.01 -27.63
CA THR F 130 -36.30 35.61 -27.31
C THR F 130 -35.07 34.69 -27.53
N ILE F 131 -34.76 33.86 -26.51
CA ILE F 131 -33.65 32.89 -26.50
C ILE F 131 -34.22 31.45 -26.41
N LEU F 132 -33.47 30.43 -26.91
CA LEU F 132 -33.88 29.03 -26.88
C LEU F 132 -32.67 28.12 -26.69
N PHE F 133 -32.79 27.12 -25.79
CA PHE F 133 -31.73 26.16 -25.48
C PHE F 133 -32.22 24.71 -25.59
N THR F 134 -31.37 23.83 -26.16
CA THR F 134 -31.70 22.40 -26.32
C THR F 134 -30.87 21.58 -25.32
N VAL F 135 -31.50 21.17 -24.20
CA VAL F 135 -30.85 20.40 -23.12
C VAL F 135 -30.97 18.89 -23.42
N SER F 136 -29.82 18.29 -23.76
CA SER F 136 -29.66 16.86 -24.05
C SER F 136 -28.95 16.16 -22.89
N ILE F 137 -28.85 14.82 -22.92
CA ILE F 137 -28.23 14.02 -21.86
C ILE F 137 -27.05 13.17 -22.45
N ARG F 138 -26.03 12.85 -21.61
CA ARG F 138 -24.79 12.15 -21.96
C ARG F 138 -24.98 10.63 -22.22
N ASN F 139 -25.76 10.32 -23.27
CA ASN F 139 -25.96 8.95 -23.76
C ASN F 139 -24.68 8.52 -24.46
N THR F 140 -23.84 9.52 -24.81
CA THR F 140 -22.54 9.41 -25.47
C THR F 140 -21.43 9.92 -24.55
N LEU F 141 -20.30 9.16 -24.49
CA LEU F 141 -19.09 9.45 -23.70
C LEU F 141 -17.86 9.27 -24.59
N LEU F 142 -17.52 10.33 -25.38
CA LEU F 142 -16.42 10.36 -26.36
C LEU F 142 -15.05 10.19 -25.73
N TYR F 143 -14.18 9.35 -26.36
CA TYR F 143 -12.81 9.05 -25.92
C TYR F 143 -11.90 10.27 -26.12
N THR F 144 -10.93 10.50 -25.19
CA THR F 144 -9.99 11.67 -25.18
C THR F 144 -8.72 11.43 -24.34
N LEU F 145 -7.77 12.40 -24.37
CA LEU F 145 -6.51 12.37 -23.61
C LEU F 145 -5.96 13.81 -23.41
N ARG F 146 -6.59 14.55 -22.48
CA ARG F 146 -6.19 15.92 -22.14
C ARG F 146 -5.04 15.89 -21.13
N ARG F 147 -3.91 16.48 -21.56
CA ARG F 147 -2.63 16.61 -20.88
C ARG F 147 -2.76 16.97 -19.37
N PRO F 148 -1.82 16.53 -18.51
CA PRO F 148 -1.92 16.84 -17.07
C PRO F 148 -1.88 18.32 -16.69
N TYR F 149 -2.61 18.68 -15.64
CA TYR F 149 -2.68 20.02 -15.03
C TYR F 149 -2.21 19.89 -13.60
N PHE F 150 -1.91 21.00 -12.90
CA PHE F 150 -1.43 20.88 -11.52
C PHE F 150 -2.27 21.67 -10.52
N ARG F 151 -2.33 21.15 -9.28
CA ARG F 151 -3.05 21.80 -8.20
C ARG F 151 -2.37 21.46 -6.89
N LYS F 152 -2.04 22.50 -6.09
CA LYS F 152 -1.39 22.31 -4.79
C LYS F 152 -2.40 21.86 -3.76
N MET F 153 -2.21 20.64 -3.16
CA MET F 153 -3.11 20.10 -2.14
C MET F 153 -3.24 21.13 -1.01
N GLU F 154 -4.49 21.48 -0.69
CA GLU F 154 -4.83 22.49 0.32
C GLU F 154 -4.43 22.04 1.71
N ASN F 155 -4.34 20.71 1.92
CA ASN F 155 -3.98 20.06 3.18
C ASN F 155 -2.54 20.40 3.60
N GLN F 156 -1.55 20.07 2.76
CA GLN F 156 -0.15 20.31 3.11
C GLN F 156 0.69 20.93 1.95
N ASP F 157 2.03 20.89 2.10
CA ASP F 157 3.04 21.35 1.14
C ASP F 157 3.39 20.18 0.18
N ALA F 158 2.49 19.95 -0.80
CA ALA F 158 2.58 18.90 -1.82
C ALA F 158 1.71 19.25 -3.06
N LEU F 159 2.12 18.76 -4.24
CA LEU F 159 1.43 19.00 -5.50
C LEU F 159 0.60 17.77 -5.95
N VAL F 160 -0.44 18.00 -6.78
CA VAL F 160 -1.36 16.96 -7.29
C VAL F 160 -1.58 17.11 -8.80
N CYS F 161 -1.47 15.97 -9.53
CA CYS F 161 -1.60 15.87 -10.99
C CYS F 161 -3.05 15.55 -11.43
N ILE F 162 -3.70 16.53 -12.08
CA ILE F 162 -5.08 16.51 -12.60
C ILE F 162 -5.03 16.32 -14.14
N SER F 163 -5.02 15.05 -14.60
CA SER F 163 -4.99 14.71 -16.03
C SER F 163 -6.34 14.14 -16.45
N GLU F 164 -6.98 14.69 -17.52
CA GLU F 164 -8.30 14.17 -17.91
C GLU F 164 -8.18 13.26 -19.13
N SER F 165 -9.07 12.26 -19.25
CA SER F 165 -9.04 11.32 -20.38
C SER F 165 -10.16 10.30 -20.34
N VAL F 166 -10.52 9.79 -21.53
CA VAL F 166 -11.51 8.74 -21.76
C VAL F 166 -10.85 7.69 -22.68
N PRO F 167 -10.38 6.51 -22.19
CA PRO F 167 -10.49 5.95 -20.81
C PRO F 167 -9.66 6.70 -19.77
N GLU F 168 -10.01 6.54 -18.46
CA GLU F 168 -9.27 7.14 -17.33
C GLU F 168 -7.80 6.67 -17.36
N PRO F 169 -6.80 7.57 -17.20
CA PRO F 169 -5.41 7.14 -17.39
C PRO F 169 -4.61 6.89 -16.12
N ILE F 170 -3.41 6.32 -16.32
CA ILE F 170 -2.38 6.08 -15.30
C ILE F 170 -1.70 7.41 -15.10
N VAL F 171 -1.76 7.95 -13.87
CA VAL F 171 -1.14 9.23 -13.55
C VAL F 171 0.15 8.94 -12.76
N GLU F 172 1.32 9.13 -13.42
CA GLU F 172 2.63 8.85 -12.82
C GLU F 172 3.54 10.07 -12.82
N TRP F 173 4.10 10.36 -11.62
CA TRP F 173 5.05 11.45 -11.43
C TRP F 173 6.45 10.92 -11.70
N VAL F 174 7.24 11.58 -12.55
CA VAL F 174 8.60 11.11 -12.84
C VAL F 174 9.59 12.23 -12.52
N LEU F 175 10.47 11.97 -11.54
CA LEU F 175 11.54 12.87 -11.12
C LEU F 175 12.86 12.29 -11.62
N CYS F 176 13.45 12.95 -12.63
CA CYS F 176 14.69 12.49 -13.26
C CYS F 176 15.95 13.15 -12.64
N VAL F 190 16.71 8.40 -13.82
CA VAL F 190 15.31 8.79 -13.68
C VAL F 190 14.60 7.89 -12.69
N VAL F 191 13.55 8.41 -12.04
CA VAL F 191 12.77 7.65 -11.08
C VAL F 191 11.29 7.91 -11.27
N LYS F 192 10.52 6.84 -11.45
CA LYS F 192 9.08 6.92 -11.65
C LYS F 192 8.36 6.57 -10.35
N LYS F 193 7.34 7.37 -10.00
CA LYS F 193 6.51 7.20 -8.83
C LYS F 193 5.06 7.50 -9.20
N GLU F 194 4.30 6.44 -9.54
CA GLU F 194 2.88 6.54 -9.90
C GLU F 194 2.06 6.73 -8.62
N GLU F 195 1.65 7.98 -8.30
CA GLU F 195 0.93 8.29 -7.07
C GLU F 195 -0.20 9.32 -7.24
N LYS F 196 -0.17 10.13 -8.34
CA LYS F 196 -1.11 11.23 -8.66
C LYS F 196 -0.98 12.41 -7.69
N VAL F 197 -0.30 12.17 -6.53
CA VAL F 197 -0.01 13.16 -5.49
C VAL F 197 1.48 13.06 -5.13
N LEU F 198 2.25 14.11 -5.45
CA LEU F 198 3.69 14.17 -5.21
C LEU F 198 3.98 15.05 -4.00
N HIS F 199 4.78 14.54 -3.05
CA HIS F 199 5.16 15.29 -1.86
C HIS F 199 6.67 15.58 -1.86
N GLU F 200 7.48 14.73 -2.50
CA GLU F 200 8.94 14.91 -2.60
C GLU F 200 9.29 15.72 -3.86
N LEU F 201 8.84 17.00 -3.89
CA LEU F 201 8.97 17.96 -4.99
C LEU F 201 10.40 18.51 -5.21
N PHE F 202 11.37 18.09 -4.40
CA PHE F 202 12.71 18.66 -4.48
C PHE F 202 13.53 18.22 -5.68
N GLY F 203 14.04 19.23 -6.38
CA GLY F 203 14.93 19.20 -7.54
C GLY F 203 14.69 18.21 -8.67
N THR F 204 15.77 17.94 -9.45
CA THR F 204 15.84 17.03 -10.61
C THR F 204 14.89 17.54 -11.73
N ASP F 205 14.46 16.65 -12.66
CA ASP F 205 13.54 17.01 -13.75
C ASP F 205 12.17 16.37 -13.49
N ILE F 206 11.25 17.15 -12.89
CA ILE F 206 9.92 16.70 -12.49
C ILE F 206 8.89 16.89 -13.63
N ARG F 207 8.23 15.79 -13.99
CA ARG F 207 7.24 15.78 -15.06
C ARG F 207 6.15 14.76 -14.77
N CYS F 208 4.88 15.15 -14.93
CA CYS F 208 3.77 14.20 -14.72
C CYS F 208 3.35 13.65 -16.07
N CYS F 209 2.98 12.36 -16.09
CA CYS F 209 2.58 11.69 -17.30
C CYS F 209 1.27 10.94 -17.15
N ALA F 210 0.36 11.17 -18.11
CA ALA F 210 -0.92 10.49 -18.19
C ALA F 210 -0.83 9.41 -19.29
N ARG F 211 -1.30 8.17 -19.01
CA ARG F 211 -1.23 7.07 -19.97
C ARG F 211 -2.53 6.26 -19.98
N ASN F 212 -3.25 6.29 -21.10
CA ASN F 212 -4.49 5.53 -21.27
C ASN F 212 -4.42 4.70 -22.59
N GLU F 213 -5.58 4.29 -23.12
CA GLU F 213 -5.70 3.53 -24.37
C GLU F 213 -5.13 4.34 -25.53
N LEU F 214 -5.43 5.65 -25.56
CA LEU F 214 -4.98 6.58 -26.60
C LEU F 214 -3.46 6.67 -26.61
N GLY F 215 -2.86 6.90 -25.44
CA GLY F 215 -1.41 7.01 -25.32
C GLY F 215 -0.93 7.72 -24.07
N ARG F 216 0.25 8.40 -24.15
CA ARG F 216 0.84 9.12 -23.01
C ARG F 216 1.15 10.58 -23.33
N GLU F 217 0.41 11.51 -22.67
CA GLU F 217 0.57 12.98 -22.76
C GLU F 217 1.18 13.47 -21.43
N CYS F 218 2.26 14.25 -21.52
CA CYS F 218 2.97 14.69 -20.31
C CYS F 218 3.07 16.17 -20.18
N THR F 219 2.99 16.65 -18.94
CA THR F 219 3.15 18.06 -18.62
C THR F 219 4.29 18.13 -17.63
N ARG F 220 5.40 18.76 -18.05
CA ARG F 220 6.62 18.95 -17.25
C ARG F 220 6.49 20.19 -16.41
N LEU F 221 6.88 20.10 -15.13
CA LEU F 221 6.79 21.25 -14.24
C LEU F 221 7.91 22.19 -14.56
N PHE F 222 7.55 23.44 -14.93
CA PHE F 222 8.53 24.45 -15.31
C PHE F 222 9.42 24.78 -14.13
N THR F 223 10.73 24.60 -14.30
CA THR F 223 11.68 24.83 -13.24
C THR F 223 12.71 25.90 -13.62
N ILE F 224 13.16 26.65 -12.61
CA ILE F 224 14.19 27.70 -12.68
C ILE F 224 15.19 27.37 -11.60
N ASP F 225 16.32 26.73 -11.98
CA ASP F 225 17.34 26.36 -11.00
C ASP F 225 18.38 27.46 -10.93
N LEU F 226 18.34 28.26 -9.85
CA LEU F 226 19.30 29.35 -9.62
C LEU F 226 20.65 28.78 -9.27
N ASN F 227 20.65 27.58 -8.65
CA ASN F 227 21.85 26.83 -8.28
C ASN F 227 22.60 26.40 -9.52
N GLN F 228 21.86 25.98 -10.59
CA GLN F 228 22.38 25.51 -11.88
C GLN F 228 22.85 26.65 -12.82
N THR F 229 23.58 26.26 -13.90
CA THR F 229 24.10 27.14 -14.94
C THR F 229 22.96 27.81 -15.74
N PRO F 230 23.15 29.06 -16.25
CA PRO F 230 22.05 29.72 -16.97
C PRO F 230 21.93 29.28 -18.42
N GLN F 231 20.67 29.09 -18.86
CA GLN F 231 20.26 28.71 -20.22
C GLN F 231 20.27 29.97 -21.10
N THR F 232 21.40 30.25 -21.81
CA THR F 232 21.56 31.45 -22.65
C THR F 232 20.54 31.49 -23.81
N THR F 233 19.26 31.69 -23.46
CA THR F 233 18.09 31.73 -24.37
C THR F 233 16.91 32.54 -23.74
N LEU F 234 16.94 32.80 -22.40
CA LEU F 234 15.91 33.50 -21.60
C LEU F 234 14.55 32.82 -21.83
N PRO F 235 14.31 31.67 -21.17
CA PRO F 235 13.10 30.86 -21.44
C PRO F 235 11.75 31.58 -21.60
N GLN F 236 10.99 31.15 -22.63
CA GLN F 236 9.65 31.62 -22.97
C GLN F 236 8.66 30.50 -22.63
N LEU F 237 7.64 30.82 -21.81
CA LEU F 237 6.59 29.90 -21.36
C LEU F 237 5.25 30.28 -21.99
N PHE F 238 4.67 29.39 -22.80
CA PHE F 238 3.38 29.68 -23.43
C PHE F 238 2.26 28.84 -22.82
N LEU F 239 1.05 29.44 -22.69
CA LEU F 239 -0.14 28.71 -22.17
C LEU F 239 -1.45 29.45 -22.53
N LYS F 240 -2.53 28.67 -22.81
CA LYS F 240 -3.84 29.20 -23.21
C LYS F 240 -4.58 29.84 -22.03
N VAL F 241 -5.19 31.03 -22.27
CA VAL F 241 -5.94 31.77 -21.22
C VAL F 241 -6.95 30.83 -20.52
N GLY F 242 -6.84 30.72 -19.20
CA GLY F 242 -7.68 29.87 -18.35
C GLY F 242 -6.91 28.72 -17.73
N GLU F 243 -5.78 28.31 -18.37
CA GLU F 243 -4.89 27.22 -17.92
C GLU F 243 -4.10 27.64 -16.65
N PRO F 244 -3.64 26.69 -15.80
CA PRO F 244 -2.94 27.08 -14.58
C PRO F 244 -1.41 27.21 -14.76
N LEU F 245 -0.87 28.38 -14.39
CA LEU F 245 0.57 28.62 -14.51
C LEU F 245 1.31 28.04 -13.33
N TRP F 246 2.46 27.40 -13.58
CA TRP F 246 3.27 26.79 -12.55
C TRP F 246 4.76 26.97 -12.82
N ILE F 247 5.45 27.69 -11.91
CA ILE F 247 6.87 27.96 -12.04
C ILE F 247 7.59 27.70 -10.71
N ARG F 248 8.37 26.60 -10.63
CA ARG F 248 9.12 26.26 -9.42
C ARG F 248 10.49 26.84 -9.47
N CYS F 249 10.87 27.57 -8.45
CA CYS F 249 12.18 28.13 -8.40
C CYS F 249 12.99 27.44 -7.34
N LYS F 250 14.02 26.69 -7.76
CA LYS F 250 14.87 25.92 -6.83
C LYS F 250 16.25 26.52 -6.69
N ALA F 251 16.72 26.61 -5.46
CA ALA F 251 18.06 27.15 -5.20
C ALA F 251 18.73 26.35 -4.14
N VAL F 252 19.99 25.99 -4.35
CA VAL F 252 20.71 25.20 -3.38
C VAL F 252 21.82 26.03 -2.80
N HIS F 253 21.89 26.09 -1.48
CA HIS F 253 22.93 26.84 -0.80
C HIS F 253 23.54 26.02 0.32
N VAL F 254 24.81 26.33 0.71
CA VAL F 254 25.61 25.69 1.77
C VAL F 254 24.90 25.76 3.14
N ASN F 255 24.68 26.99 3.67
CA ASN F 255 23.98 27.24 4.93
C ASN F 255 22.49 27.49 4.62
N HIS F 256 21.63 27.49 5.63
CA HIS F 256 20.19 27.74 5.42
C HIS F 256 19.90 29.24 5.22
N GLY F 257 20.92 30.05 5.52
CA GLY F 257 20.86 31.50 5.44
C GLY F 257 20.81 32.02 4.01
N PHE F 258 19.60 32.06 3.46
CA PHE F 258 19.26 32.57 2.13
C PHE F 258 17.76 32.46 1.93
N GLY F 259 17.22 33.43 1.20
CA GLY F 259 15.80 33.50 0.86
C GLY F 259 15.57 33.48 -0.63
N LEU F 260 14.31 33.43 -1.06
CA LEU F 260 13.92 33.44 -2.46
C LEU F 260 12.74 34.36 -2.68
N THR F 261 12.66 35.03 -3.85
CA THR F 261 11.58 35.96 -4.15
C THR F 261 11.21 35.95 -5.59
N TRP F 262 9.91 36.13 -5.84
CA TRP F 262 9.28 36.18 -7.16
C TRP F 262 8.83 37.61 -7.52
N GLU F 263 9.03 38.01 -8.81
CA GLU F 263 8.63 39.33 -9.31
C GLU F 263 8.22 39.30 -10.79
N LEU F 264 7.30 40.20 -11.22
CA LEU F 264 6.90 40.41 -12.63
C LEU F 264 7.30 41.85 -13.03
N GLU F 265 7.60 42.07 -14.35
CA GLU F 265 7.99 43.37 -14.90
C GLU F 265 6.96 44.47 -14.55
N ASN F 266 7.32 45.32 -13.56
CA ASN F 266 6.55 46.44 -13.01
C ASN F 266 5.19 46.00 -12.36
N LYS F 267 5.12 44.78 -11.78
CA LYS F 267 3.92 44.27 -11.08
C LYS F 267 4.33 43.26 -9.98
N ALA F 268 3.82 43.45 -8.74
CA ALA F 268 4.12 42.65 -7.53
C ALA F 268 3.40 41.29 -7.52
N LEU F 269 4.01 40.26 -6.87
CA LEU F 269 3.32 38.97 -6.89
C LEU F 269 2.33 38.80 -5.75
N GLU F 270 1.09 38.37 -6.15
CA GLU F 270 -0.08 38.10 -5.31
C GLU F 270 0.24 37.07 -4.21
N GLU F 271 -0.32 37.29 -2.98
CA GLU F 271 -0.13 36.45 -1.79
C GLU F 271 -0.63 35.01 -2.01
N GLY F 272 -1.70 34.86 -2.80
CA GLY F 272 -2.28 33.57 -3.18
C GLY F 272 -1.76 33.10 -4.54
N ASN F 273 -0.48 33.37 -4.79
CA ASN F 273 0.21 33.02 -6.02
C ASN F 273 1.67 32.56 -5.70
N TYR F 274 1.99 32.34 -4.40
CA TYR F 274 3.34 31.92 -3.96
C TYR F 274 3.28 30.88 -2.81
N PHE F 275 4.30 29.96 -2.75
CA PHE F 275 4.46 28.91 -1.71
C PHE F 275 5.93 28.46 -1.56
N GLU F 276 6.40 28.36 -0.30
CA GLU F 276 7.79 28.02 0.01
C GLU F 276 7.96 26.72 0.81
N MET F 277 8.78 25.81 0.27
CA MET F 277 9.17 24.53 0.87
C MET F 277 10.68 24.47 1.03
N SER F 278 11.17 23.71 2.00
CA SER F 278 12.60 23.64 2.23
C SER F 278 13.01 22.31 2.85
N THR F 279 14.19 21.75 2.45
CA THR F 279 14.72 20.53 3.09
C THR F 279 16.26 20.57 3.08
N TYR F 280 16.89 19.58 3.72
CA TYR F 280 18.34 19.51 3.81
C TYR F 280 18.94 18.47 2.85
N SER F 281 20.17 18.74 2.39
CA SER F 281 20.94 17.91 1.46
C SER F 281 22.34 17.62 2.00
N THR F 282 22.99 16.56 1.45
CA THR F 282 24.34 16.04 1.69
C THR F 282 24.94 16.53 3.04
N ASN F 283 26.06 17.28 3.02
CA ASN F 283 26.68 17.73 4.26
C ASN F 283 26.11 19.10 4.67
N ARG F 284 24.98 19.03 5.42
CA ARG F 284 24.18 20.12 6.01
C ARG F 284 23.84 21.24 5.00
N THR F 285 23.58 20.87 3.74
CA THR F 285 23.17 21.76 2.63
C THR F 285 21.67 22.06 2.79
N MET F 286 21.18 23.16 2.18
CA MET F 286 19.75 23.52 2.23
C MET F 286 19.25 23.83 0.82
N ILE F 287 18.14 23.17 0.47
CA ILE F 287 17.48 23.37 -0.82
C ILE F 287 16.19 24.10 -0.53
N ARG F 288 15.88 25.13 -1.33
CA ARG F 288 14.65 25.91 -1.20
C ARG F 288 13.84 25.91 -2.51
N ILE F 289 12.53 25.66 -2.39
CA ILE F 289 11.57 25.67 -3.49
C ILE F 289 10.60 26.81 -3.27
N LEU F 290 10.64 27.85 -4.10
CA LEU F 290 9.69 28.96 -3.98
C LEU F 290 8.88 28.99 -5.25
N PHE F 291 7.81 28.19 -5.32
CA PHE F 291 7.06 28.15 -6.58
C PHE F 291 5.95 29.19 -6.62
N ALA F 292 5.66 29.65 -7.82
CA ALA F 292 4.60 30.60 -8.10
C ALA F 292 3.56 29.90 -8.94
N PHE F 293 2.28 30.23 -8.72
CA PHE F 293 1.19 29.59 -9.46
C PHE F 293 0.02 30.54 -9.73
N VAL F 294 -0.67 30.31 -10.86
CA VAL F 294 -1.89 31.04 -11.24
C VAL F 294 -2.98 29.99 -11.41
N SER F 295 -4.13 30.18 -10.74
CA SER F 295 -5.27 29.25 -10.78
C SER F 295 -5.78 29.12 -12.21
N SER F 296 -6.15 30.25 -12.80
CA SER F 296 -6.62 30.36 -14.18
C SER F 296 -5.99 31.60 -14.76
N VAL F 297 -5.12 31.46 -15.80
CA VAL F 297 -4.42 32.58 -16.42
C VAL F 297 -5.35 33.44 -17.29
N ALA F 298 -4.89 34.66 -17.63
CA ALA F 298 -5.56 35.64 -18.48
C ALA F 298 -4.49 36.54 -19.14
N ARG F 299 -4.91 37.58 -19.91
CA ARG F 299 -3.98 38.52 -20.54
C ARG F 299 -3.20 39.29 -19.47
N ASN F 300 -3.88 39.60 -18.33
CA ASN F 300 -3.39 40.26 -17.11
C ASN F 300 -2.09 39.64 -16.56
N ASP F 301 -2.03 38.28 -16.52
CA ASP F 301 -0.97 37.44 -15.95
C ASP F 301 0.23 37.19 -16.92
N THR F 302 0.09 37.49 -18.24
CA THR F 302 1.19 37.37 -19.21
C THR F 302 2.27 38.42 -18.89
N GLY F 303 3.55 38.03 -18.89
CA GLY F 303 4.68 38.93 -18.60
C GLY F 303 5.99 38.26 -18.20
N TYR F 304 7.06 39.07 -18.01
CA TYR F 304 8.40 38.57 -17.64
C TYR F 304 8.51 38.36 -16.12
N TYR F 305 8.59 37.08 -15.70
CA TYR F 305 8.73 36.65 -14.30
C TYR F 305 10.18 36.38 -13.96
N THR F 306 10.58 36.75 -12.76
CA THR F 306 11.96 36.55 -12.33
C THR F 306 12.04 36.10 -10.90
N CYS F 307 13.01 35.19 -10.67
CA CYS F 307 13.28 34.64 -9.36
C CYS F 307 14.67 35.06 -8.89
N SER F 308 14.75 35.65 -7.69
CA SER F 308 16.02 36.10 -7.12
C SER F 308 16.22 35.52 -5.72
N SER F 309 17.46 35.11 -5.40
CA SER F 309 17.78 34.55 -4.09
C SER F 309 18.82 35.36 -3.33
N SER F 310 18.64 35.43 -2.00
CA SER F 310 19.51 36.15 -1.05
C SER F 310 20.83 35.39 -0.81
N LYS F 311 21.46 34.91 -1.90
CA LYS F 311 22.73 34.19 -2.01
C LYS F 311 22.87 33.58 -3.41
N HIS F 312 22.04 34.06 -4.40
CA HIS F 312 22.05 33.53 -5.78
C HIS F 312 21.70 34.59 -6.86
N PRO F 313 22.08 34.39 -8.15
CA PRO F 313 21.76 35.39 -9.19
C PRO F 313 20.33 35.26 -9.74
N SER F 314 19.65 36.41 -9.90
CA SER F 314 18.27 36.51 -10.38
C SER F 314 18.09 36.03 -11.83
N GLN F 315 17.51 34.80 -12.02
CA GLN F 315 17.25 34.21 -13.36
C GLN F 315 15.76 34.39 -13.72
N SER F 316 15.49 34.63 -15.00
CA SER F 316 14.12 34.94 -15.39
C SER F 316 13.61 34.12 -16.56
N ALA F 317 12.28 34.23 -16.80
CA ALA F 317 11.50 33.58 -17.86
C ALA F 317 10.23 34.37 -18.18
N LEU F 318 9.90 34.56 -19.46
CA LEU F 318 8.71 35.33 -19.82
C LEU F 318 7.55 34.43 -20.14
N VAL F 319 6.35 34.83 -19.70
CA VAL F 319 5.09 34.12 -19.86
C VAL F 319 4.24 34.79 -20.96
N THR F 320 3.98 34.01 -22.01
CA THR F 320 3.19 34.35 -23.19
C THR F 320 1.86 33.62 -23.15
N ILE F 321 0.80 34.39 -23.16
CA ILE F 321 -0.54 33.85 -23.14
C ILE F 321 -0.96 33.63 -24.61
N VAL F 322 -1.64 32.52 -24.89
CA VAL F 322 -2.08 32.20 -26.26
C VAL F 322 -3.61 31.97 -26.29
N GLU F 323 -4.19 32.30 -27.46
CA GLU F 323 -5.61 32.16 -27.76
C GLU F 323 -5.88 30.78 -28.36
N LYS F 324 -5.04 30.35 -29.30
CA LYS F 324 -5.14 29.05 -29.96
C LYS F 324 -3.77 28.39 -30.03
N GLY F 325 -3.78 27.06 -30.19
CA GLY F 325 -2.58 26.23 -30.33
C GLY F 325 -1.85 26.53 -31.62
N PHE F 326 -0.53 26.40 -31.62
CA PHE F 326 0.27 26.72 -32.80
C PHE F 326 1.41 25.75 -33.05
N ILE F 327 1.88 25.70 -34.31
CA ILE F 327 3.01 24.92 -34.78
C ILE F 327 3.84 25.80 -35.70
N ASN F 328 5.05 26.17 -35.27
CA ASN F 328 5.95 26.97 -36.11
C ASN F 328 7.12 26.08 -36.49
N ALA F 329 7.15 25.74 -37.77
CA ALA F 329 8.18 24.90 -38.36
C ALA F 329 8.37 25.36 -39.80
N THR F 330 9.65 25.52 -40.19
CA THR F 330 10.08 25.98 -41.52
C THR F 330 9.62 24.97 -42.58
N ASN F 331 8.33 25.03 -42.94
CA ASN F 331 7.77 24.14 -43.94
C ASN F 331 8.13 24.65 -45.31
N SER F 332 8.83 23.82 -46.08
CA SER F 332 9.25 24.19 -47.41
C SER F 332 9.11 23.04 -48.37
N SER F 333 8.98 21.81 -47.85
CA SER F 333 8.92 20.56 -48.59
C SER F 333 10.27 20.40 -49.30
N GLU F 334 11.23 19.82 -48.55
CA GLU F 334 12.63 19.68 -48.97
C GLU F 334 12.91 18.39 -49.76
N ASP F 335 13.81 18.48 -50.76
CA ASP F 335 14.20 17.35 -51.60
C ASP F 335 15.63 16.89 -51.25
N TYR F 336 15.85 15.56 -51.20
CA TYR F 336 17.11 14.89 -50.85
C TYR F 336 17.43 13.72 -51.80
N GLU F 337 18.70 13.24 -51.77
CA GLU F 337 19.18 12.12 -52.59
C GLU F 337 20.46 11.51 -52.01
N ILE F 338 20.47 10.17 -51.81
CA ILE F 338 21.66 9.46 -51.29
C ILE F 338 21.76 8.02 -51.81
N ASP F 339 23.01 7.50 -51.83
CA ASP F 339 23.38 6.16 -52.26
C ASP F 339 23.46 5.21 -51.07
N GLN F 340 22.81 4.02 -51.17
CA GLN F 340 22.73 2.95 -50.16
C GLN F 340 24.13 2.49 -49.73
N TYR F 341 24.77 3.38 -48.97
CA TYR F 341 26.11 3.27 -48.40
C TYR F 341 26.31 4.41 -47.38
N GLU F 342 25.40 5.42 -47.40
CA GLU F 342 25.44 6.60 -46.52
C GLU F 342 24.48 6.45 -45.31
N GLU F 343 24.94 6.87 -44.10
CA GLU F 343 24.18 6.86 -42.85
C GLU F 343 23.53 8.24 -42.65
N PHE F 344 22.18 8.33 -42.79
CA PHE F 344 21.42 9.59 -42.73
C PHE F 344 20.07 9.51 -41.97
N CYS F 345 19.68 10.65 -41.37
CA CYS F 345 18.45 10.86 -40.63
C CYS F 345 17.77 12.16 -41.04
N PHE F 346 16.48 12.08 -41.44
CA PHE F 346 15.62 13.23 -41.76
C PHE F 346 15.35 14.01 -40.50
N SER F 347 15.31 15.34 -40.59
CA SER F 347 15.07 16.17 -39.41
C SER F 347 13.97 17.23 -39.62
N VAL F 348 13.37 17.73 -38.51
CA VAL F 348 12.35 18.80 -38.51
C VAL F 348 12.40 19.54 -37.18
N ARG F 349 12.84 20.80 -37.23
CA ARG F 349 12.90 21.64 -36.03
C ARG F 349 11.60 22.44 -35.95
N PHE F 350 11.00 22.49 -34.76
CA PHE F 350 9.72 23.18 -34.57
C PHE F 350 9.52 23.71 -33.16
N LYS F 351 8.94 24.90 -33.06
CA LYS F 351 8.55 25.49 -31.80
C LYS F 351 7.03 25.45 -31.85
N ALA F 352 6.42 24.55 -31.06
CA ALA F 352 4.96 24.35 -31.07
C ALA F 352 4.37 24.13 -29.68
N TYR F 353 3.13 24.63 -29.45
CA TYR F 353 2.42 24.45 -28.17
C TYR F 353 0.91 24.26 -28.42
N PRO F 354 0.24 23.27 -27.77
CA PRO F 354 0.78 22.28 -26.81
C PRO F 354 1.59 21.20 -27.52
N GLN F 355 2.29 20.34 -26.75
CA GLN F 355 3.08 19.22 -27.29
C GLN F 355 2.29 18.53 -28.41
N ILE F 356 2.87 18.48 -29.61
CA ILE F 356 2.20 17.97 -30.82
C ILE F 356 2.30 16.44 -30.97
N ARG F 357 1.28 15.85 -31.62
CA ARG F 357 1.22 14.45 -31.99
C ARG F 357 1.76 14.36 -33.41
N CYS F 358 2.88 13.67 -33.57
CA CYS F 358 3.56 13.60 -34.86
C CYS F 358 3.45 12.20 -35.51
N THR F 359 3.54 12.15 -36.85
CA THR F 359 3.47 10.92 -37.64
C THR F 359 4.29 11.04 -38.94
N TRP F 360 5.24 10.10 -39.14
CA TRP F 360 6.07 9.99 -40.35
C TRP F 360 5.48 8.93 -41.28
N THR F 361 4.74 9.35 -42.33
CA THR F 361 4.11 8.42 -43.26
C THR F 361 4.83 8.41 -44.62
N PHE F 362 4.90 7.22 -45.26
CA PHE F 362 5.53 7.01 -46.58
C PHE F 362 4.92 5.80 -47.30
N SER F 363 4.42 6.03 -48.54
CA SER F 363 3.75 5.07 -49.44
C SER F 363 2.63 4.28 -48.71
N ARG F 364 1.84 5.03 -47.88
CA ARG F 364 0.75 4.61 -46.99
C ARG F 364 1.26 4.08 -45.60
N LYS F 365 2.49 3.48 -45.56
CA LYS F 365 3.12 2.94 -44.34
C LYS F 365 3.53 4.08 -43.39
N SER F 366 2.78 4.24 -42.27
CA SER F 366 3.02 5.29 -41.29
C SER F 366 3.67 4.76 -40.01
N PHE F 367 4.72 5.45 -39.55
CA PHE F 367 5.46 5.16 -38.32
C PHE F 367 5.49 6.40 -37.42
N PRO F 368 5.28 6.28 -36.08
CA PRO F 368 5.30 7.48 -35.21
C PRO F 368 6.72 8.01 -35.01
N CYS F 369 6.89 9.08 -34.22
CA CYS F 369 8.21 9.70 -34.08
C CYS F 369 8.61 10.00 -32.65
N GLU F 370 9.94 10.07 -32.45
CA GLU F 370 10.58 10.47 -31.21
C GLU F 370 10.68 11.99 -31.24
N GLN F 371 9.54 12.66 -30.91
CA GLN F 371 9.37 14.13 -30.90
C GLN F 371 10.16 14.79 -29.72
N LYS F 372 11.52 14.55 -29.68
CA LYS F 372 12.47 15.04 -28.67
C LYS F 372 12.73 16.54 -28.78
N GLY F 373 13.09 17.16 -27.64
CA GLY F 373 13.38 18.58 -27.53
C GLY F 373 14.84 18.95 -27.71
N LEU F 374 15.11 20.02 -28.49
CA LEU F 374 16.46 20.51 -28.76
C LEU F 374 16.95 21.46 -27.67
N ASP F 375 16.03 21.89 -26.75
CA ASP F 375 16.26 22.78 -25.60
C ASP F 375 16.70 24.23 -25.97
N ASN F 376 17.11 24.46 -27.24
CA ASN F 376 17.54 25.78 -27.74
C ASN F 376 16.40 26.81 -27.71
N GLY F 377 15.19 26.31 -27.97
CA GLY F 377 13.94 27.07 -28.03
C GLY F 377 12.96 26.44 -29.00
N TYR F 378 13.22 25.16 -29.35
CA TYR F 378 12.44 24.34 -30.28
C TYR F 378 12.72 22.85 -30.01
N SER F 379 11.86 21.99 -30.54
CA SER F 379 11.96 20.54 -30.47
C SER F 379 12.30 20.00 -31.85
N ILE F 380 13.25 19.09 -31.93
CA ILE F 380 13.64 18.56 -33.22
C ILE F 380 13.25 17.09 -33.31
N SER F 381 12.33 16.77 -34.24
CA SER F 381 11.88 15.39 -34.50
C SER F 381 12.78 14.77 -35.56
N LYS F 382 13.17 13.50 -35.37
CA LYS F 382 14.07 12.78 -36.29
C LYS F 382 13.46 11.47 -36.79
N PHE F 383 13.95 11.01 -37.96
CA PHE F 383 13.54 9.75 -38.57
C PHE F 383 14.75 9.14 -39.26
N CYS F 384 15.09 7.90 -38.95
CA CYS F 384 16.29 7.30 -39.53
C CYS F 384 16.01 6.06 -40.37
N ASN F 385 14.96 5.27 -40.03
CA ASN F 385 14.61 4.02 -40.72
C ASN F 385 14.15 4.27 -42.18
N HIS F 386 15.02 4.93 -42.99
CA HIS F 386 14.83 5.27 -44.40
C HIS F 386 14.78 4.01 -45.26
N LYS F 387 15.51 2.96 -44.80
CA LYS F 387 15.66 1.63 -45.42
C LYS F 387 16.12 1.77 -46.89
N HIS F 388 16.90 2.83 -47.17
CA HIS F 388 17.43 3.24 -48.47
C HIS F 388 16.30 3.27 -49.54
N GLN F 389 15.02 3.17 -49.10
CA GLN F 389 13.83 3.19 -49.94
C GLN F 389 13.59 4.61 -50.51
N PRO F 390 13.39 4.78 -51.85
CA PRO F 390 13.22 6.14 -52.38
C PRO F 390 11.77 6.60 -52.46
N GLY F 391 11.59 7.92 -52.42
CA GLY F 391 10.26 8.50 -52.50
C GLY F 391 9.93 9.60 -51.51
N GLU F 392 8.62 9.83 -51.35
CA GLU F 392 8.02 10.87 -50.52
C GLU F 392 7.78 10.43 -49.08
N TYR F 393 8.54 11.05 -48.16
CA TYR F 393 8.46 10.87 -46.70
C TYR F 393 7.76 12.11 -46.12
N ILE F 394 6.46 12.00 -45.78
CA ILE F 394 5.69 13.15 -45.30
C ILE F 394 5.53 13.10 -43.78
N PHE F 395 5.87 14.22 -43.13
CA PHE F 395 5.80 14.42 -41.68
C PHE F 395 4.58 15.27 -41.34
N HIS F 396 3.54 14.65 -40.73
CA HIS F 396 2.31 15.32 -40.32
C HIS F 396 2.25 15.44 -38.81
N ALA F 397 2.30 16.68 -38.30
CA ALA F 397 2.27 16.94 -36.86
C ALA F 397 1.13 17.86 -36.51
N GLU F 398 0.38 17.56 -35.43
CA GLU F 398 -0.77 18.38 -35.05
C GLU F 398 -1.06 18.37 -33.55
N ASN F 399 -1.52 19.51 -33.01
CA ASN F 399 -1.95 19.67 -31.62
C ASN F 399 -3.47 19.97 -31.60
N ASP F 400 -4.07 20.13 -30.39
CA ASP F 400 -5.52 20.37 -30.17
C ASP F 400 -6.15 21.49 -31.06
N ASP F 401 -5.44 22.61 -31.27
CA ASP F 401 -5.97 23.71 -32.06
C ASP F 401 -5.08 24.09 -33.28
N ALA F 402 -4.21 23.17 -33.78
CA ALA F 402 -3.33 23.44 -34.95
C ALA F 402 -2.87 22.16 -35.65
N GLN F 403 -2.59 22.26 -36.96
CA GLN F 403 -2.12 21.16 -37.81
C GLN F 403 -0.88 21.58 -38.64
N PHE F 404 -0.17 20.58 -39.27
CA PHE F 404 1.04 20.77 -40.08
C PHE F 404 1.40 19.50 -40.90
N THR F 405 2.08 19.69 -42.05
CA THR F 405 2.54 18.63 -42.96
C THR F 405 3.74 19.12 -43.80
N LYS F 406 4.87 18.35 -43.81
CA LYS F 406 6.08 18.67 -44.59
C LYS F 406 6.49 17.47 -45.49
N MET F 407 6.61 17.70 -46.83
CA MET F 407 6.93 16.69 -47.85
C MET F 407 8.46 16.58 -48.08
N PHE F 408 9.04 15.39 -47.85
CA PHE F 408 10.47 15.16 -48.04
C PHE F 408 10.75 14.17 -49.21
N THR F 409 11.17 14.69 -50.39
CA THR F 409 11.48 13.88 -51.58
C THR F 409 12.83 13.18 -51.39
N LEU F 410 13.01 11.93 -51.91
CA LEU F 410 14.27 11.16 -51.78
C LEU F 410 14.64 10.37 -53.05
N ASN F 411 15.94 10.45 -53.45
CA ASN F 411 16.49 9.74 -54.61
C ASN F 411 17.92 9.22 -54.34
N THR G 144 -54.75 5.63 28.53
CA THR G 144 -53.92 6.82 28.42
C THR G 144 -52.51 6.51 27.83
N LEU G 145 -51.74 7.58 27.49
CA LEU G 145 -50.39 7.53 26.94
C LEU G 145 -49.65 8.88 27.23
N ARG G 146 -49.25 9.08 28.51
CA ARG G 146 -48.51 10.26 28.97
C ARG G 146 -47.01 10.10 28.65
N ARG G 147 -46.51 10.99 27.76
CA ARG G 147 -45.15 11.11 27.22
C ARG G 147 -44.03 10.86 28.28
N PRO G 148 -42.84 10.33 27.87
CA PRO G 148 -41.78 10.03 28.84
C PRO G 148 -41.23 11.21 29.63
N TYR G 149 -40.86 10.97 30.88
CA TYR G 149 -40.22 11.90 31.82
C TYR G 149 -38.86 11.31 32.18
N PHE G 150 -37.94 12.11 32.73
CA PHE G 150 -36.62 11.56 33.07
C PHE G 150 -36.25 11.72 34.55
N ARG G 151 -35.53 10.73 35.11
CA ARG G 151 -35.07 10.75 36.50
C ARG G 151 -33.71 10.12 36.57
N LYS G 152 -32.70 10.85 37.11
CA LYS G 152 -31.34 10.32 37.21
C LYS G 152 -31.25 9.31 38.35
N MET G 153 -30.82 8.06 38.06
CA MET G 153 -30.69 6.98 39.05
C MET G 153 -29.81 7.47 40.19
N GLU G 154 -30.33 7.45 41.42
CA GLU G 154 -29.63 7.93 42.60
C GLU G 154 -28.40 7.06 42.93
N ASN G 155 -28.38 5.80 42.40
CA ASN G 155 -27.32 4.82 42.61
C ASN G 155 -26.01 5.22 41.89
N GLN G 156 -26.08 5.44 40.56
CA GLN G 156 -24.90 5.78 39.77
C GLN G 156 -25.15 6.91 38.74
N ASP G 157 -24.18 7.12 37.83
CA ASP G 157 -24.21 8.10 36.77
C ASP G 157 -24.96 7.53 35.56
N ALA G 158 -26.30 7.45 35.65
CA ALA G 158 -27.17 6.93 34.59
C ALA G 158 -28.58 7.48 34.69
N LEU G 159 -29.27 7.64 33.53
CA LEU G 159 -30.62 8.20 33.42
C LEU G 159 -31.69 7.10 33.32
N VAL G 160 -32.94 7.40 33.75
CA VAL G 160 -34.07 6.46 33.74
C VAL G 160 -35.34 7.16 33.15
N CYS G 161 -36.05 6.43 32.24
CA CYS G 161 -37.23 6.86 31.50
C CYS G 161 -38.54 6.44 32.22
N ILE G 162 -39.26 7.46 32.74
CA ILE G 162 -40.52 7.35 33.47
C ILE G 162 -41.68 7.80 32.53
N SER G 163 -42.24 6.83 31.77
CA SER G 163 -43.36 7.07 30.85
C SER G 163 -44.64 6.42 31.40
N GLU G 164 -45.74 7.21 31.54
CA GLU G 164 -46.99 6.68 32.10
C GLU G 164 -47.98 6.33 31.00
N SER G 165 -48.75 5.23 31.15
CA SER G 165 -49.75 4.82 30.14
C SER G 165 -50.62 3.65 30.57
N VAL G 166 -51.86 3.62 30.02
CA VAL G 166 -52.86 2.56 30.20
C VAL G 166 -53.29 2.09 28.78
N PRO G 167 -52.84 0.93 28.22
CA PRO G 167 -51.97 -0.11 28.81
C PRO G 167 -50.53 0.32 29.03
N GLU G 168 -49.79 -0.37 29.95
CA GLU G 168 -48.38 -0.12 30.26
C GLU G 168 -47.54 -0.22 28.96
N PRO G 169 -46.63 0.75 28.69
CA PRO G 169 -45.93 0.74 27.39
C PRO G 169 -44.51 0.15 27.36
N ILE G 170 -43.99 -0.01 26.14
CA ILE G 170 -42.64 -0.44 25.84
C ILE G 170 -41.80 0.81 25.91
N VAL G 171 -40.84 0.84 26.86
CA VAL G 171 -39.96 1.99 27.07
C VAL G 171 -38.62 1.68 26.43
N GLU G 172 -38.35 2.34 25.29
CA GLU G 172 -37.13 2.12 24.52
C GLU G 172 -36.34 3.40 24.36
N TRP G 173 -35.03 3.33 24.70
CA TRP G 173 -34.08 4.43 24.54
C TRP G 173 -33.48 4.34 23.15
N VAL G 174 -33.53 5.44 22.37
CA VAL G 174 -32.97 5.41 21.03
C VAL G 174 -31.89 6.49 20.90
N LEU G 175 -30.64 6.05 20.64
CA LEU G 175 -29.47 6.92 20.43
C LEU G 175 -29.11 6.89 18.94
N CYS G 176 -29.36 7.99 18.24
CA CYS G 176 -29.12 8.07 16.80
C CYS G 176 -27.74 8.66 16.50
N VAL G 190 -28.91 5.01 13.40
CA VAL G 190 -29.66 5.02 14.65
C VAL G 190 -29.53 3.69 15.34
N VAL G 191 -29.61 3.70 16.68
CA VAL G 191 -29.50 2.49 17.50
C VAL G 191 -30.56 2.50 18.61
N LYS G 192 -31.39 1.43 18.65
CA LYS G 192 -32.45 1.26 19.64
C LYS G 192 -32.02 0.28 20.73
N LYS G 193 -32.26 0.68 21.98
CA LYS G 193 -31.95 -0.09 23.17
C LYS G 193 -33.10 0.06 24.16
N GLU G 194 -34.02 -0.91 24.12
CA GLU G 194 -35.17 -0.97 25.02
C GLU G 194 -34.68 -1.48 26.37
N GLU G 195 -34.54 -0.56 27.33
CA GLU G 195 -34.02 -0.93 28.65
C GLU G 195 -34.66 -0.14 29.80
N LYS G 196 -35.33 1.02 29.51
CA LYS G 196 -35.95 1.96 30.48
C LYS G 196 -34.89 2.65 31.40
N VAL G 197 -33.64 2.12 31.42
CA VAL G 197 -32.48 2.58 32.18
C VAL G 197 -31.29 2.69 31.21
N LEU G 198 -30.89 3.94 30.87
CA LEU G 198 -29.77 4.23 29.98
C LEU G 198 -28.52 4.65 30.76
N HIS G 199 -27.40 3.94 30.54
CA HIS G 199 -26.14 4.24 31.20
C HIS G 199 -25.14 4.86 30.22
N GLU G 200 -25.28 4.54 28.90
CA GLU G 200 -24.40 5.02 27.82
C GLU G 200 -24.97 6.31 27.18
N LEU G 201 -25.07 7.36 28.00
CA LEU G 201 -25.63 8.67 27.67
C LEU G 201 -24.78 9.54 26.73
N PHE G 202 -23.63 9.05 26.31
CA PHE G 202 -22.72 9.85 25.50
C PHE G 202 -23.18 10.06 24.07
N GLY G 203 -23.17 11.34 23.70
CA GLY G 203 -23.46 11.92 22.38
C GLY G 203 -24.64 11.44 21.57
N THR G 204 -24.61 11.75 20.24
CA THR G 204 -25.59 11.42 19.20
C THR G 204 -26.94 12.12 19.52
N ASP G 205 -28.08 11.57 19.05
CA ASP G 205 -29.40 12.14 19.31
C ASP G 205 -30.17 11.17 20.20
N ILE G 206 -30.22 11.46 21.51
CA ILE G 206 -30.85 10.61 22.53
C ILE G 206 -32.32 11.00 22.74
N ARG G 207 -33.23 10.05 22.52
CA ARG G 207 -34.67 10.25 22.69
C ARG G 207 -35.33 8.98 23.24
N CYS G 208 -36.16 9.12 24.29
CA CYS G 208 -36.87 7.96 24.84
C CYS G 208 -38.26 7.88 24.22
N CYS G 209 -38.73 6.65 23.95
CA CYS G 209 -40.04 6.43 23.34
C CYS G 209 -40.87 5.40 24.11
N ALA G 210 -42.14 5.78 24.36
CA ALA G 210 -43.16 4.95 25.00
C ALA G 210 -44.11 4.43 23.93
N ARG G 211 -44.33 3.10 23.89
CA ARG G 211 -45.21 2.49 22.88
C ARG G 211 -46.20 1.49 23.50
N ASN G 212 -47.51 1.80 23.42
CA ASN G 212 -48.57 0.91 23.94
C ASN G 212 -49.65 0.67 22.85
N GLU G 213 -50.88 0.29 23.27
CA GLU G 213 -52.02 0.05 22.37
C GLU G 213 -52.44 1.34 21.67
N LEU G 214 -52.38 2.48 22.40
CA LEU G 214 -52.72 3.82 21.89
C LEU G 214 -51.76 4.25 20.78
N GLY G 215 -50.44 4.13 21.04
CA GLY G 215 -49.44 4.51 20.05
C GLY G 215 -48.06 4.75 20.63
N ARG G 216 -47.28 5.65 19.99
CA ARG G 216 -45.93 5.97 20.43
C ARG G 216 -45.70 7.47 20.68
N GLU G 217 -45.50 7.83 21.98
CA GLU G 217 -45.22 9.20 22.43
C GLU G 217 -43.75 9.26 22.84
N CYS G 218 -43.02 10.26 22.35
CA CYS G 218 -41.58 10.36 22.60
C CYS G 218 -41.15 11.69 23.19
N THR G 219 -40.16 11.61 24.08
CA THR G 219 -39.55 12.76 24.72
C THR G 219 -38.05 12.69 24.44
N ARG G 220 -37.55 13.65 23.67
CA ARG G 220 -36.14 13.73 23.31
C ARG G 220 -35.40 14.50 24.36
N LEU G 221 -34.22 14.02 24.71
CA LEU G 221 -33.41 14.71 25.69
C LEU G 221 -32.79 15.93 25.04
N PHE G 222 -33.05 17.12 25.61
CA PHE G 222 -32.51 18.35 25.06
C PHE G 222 -31.00 18.37 25.20
N THR G 223 -30.31 18.55 24.07
CA THR G 223 -28.86 18.54 24.06
C THR G 223 -28.29 19.84 23.48
N ILE G 224 -27.13 20.25 24.03
CA ILE G 224 -26.34 21.41 23.62
C ILE G 224 -24.93 20.90 23.33
N ASP G 225 -24.62 20.73 22.03
CA ASP G 225 -23.32 20.23 21.60
C ASP G 225 -22.40 21.41 21.30
N LEU G 226 -21.50 21.74 22.26
CA LEU G 226 -20.53 22.84 22.12
C LEU G 226 -19.48 22.47 21.09
N ASN G 227 -19.24 21.15 20.92
CA ASN G 227 -18.32 20.59 19.94
C ASN G 227 -18.91 20.79 18.54
N GLN G 228 -20.25 20.66 18.39
CA GLN G 228 -20.98 20.81 17.11
C GLN G 228 -21.18 22.27 16.71
N THR G 229 -21.55 22.50 15.42
CA THR G 229 -21.82 23.81 14.81
C THR G 229 -23.04 24.48 15.49
N PRO G 230 -23.09 25.82 15.59
CA PRO G 230 -24.20 26.44 16.33
C PRO G 230 -25.49 26.56 15.51
N GLN G 231 -26.60 26.27 16.20
CA GLN G 231 -27.97 26.15 15.69
C GLN G 231 -28.56 27.39 15.10
N THR G 232 -28.91 27.16 13.80
CA THR G 232 -29.55 28.00 12.77
C THR G 232 -30.84 28.60 13.28
N THR G 233 -31.65 27.81 14.02
CA THR G 233 -32.88 28.32 14.60
C THR G 233 -32.49 29.03 15.89
N LEU G 234 -32.81 28.41 17.03
CA LEU G 234 -32.55 28.87 18.40
C LEU G 234 -33.17 27.84 19.36
N PRO G 235 -32.55 27.61 20.53
CA PRO G 235 -33.08 26.58 21.44
C PRO G 235 -34.04 27.14 22.53
N GLN G 236 -35.26 27.51 22.11
CA GLN G 236 -36.31 27.92 23.03
C GLN G 236 -36.94 26.64 23.52
N LEU G 237 -36.85 26.39 24.83
CA LEU G 237 -37.36 25.18 25.46
C LEU G 237 -38.61 25.51 26.26
N PHE G 238 -39.74 24.88 25.94
CA PHE G 238 -40.98 25.15 26.64
C PHE G 238 -41.40 23.95 27.49
N LEU G 239 -41.91 24.20 28.73
CA LEU G 239 -42.42 23.14 29.61
C LEU G 239 -43.36 23.69 30.71
N LYS G 240 -44.37 22.87 31.04
CA LYS G 240 -45.40 23.18 32.03
C LYS G 240 -44.84 23.10 33.46
N VAL G 241 -45.17 24.10 34.33
CA VAL G 241 -44.78 24.22 35.75
C VAL G 241 -45.08 22.88 36.48
N GLY G 242 -44.03 22.30 37.06
CA GLY G 242 -44.12 21.02 37.75
C GLY G 242 -43.39 19.91 37.01
N GLU G 243 -43.22 20.05 35.67
CA GLU G 243 -42.52 19.07 34.81
C GLU G 243 -40.98 19.10 35.07
N PRO G 244 -40.22 18.01 34.77
CA PRO G 244 -38.76 18.04 35.04
C PRO G 244 -37.93 18.55 33.86
N LEU G 245 -37.08 19.56 34.13
CA LEU G 245 -36.20 20.15 33.12
C LEU G 245 -34.95 19.31 32.97
N TRP G 246 -34.53 19.03 31.71
CA TRP G 246 -33.35 18.23 31.39
C TRP G 246 -32.57 18.81 30.22
N ILE G 247 -31.35 19.27 30.49
CA ILE G 247 -30.50 19.85 29.47
C ILE G 247 -29.10 19.26 29.55
N ARG G 248 -28.71 18.43 28.56
CA ARG G 248 -27.38 17.82 28.55
C ARG G 248 -26.45 18.63 27.72
N CYS G 249 -25.32 18.99 28.29
CA CYS G 249 -24.32 19.75 27.56
C CYS G 249 -23.16 18.86 27.24
N LYS G 250 -22.94 18.59 25.93
CA LYS G 250 -21.88 17.72 25.43
C LYS G 250 -20.81 18.50 24.71
N ALA G 251 -19.55 18.23 25.09
CA ALA G 251 -18.39 18.89 24.47
C ALA G 251 -17.30 17.90 24.22
N VAL G 252 -16.71 17.93 23.01
CA VAL G 252 -15.64 17.01 22.67
C VAL G 252 -14.37 17.76 22.44
N HIS G 253 -13.31 17.32 23.12
CA HIS G 253 -11.99 17.95 23.04
C HIS G 253 -10.90 16.89 22.89
N VAL G 254 -9.76 17.30 22.30
CA VAL G 254 -8.57 16.48 22.04
C VAL G 254 -8.04 15.86 23.35
N ASN G 255 -7.52 16.71 24.26
CA ASN G 255 -7.00 16.29 25.56
C ASN G 255 -8.13 16.32 26.59
N HIS G 256 -7.90 15.75 27.79
CA HIS G 256 -8.91 15.77 28.85
C HIS G 256 -8.97 17.15 29.54
N GLY G 257 -7.94 17.98 29.33
CA GLY G 257 -7.80 19.31 29.92
C GLY G 257 -8.79 20.33 29.44
N PHE G 258 -10.02 20.29 30.01
CA PHE G 258 -11.15 21.18 29.75
C PHE G 258 -12.30 20.89 30.73
N GLY G 259 -13.00 21.94 31.12
CA GLY G 259 -14.13 21.86 32.03
C GLY G 259 -15.39 22.35 31.37
N LEU G 260 -16.52 22.20 32.07
CA LEU G 260 -17.83 22.65 31.60
C LEU G 260 -18.58 23.35 32.74
N THR G 261 -19.39 24.37 32.40
CA THR G 261 -20.14 25.11 33.39
C THR G 261 -21.51 25.56 32.87
N TRP G 262 -22.49 25.53 33.76
CA TRP G 262 -23.87 25.96 33.54
C TRP G 262 -24.16 27.29 34.24
N GLU G 263 -24.93 28.18 33.58
CA GLU G 263 -25.29 29.49 34.14
C GLU G 263 -26.70 29.89 33.70
N LEU G 264 -27.48 30.57 34.58
CA LEU G 264 -28.83 31.07 34.27
C LEU G 264 -28.70 32.48 33.66
N GLU G 265 -29.60 33.44 33.99
CA GLU G 265 -29.50 34.80 33.45
C GLU G 265 -28.25 35.46 34.07
N ASN G 266 -27.05 35.13 33.50
CA ASN G 266 -25.69 35.54 33.90
C ASN G 266 -25.33 35.05 35.34
N LYS G 267 -26.23 34.27 35.96
CA LYS G 267 -26.12 33.72 37.31
C LYS G 267 -25.30 32.41 37.33
N ALA G 268 -25.39 31.64 38.44
CA ALA G 268 -24.75 30.34 38.63
C ALA G 268 -25.83 29.25 38.49
N LEU G 269 -25.75 28.12 39.24
CA LEU G 269 -26.75 27.05 39.24
C LEU G 269 -26.68 26.22 40.52
N GLU G 270 -27.87 25.82 41.06
CA GLU G 270 -28.05 25.02 42.27
C GLU G 270 -27.20 23.73 42.22
N GLU G 271 -26.65 23.30 43.38
CA GLU G 271 -25.79 22.11 43.54
C GLU G 271 -26.51 20.80 43.19
N GLY G 272 -27.81 20.73 43.52
CA GLY G 272 -28.67 19.59 43.22
C GLY G 272 -29.49 19.82 41.96
N ASN G 273 -28.83 20.42 40.96
CA ASN G 273 -29.37 20.76 39.63
C ASN G 273 -28.26 20.59 38.53
N TYR G 274 -27.12 19.95 38.88
CA TYR G 274 -25.99 19.70 37.97
C TYR G 274 -25.37 18.30 38.22
N PHE G 275 -24.84 17.67 37.14
CA PHE G 275 -24.13 16.39 37.18
C PHE G 275 -23.13 16.25 36.00
N GLU G 276 -21.89 15.77 36.29
CA GLU G 276 -20.81 15.63 35.29
C GLU G 276 -20.33 14.17 35.06
N MET G 277 -20.43 13.71 33.79
CA MET G 277 -19.98 12.39 33.29
C MET G 277 -18.92 12.58 32.25
N SER G 278 -18.01 11.61 32.11
CA SER G 278 -16.91 11.73 31.16
C SER G 278 -16.43 10.37 30.64
N THR G 279 -16.05 10.29 29.33
CA THR G 279 -15.46 9.05 28.77
C THR G 279 -14.50 9.42 27.61
N TYR G 280 -13.73 8.42 27.15
CA TYR G 280 -12.74 8.60 26.10
C TYR G 280 -13.26 8.17 24.74
N SER G 281 -12.71 8.79 23.67
CA SER G 281 -13.07 8.53 22.28
C SER G 281 -11.83 8.39 21.42
N THR G 282 -12.00 7.73 20.26
CA THR G 282 -11.04 7.45 19.19
C THR G 282 -9.57 7.57 19.64
N ASN G 283 -8.82 8.51 19.06
CA ASN G 283 -7.43 8.77 19.36
C ASN G 283 -7.29 9.54 20.67
N ARG G 284 -7.45 8.87 21.82
CA ARG G 284 -7.33 9.45 23.16
C ARG G 284 -8.12 10.79 23.34
N THR G 285 -9.28 10.91 22.67
CA THR G 285 -10.15 12.08 22.75
C THR G 285 -10.94 11.99 24.05
N MET G 286 -11.53 13.12 24.52
CA MET G 286 -12.37 13.13 25.73
C MET G 286 -13.71 13.81 25.45
N ILE G 287 -14.81 13.15 25.87
CA ILE G 287 -16.17 13.67 25.75
C ILE G 287 -16.66 13.93 27.15
N ARG G 288 -17.23 15.14 27.37
CA ARG G 288 -17.75 15.53 28.67
C ARG G 288 -19.24 15.86 28.57
N ILE G 289 -20.02 15.33 29.52
CA ILE G 289 -21.45 15.58 29.65
C ILE G 289 -21.68 16.31 30.96
N LEU G 290 -22.12 17.57 30.90
CA LEU G 290 -22.46 18.32 32.11
C LEU G 290 -23.92 18.66 32.00
N PHE G 291 -24.79 17.78 32.52
CA PHE G 291 -26.21 18.03 32.38
C PHE G 291 -26.79 18.73 33.60
N ALA G 292 -27.77 19.59 33.33
CA ALA G 292 -28.51 20.33 34.33
C ALA G 292 -29.96 19.84 34.34
N PHE G 293 -30.54 19.79 35.55
CA PHE G 293 -31.91 19.31 35.71
C PHE G 293 -32.69 20.01 36.82
N VAL G 294 -34.02 20.04 36.66
CA VAL G 294 -34.94 20.57 37.66
C VAL G 294 -35.91 19.43 37.94
N SER G 295 -36.12 19.06 39.23
CA SER G 295 -37.02 17.99 39.66
C SER G 295 -38.48 18.34 39.27
N SER G 296 -38.95 19.54 39.66
CA SER G 296 -40.28 20.09 39.33
C SER G 296 -40.10 21.56 39.06
N VAL G 297 -40.42 21.98 37.83
CA VAL G 297 -40.23 23.39 37.41
C VAL G 297 -41.30 24.31 37.98
N ALA G 298 -40.96 25.61 37.99
CA ALA G 298 -41.76 26.74 38.48
C ALA G 298 -41.50 27.98 37.60
N ARG G 299 -42.15 29.14 37.92
CA ARG G 299 -41.93 30.41 37.23
C ARG G 299 -40.51 30.90 37.53
N ASN G 300 -40.05 30.57 38.76
CA ASN G 300 -38.73 30.84 39.33
C ASN G 300 -37.58 30.31 38.44
N ASP G 301 -37.74 29.08 37.90
CA ASP G 301 -36.76 28.35 37.08
C ASP G 301 -36.73 28.79 35.58
N THR G 302 -37.76 29.51 35.07
CA THR G 302 -37.80 29.99 33.68
C THR G 302 -36.69 31.06 33.50
N GLY G 303 -35.95 30.99 32.38
CA GLY G 303 -34.86 31.91 32.07
C GLY G 303 -33.87 31.41 31.03
N TYR G 304 -32.91 32.28 30.61
CA TYR G 304 -31.90 31.95 29.61
C TYR G 304 -30.70 31.19 30.23
N TYR G 305 -30.58 29.89 29.89
CA TYR G 305 -29.52 29.00 30.36
C TYR G 305 -28.38 28.92 29.35
N THR G 306 -27.14 28.89 29.84
CA THR G 306 -25.98 28.82 28.96
C THR G 306 -24.92 27.86 29.48
N CYS G 307 -24.28 27.17 28.55
CA CYS G 307 -23.22 26.23 28.84
C CYS G 307 -21.93 26.72 28.20
N SER G 308 -20.86 26.85 29.00
CA SER G 308 -19.54 27.28 28.52
C SER G 308 -18.45 26.28 28.90
N SER G 309 -17.50 26.01 27.98
CA SER G 309 -16.42 25.05 28.26
C SER G 309 -15.06 25.71 28.22
N SER G 310 -14.13 25.24 29.11
CA SER G 310 -12.76 25.73 29.27
C SER G 310 -11.83 25.26 28.12
N LYS G 311 -12.35 25.37 26.87
CA LYS G 311 -11.74 25.04 25.57
C LYS G 311 -12.83 25.04 24.47
N HIS G 312 -14.03 25.63 24.74
CA HIS G 312 -15.15 25.67 23.77
C HIS G 312 -16.01 26.96 23.87
N PRO G 313 -16.80 27.31 22.82
CA PRO G 313 -17.63 28.53 22.88
C PRO G 313 -18.97 28.36 23.60
N SER G 314 -19.30 29.32 24.49
CA SER G 314 -20.51 29.33 25.31
C SER G 314 -21.80 29.37 24.45
N GLN G 315 -22.50 28.23 24.34
CA GLN G 315 -23.78 28.13 23.62
C GLN G 315 -24.95 28.12 24.62
N SER G 316 -26.05 28.77 24.25
CA SER G 316 -27.16 28.95 25.16
C SER G 316 -28.51 28.55 24.57
N ALA G 317 -29.50 28.48 25.46
CA ALA G 317 -30.90 28.11 25.21
C ALA G 317 -31.83 28.75 26.27
N LEU G 318 -32.98 29.32 25.84
CA LEU G 318 -33.90 29.98 26.78
C LEU G 318 -35.07 29.06 27.15
N VAL G 319 -35.38 29.00 28.45
CA VAL G 319 -36.41 28.14 29.03
C VAL G 319 -37.68 28.99 29.39
N THR G 320 -38.81 28.66 28.75
CA THR G 320 -40.12 29.26 28.95
C THR G 320 -40.97 28.26 29.75
N ILE G 321 -41.21 28.56 31.07
CA ILE G 321 -41.99 27.67 31.95
C ILE G 321 -43.38 28.27 32.16
N VAL G 322 -44.40 27.69 31.46
CA VAL G 322 -45.81 28.17 31.47
C VAL G 322 -46.72 27.22 32.29
N GLU G 323 -48.00 27.63 32.56
CA GLU G 323 -48.99 26.84 33.32
C GLU G 323 -49.75 25.84 32.42
N LYS G 324 -50.10 26.25 31.18
CA LYS G 324 -50.80 25.40 30.20
C LYS G 324 -50.44 25.79 28.77
N THR H 140 -16.34 7.36 -31.76
CA THR H 140 -16.38 6.54 -30.54
C THR H 140 -16.95 7.35 -29.35
N LEU H 141 -18.02 6.79 -28.68
CA LEU H 141 -18.72 7.39 -27.53
C LEU H 141 -19.65 6.36 -26.78
N LEU H 142 -21.00 6.37 -27.08
CA LEU H 142 -22.18 5.58 -26.59
C LEU H 142 -22.00 4.86 -25.23
N TYR H 143 -22.73 5.34 -24.19
CA TYR H 143 -22.72 4.81 -22.80
C TYR H 143 -23.41 3.42 -22.69
N THR H 144 -22.98 2.55 -21.72
CA THR H 144 -23.56 1.20 -21.51
C THR H 144 -23.60 0.76 -20.02
N LEU H 145 -24.42 -0.29 -19.73
CA LEU H 145 -24.60 -0.88 -18.39
C LEU H 145 -25.04 -2.36 -18.51
N ARG H 146 -24.08 -3.23 -18.83
CA ARG H 146 -24.31 -4.67 -18.96
C ARG H 146 -24.22 -5.32 -17.55
N ARG H 147 -25.36 -5.97 -17.17
CA ARG H 147 -25.64 -6.67 -15.91
C ARG H 147 -24.49 -7.58 -15.42
N PRO H 148 -24.32 -7.78 -14.08
CA PRO H 148 -23.18 -8.59 -13.61
C PRO H 148 -23.17 -10.05 -14.08
N TYR H 149 -21.96 -10.61 -14.28
CA TYR H 149 -21.65 -12.00 -14.63
C TYR H 149 -20.80 -12.58 -13.49
N PHE H 150 -20.69 -13.92 -13.37
CA PHE H 150 -19.85 -14.46 -12.27
C PHE H 150 -18.71 -15.33 -12.79
N ARG H 151 -17.57 -15.32 -12.06
CA ARG H 151 -16.39 -16.15 -12.35
C ARG H 151 -15.73 -16.56 -11.03
N LYS H 152 -15.52 -17.89 -10.82
CA LYS H 152 -14.90 -18.38 -9.59
C LYS H 152 -13.41 -18.13 -9.64
N MET H 153 -12.84 -17.41 -8.63
CA MET H 153 -11.41 -17.11 -8.55
C MET H 153 -10.64 -18.46 -8.57
N GLU H 154 -9.73 -18.64 -9.54
CA GLU H 154 -8.95 -19.88 -9.73
C GLU H 154 -8.01 -20.16 -8.55
N ASN H 155 -7.68 -19.10 -7.79
CA ASN H 155 -6.81 -19.10 -6.63
C ASN H 155 -7.41 -19.89 -5.46
N GLN H 156 -8.60 -19.47 -4.94
CA GLN H 156 -9.26 -20.10 -3.79
C GLN H 156 -10.78 -20.35 -4.00
N ASP H 157 -11.47 -20.73 -2.90
CA ASP H 157 -12.91 -21.01 -2.84
C ASP H 157 -13.66 -19.68 -2.61
N ALA H 158 -13.73 -18.84 -3.67
CA ALA H 158 -14.40 -17.52 -3.64
C ALA H 158 -14.86 -17.08 -5.05
N LEU H 159 -16.01 -16.36 -5.11
CA LEU H 159 -16.65 -15.89 -6.34
C LEU H 159 -16.30 -14.43 -6.66
N VAL H 160 -16.34 -14.06 -7.95
CA VAL H 160 -16.00 -12.72 -8.45
C VAL H 160 -17.04 -12.22 -9.42
N CYS H 161 -17.45 -10.96 -9.23
CA CYS H 161 -18.46 -10.24 -10.03
C CYS H 161 -17.82 -9.43 -11.16
N ILE H 162 -18.14 -9.85 -12.40
CA ILE H 162 -17.67 -9.28 -13.67
C ILE H 162 -18.85 -8.54 -14.33
N SER H 163 -18.98 -7.23 -14.02
CA SER H 163 -20.04 -6.38 -14.57
C SER H 163 -19.43 -5.39 -15.56
N GLU H 164 -20.02 -5.26 -16.76
CA GLU H 164 -19.44 -4.35 -17.76
C GLU H 164 -20.29 -3.09 -17.86
N SER H 165 -19.67 -1.92 -18.14
CA SER H 165 -20.36 -0.64 -18.23
C SER H 165 -19.45 0.54 -18.59
N VAL H 166 -20.05 1.52 -19.28
CA VAL H 166 -19.42 2.77 -19.67
C VAL H 166 -20.35 3.92 -19.15
N PRO H 167 -20.03 4.67 -18.06
CA PRO H 167 -18.79 4.64 -17.23
C PRO H 167 -18.64 3.35 -16.44
N GLU H 168 -17.39 3.02 -16.03
CA GLU H 168 -17.10 1.85 -15.20
C GLU H 168 -17.94 1.93 -13.89
N PRO H 169 -18.59 0.84 -13.44
CA PRO H 169 -19.48 0.96 -12.28
C PRO H 169 -18.91 0.49 -10.94
N ILE H 170 -19.68 0.78 -9.89
CA ILE H 170 -19.45 0.35 -8.53
C ILE H 170 -20.02 -1.08 -8.46
N VAL H 171 -19.18 -2.05 -8.11
CA VAL H 171 -19.60 -3.44 -8.04
C VAL H 171 -19.70 -3.83 -6.56
N GLU H 172 -20.93 -4.00 -6.07
CA GLU H 172 -21.17 -4.31 -4.69
C GLU H 172 -21.95 -5.60 -4.53
N TRP H 173 -21.43 -6.45 -3.64
CA TRP H 173 -22.06 -7.71 -3.31
C TRP H 173 -23.03 -7.49 -2.15
N VAL H 174 -24.30 -7.89 -2.29
CA VAL H 174 -25.23 -7.72 -1.17
C VAL H 174 -25.80 -9.09 -0.74
N LEU H 175 -25.50 -9.48 0.52
CA LEU H 175 -25.97 -10.71 1.16
C LEU H 175 -27.05 -10.34 2.18
N CYS H 176 -28.32 -10.64 1.83
CA CYS H 176 -29.48 -10.27 2.66
C CYS H 176 -29.88 -11.41 3.62
N VAL H 190 -30.44 -6.96 5.65
CA VAL H 190 -29.54 -7.01 4.49
C VAL H 190 -28.16 -6.46 4.85
N VAL H 191 -27.10 -6.92 4.14
CA VAL H 191 -25.74 -6.46 4.36
C VAL H 191 -25.04 -6.24 3.01
N LYS H 192 -24.53 -5.02 2.81
CA LYS H 192 -23.81 -4.63 1.58
C LYS H 192 -22.29 -4.65 1.82
N LYS H 193 -21.55 -5.35 0.94
CA LYS H 193 -20.09 -5.48 0.98
C LYS H 193 -19.55 -5.22 -0.42
N GLU H 194 -19.19 -3.95 -0.69
CA GLU H 194 -18.65 -3.53 -1.98
C GLU H 194 -17.19 -4.02 -2.04
N GLU H 195 -16.96 -5.13 -2.78
CA GLU H 195 -15.63 -5.76 -2.88
C GLU H 195 -15.26 -6.30 -4.28
N LYS H 196 -16.27 -6.62 -5.14
CA LYS H 196 -16.16 -7.24 -6.49
C LYS H 196 -15.71 -8.71 -6.39
N VAL H 197 -15.19 -9.11 -5.21
CA VAL H 197 -14.72 -10.45 -4.86
C VAL H 197 -15.34 -10.83 -3.52
N LEU H 198 -16.22 -11.83 -3.53
CA LEU H 198 -16.92 -12.33 -2.34
C LEU H 198 -16.33 -13.69 -1.94
N HIS H 199 -15.92 -13.83 -0.67
CA HIS H 199 -15.37 -15.09 -0.15
C HIS H 199 -16.35 -15.73 0.84
N GLU H 200 -17.21 -14.90 1.52
CA GLU H 200 -18.22 -15.30 2.51
C GLU H 200 -19.59 -15.58 1.81
N LEU H 201 -19.58 -16.57 0.90
CA LEU H 201 -20.69 -17.02 0.04
C LEU H 201 -21.81 -17.79 0.75
N PHE H 202 -21.70 -18.00 2.08
CA PHE H 202 -22.66 -18.80 2.82
C PHE H 202 -24.00 -18.10 3.04
N GLY H 203 -25.05 -18.86 2.69
CA GLY H 203 -26.47 -18.58 2.83
C GLY H 203 -27.00 -17.19 2.52
N THR H 204 -28.23 -16.93 3.03
CA THR H 204 -29.00 -15.69 2.90
C THR H 204 -29.39 -15.49 1.40
N ASP H 205 -29.64 -14.21 0.94
CA ASP H 205 -29.97 -13.87 -0.46
C ASP H 205 -28.81 -13.06 -1.06
N ILE H 206 -27.93 -13.73 -1.83
CA ILE H 206 -26.72 -13.17 -2.45
C ILE H 206 -27.02 -12.65 -3.86
N ARG H 207 -26.79 -11.34 -4.06
CA ARG H 207 -27.01 -10.66 -5.33
C ARG H 207 -25.96 -9.58 -5.55
N CYS H 208 -25.31 -9.59 -6.74
CA CYS H 208 -24.30 -8.59 -7.07
C CYS H 208 -24.94 -7.44 -7.85
N CYS H 209 -24.52 -6.21 -7.56
CA CYS H 209 -25.08 -5.04 -8.21
C CYS H 209 -24.02 -4.15 -8.78
N ALA H 210 -24.29 -3.68 -10.01
CA ALA H 210 -23.45 -2.73 -10.74
C ALA H 210 -24.15 -1.38 -10.76
N ARG H 211 -23.44 -0.31 -10.35
CA ARG H 211 -24.00 1.04 -10.30
C ARG H 211 -23.07 2.06 -10.96
N ASN H 212 -23.52 2.68 -12.07
CA ASN H 212 -22.76 3.71 -12.78
C ASN H 212 -23.66 4.99 -13.01
N GLU H 213 -23.28 5.87 -13.97
CA GLU H 213 -24.03 7.08 -14.33
C GLU H 213 -25.43 6.70 -14.87
N LEU H 214 -25.50 5.61 -15.66
CA LEU H 214 -26.75 5.11 -16.24
C LEU H 214 -27.71 4.68 -15.15
N GLY H 215 -27.22 3.82 -14.25
CA GLY H 215 -28.04 3.33 -13.15
C GLY H 215 -27.50 2.06 -12.49
N ARG H 216 -28.42 1.21 -11.97
CA ARG H 216 -28.06 -0.01 -11.28
C ARG H 216 -28.75 -1.25 -11.85
N GLU H 217 -27.94 -2.16 -12.39
CA GLU H 217 -28.39 -3.46 -12.91
C GLU H 217 -27.83 -4.54 -11.98
N CYS H 218 -28.68 -5.53 -11.60
CA CYS H 218 -28.26 -6.55 -10.64
C CYS H 218 -28.51 -7.96 -11.12
N THR H 219 -27.56 -8.85 -10.81
CA THR H 219 -27.68 -10.26 -11.14
C THR H 219 -27.64 -11.00 -9.81
N ARG H 220 -28.73 -11.72 -9.50
CA ARG H 220 -28.86 -12.48 -8.25
C ARG H 220 -28.33 -13.87 -8.47
N LEU H 221 -27.57 -14.38 -7.49
CA LEU H 221 -27.05 -15.73 -7.61
C LEU H 221 -28.18 -16.67 -7.31
N PHE H 222 -28.47 -17.56 -8.27
CA PHE H 222 -29.54 -18.53 -8.15
C PHE H 222 -29.23 -19.52 -7.05
N THR H 223 -30.10 -19.62 -6.07
CA THR H 223 -29.85 -20.51 -4.96
C THR H 223 -30.97 -21.53 -4.81
N ILE H 224 -30.61 -22.72 -4.31
CA ILE H 224 -31.50 -23.85 -3.99
C ILE H 224 -31.19 -24.23 -2.55
N ASP H 225 -32.04 -23.81 -1.61
CA ASP H 225 -31.82 -24.14 -0.21
C ASP H 225 -32.65 -25.39 0.13
N LEU H 226 -31.94 -26.54 0.29
CA LEU H 226 -32.56 -27.82 0.64
C LEU H 226 -33.00 -27.77 2.07
N ASN H 227 -32.29 -26.98 2.89
CA ASN H 227 -32.60 -26.73 4.29
C ASN H 227 -33.93 -25.99 4.40
N GLN H 228 -34.20 -24.98 3.52
CA GLN H 228 -35.43 -24.16 3.51
C GLN H 228 -36.67 -24.90 2.89
N THR H 229 -37.88 -24.34 3.14
CA THR H 229 -39.17 -24.86 2.63
C THR H 229 -39.18 -24.83 1.10
N PRO H 230 -39.89 -25.75 0.43
CA PRO H 230 -39.87 -25.75 -1.04
C PRO H 230 -40.84 -24.76 -1.65
N GLN H 231 -40.39 -24.12 -2.72
CA GLN H 231 -41.18 -23.18 -3.49
C GLN H 231 -41.98 -23.97 -4.49
N THR H 232 -41.91 -25.32 -4.40
CA THR H 232 -42.55 -26.32 -5.26
C THR H 232 -43.36 -25.65 -6.41
N THR H 233 -42.61 -25.26 -7.45
CA THR H 233 -43.08 -24.64 -8.69
C THR H 233 -42.11 -25.07 -9.82
N LEU H 234 -41.15 -26.00 -9.50
CA LEU H 234 -40.07 -26.50 -10.39
C LEU H 234 -39.42 -25.28 -11.03
N PRO H 235 -38.81 -24.39 -10.20
CA PRO H 235 -38.31 -23.10 -10.71
C PRO H 235 -37.63 -23.15 -12.07
N GLN H 236 -37.95 -22.15 -12.94
CA GLN H 236 -37.43 -22.02 -14.31
C GLN H 236 -36.34 -20.93 -14.37
N LEU H 237 -35.13 -21.32 -14.84
CA LEU H 237 -33.97 -20.44 -14.97
C LEU H 237 -33.70 -20.18 -16.42
N PHE H 238 -33.84 -18.93 -16.87
CA PHE H 238 -33.61 -18.61 -18.28
C PHE H 238 -32.27 -17.91 -18.47
N LEU H 239 -31.57 -18.21 -19.62
CA LEU H 239 -30.31 -17.52 -19.98
C LEU H 239 -29.92 -17.74 -21.48
N LYS H 240 -29.39 -16.68 -22.12
CA LYS H 240 -28.98 -16.67 -23.52
C LYS H 240 -27.75 -17.53 -23.74
N VAL H 241 -27.72 -18.28 -24.87
CA VAL H 241 -26.58 -19.15 -25.22
C VAL H 241 -25.27 -18.33 -25.18
N GLY H 242 -24.29 -18.86 -24.42
CA GLY H 242 -22.98 -18.25 -24.24
C GLY H 242 -22.79 -17.69 -22.85
N GLU H 243 -23.91 -17.35 -22.16
CA GLU H 243 -23.90 -16.77 -20.81
C GLU H 243 -23.45 -17.79 -19.75
N PRO H 244 -22.89 -17.37 -18.59
CA PRO H 244 -22.45 -18.37 -17.59
C PRO H 244 -23.55 -18.78 -16.59
N LEU H 245 -23.79 -20.10 -16.48
CA LEU H 245 -24.81 -20.65 -15.55
C LEU H 245 -24.23 -20.78 -14.14
N TRP H 246 -25.00 -20.33 -13.12
CA TRP H 246 -24.58 -20.38 -11.73
C TRP H 246 -25.70 -20.80 -10.82
N ILE H 247 -25.55 -21.98 -10.20
CA ILE H 247 -26.58 -22.51 -9.30
C ILE H 247 -25.94 -22.99 -8.00
N ARG H 248 -26.15 -22.25 -6.91
CA ARG H 248 -25.62 -22.60 -5.60
C ARG H 248 -26.59 -23.46 -4.87
N CYS H 249 -26.15 -24.62 -4.43
CA CYS H 249 -26.99 -25.50 -3.65
C CYS H 249 -26.55 -25.45 -2.20
N LYS H 250 -27.39 -24.88 -1.31
CA LYS H 250 -27.08 -24.74 0.12
C LYS H 250 -27.92 -25.68 0.96
N ALA H 251 -27.28 -26.39 1.90
CA ALA H 251 -27.98 -27.28 2.79
C ALA H 251 -27.43 -27.14 4.19
N VAL H 252 -28.31 -27.06 5.19
CA VAL H 252 -27.88 -26.93 6.57
C VAL H 252 -28.31 -28.17 7.35
N HIS H 253 -27.33 -28.81 8.05
CA HIS H 253 -27.55 -30.01 8.85
C HIS H 253 -26.87 -29.88 10.22
N VAL H 254 -27.40 -30.62 11.23
CA VAL H 254 -26.94 -30.67 12.63
C VAL H 254 -25.45 -31.12 12.73
N ASN H 255 -25.15 -32.36 12.33
CA ASN H 255 -23.79 -32.88 12.31
C ASN H 255 -23.18 -32.61 10.92
N HIS H 256 -21.87 -32.81 10.77
CA HIS H 256 -21.21 -32.62 9.47
C HIS H 256 -21.46 -33.83 8.54
N GLY H 257 -22.06 -34.88 9.10
CA GLY H 257 -22.35 -36.13 8.40
C GLY H 257 -23.49 -36.02 7.41
N PHE H 258 -23.15 -35.54 6.17
CA PHE H 258 -24.03 -35.37 5.02
C PHE H 258 -23.24 -34.87 3.80
N GLY H 259 -23.71 -35.27 2.64
CA GLY H 259 -23.14 -34.86 1.36
C GLY H 259 -24.16 -34.16 0.49
N LEU H 260 -23.73 -33.66 -0.67
CA LEU H 260 -24.56 -32.97 -1.67
C LEU H 260 -24.18 -33.43 -3.06
N THR H 261 -25.14 -33.50 -3.98
CA THR H 261 -24.84 -33.95 -5.33
C THR H 261 -25.71 -33.25 -6.33
N TRP H 262 -25.14 -33.01 -7.52
CA TRP H 262 -25.79 -32.37 -8.66
C TRP H 262 -26.08 -33.38 -9.78
N GLU H 263 -27.25 -33.23 -10.42
CA GLU H 263 -27.65 -34.09 -11.55
C GLU H 263 -28.38 -33.26 -12.62
N LEU H 264 -27.90 -33.31 -13.87
CA LEU H 264 -28.46 -32.62 -15.04
C LEU H 264 -29.74 -33.33 -15.51
N GLU H 265 -30.11 -33.18 -16.80
CA GLU H 265 -31.24 -33.85 -17.44
C GLU H 265 -30.88 -35.34 -17.55
N ASN H 266 -31.21 -36.11 -16.46
CA ASN H 266 -30.93 -37.54 -16.20
C ASN H 266 -29.43 -37.78 -15.95
N LYS H 267 -28.55 -37.18 -16.81
CA LYS H 267 -27.08 -37.22 -16.73
C LYS H 267 -26.62 -36.57 -15.41
N ALA H 268 -25.43 -36.98 -14.89
CA ALA H 268 -24.87 -36.47 -13.62
C ALA H 268 -24.37 -35.02 -13.78
N LEU H 269 -23.03 -34.79 -13.79
CA LEU H 269 -22.44 -33.46 -13.98
C LEU H 269 -20.93 -33.52 -14.20
N GLU H 270 -20.45 -32.72 -15.19
CA GLU H 270 -19.04 -32.56 -15.59
C GLU H 270 -18.18 -32.17 -14.38
N GLU H 271 -16.92 -32.70 -14.31
CA GLU H 271 -15.95 -32.46 -13.22
C GLU H 271 -15.56 -30.96 -13.09
N GLY H 272 -15.55 -30.25 -14.22
CA GLY H 272 -15.25 -28.82 -14.33
C GLY H 272 -16.51 -27.99 -14.46
N ASN H 273 -17.53 -28.37 -13.69
CA ASN H 273 -18.85 -27.74 -13.61
C ASN H 273 -19.40 -27.83 -12.15
N TYR H 274 -18.56 -28.23 -11.15
CA TYR H 274 -18.94 -28.38 -9.75
C TYR H 274 -17.86 -27.89 -8.80
N PHE H 275 -18.28 -27.36 -7.62
CA PHE H 275 -17.41 -26.91 -6.52
C PHE H 275 -18.11 -26.95 -5.13
N GLU H 276 -17.41 -27.47 -4.10
CA GLU H 276 -17.92 -27.66 -2.73
C GLU H 276 -17.14 -26.88 -1.65
N MET H 277 -17.87 -26.00 -0.93
CA MET H 277 -17.42 -25.18 0.20
C MET H 277 -18.21 -25.59 1.45
N SER H 278 -17.64 -25.41 2.64
CA SER H 278 -18.31 -25.82 3.88
C SER H 278 -17.85 -25.02 5.08
N THR H 279 -18.77 -24.70 6.02
CA THR H 279 -18.39 -24.00 7.25
C THR H 279 -19.35 -24.41 8.39
N TYR H 280 -19.05 -23.97 9.61
CA TYR H 280 -19.84 -24.27 10.80
C TYR H 280 -20.74 -23.12 11.23
N SER H 281 -21.85 -23.45 11.89
CA SER H 281 -22.83 -22.49 12.35
C SER H 281 -23.22 -22.82 13.76
N THR H 282 -23.86 -21.84 14.45
CA THR H 282 -24.40 -21.84 15.82
C THR H 282 -23.86 -23.02 16.72
N ASN H 283 -24.76 -23.89 17.21
CA ASN H 283 -24.39 -24.98 18.09
C ASN H 283 -23.83 -26.13 17.25
N ARG H 284 -22.55 -26.02 16.84
CA ARG H 284 -21.78 -27.00 16.05
C ARG H 284 -22.54 -27.52 14.78
N THR H 285 -23.29 -26.63 14.12
CA THR H 285 -24.05 -26.94 12.91
C THR H 285 -23.11 -26.92 11.71
N MET H 286 -23.51 -27.51 10.59
CA MET H 286 -22.69 -27.48 9.38
C MET H 286 -23.54 -27.06 8.17
N ILE H 287 -23.01 -26.09 7.38
CA ILE H 287 -23.61 -25.56 6.16
C ILE H 287 -22.74 -25.97 5.01
N ARG H 288 -23.35 -26.56 3.97
CA ARG H 288 -22.63 -27.00 2.78
C ARG H 288 -23.14 -26.27 1.53
N ILE H 289 -22.20 -25.77 0.69
CA ILE H 289 -22.46 -25.10 -0.58
C ILE H 289 -21.87 -25.96 -1.70
N LEU H 290 -22.71 -26.56 -2.54
CA LEU H 290 -22.23 -27.37 -3.67
C LEU H 290 -22.76 -26.70 -4.91
N PHE H 291 -22.00 -25.74 -5.44
CA PHE H 291 -22.50 -25.01 -6.58
C PHE H 291 -22.03 -25.60 -7.89
N ALA H 292 -22.90 -25.48 -8.91
CA ALA H 292 -22.66 -25.93 -10.27
C ALA H 292 -22.60 -24.74 -11.19
N PHE H 293 -21.71 -24.80 -12.18
CA PHE H 293 -21.53 -23.69 -13.11
C PHE H 293 -21.18 -24.13 -14.53
N VAL H 294 -21.54 -23.28 -15.47
CA VAL H 294 -21.21 -23.45 -16.89
C VAL H 294 -20.50 -22.17 -17.30
N SER H 295 -19.33 -22.30 -17.93
CA SER H 295 -18.53 -21.16 -18.38
C SER H 295 -19.27 -20.34 -19.45
N SER H 296 -19.72 -21.02 -20.50
CA SER H 296 -20.48 -20.45 -21.59
C SER H 296 -21.53 -21.47 -21.95
N VAL H 297 -22.81 -21.11 -21.79
CA VAL H 297 -23.90 -22.07 -22.05
C VAL H 297 -24.17 -22.26 -23.55
N ALA H 298 -24.92 -23.33 -23.87
CA ALA H 298 -25.37 -23.74 -25.21
C ALA H 298 -26.68 -24.53 -25.09
N ARG H 299 -27.26 -24.97 -26.23
CA ARG H 299 -28.50 -25.76 -26.22
C ARG H 299 -28.30 -27.08 -25.47
N ASN H 300 -27.10 -27.67 -25.60
CA ASN H 300 -26.60 -28.90 -24.97
C ASN H 300 -26.81 -28.86 -23.43
N ASP H 301 -26.55 -27.68 -22.79
CA ASP H 301 -26.61 -27.47 -21.34
C ASP H 301 -28.03 -27.19 -20.80
N THR H 302 -29.02 -26.88 -21.68
CA THR H 302 -30.41 -26.66 -21.25
C THR H 302 -31.01 -27.98 -20.73
N GLY H 303 -31.74 -27.93 -19.61
CA GLY H 303 -32.32 -29.14 -19.01
C GLY H 303 -32.70 -29.03 -17.55
N TYR H 304 -33.31 -30.09 -16.98
CA TYR H 304 -33.75 -30.10 -15.58
C TYR H 304 -32.64 -30.53 -14.60
N TYR H 305 -32.11 -29.55 -13.80
CA TYR H 305 -31.06 -29.73 -12.78
C TYR H 305 -31.66 -29.99 -11.41
N THR H 306 -31.05 -30.90 -10.65
CA THR H 306 -31.55 -31.25 -9.32
C THR H 306 -30.41 -31.45 -8.33
N CYS H 307 -30.63 -30.96 -7.11
CA CYS H 307 -29.67 -31.10 -6.04
C CYS H 307 -30.24 -31.94 -4.93
N SER H 308 -29.51 -33.00 -4.53
CA SER H 308 -29.93 -33.92 -3.46
C SER H 308 -28.87 -34.01 -2.36
N SER H 309 -29.30 -34.04 -1.09
CA SER H 309 -28.36 -34.15 0.03
C SER H 309 -28.55 -35.45 0.81
N SER H 310 -27.42 -36.02 1.30
CA SER H 310 -27.36 -37.27 2.09
C SER H 310 -27.80 -37.00 3.57
N LYS H 311 -28.95 -36.34 3.71
CA LYS H 311 -29.67 -35.95 4.92
C LYS H 311 -30.70 -34.86 4.58
N HIS H 312 -31.05 -34.70 3.24
CA HIS H 312 -32.00 -33.67 2.80
C HIS H 312 -32.84 -34.06 1.54
N PRO H 313 -34.02 -33.42 1.30
CA PRO H 313 -34.83 -33.80 0.12
C PRO H 313 -34.33 -33.16 -1.17
N SER H 314 -34.24 -33.95 -2.25
CA SER H 314 -33.77 -33.49 -3.57
C SER H 314 -34.67 -32.38 -4.21
N GLN H 315 -34.22 -31.11 -4.21
CA GLN H 315 -34.99 -30.02 -4.84
C GLN H 315 -34.41 -29.73 -6.23
N SER H 316 -35.29 -29.40 -7.20
CA SER H 316 -34.85 -29.17 -8.57
C SER H 316 -35.27 -27.82 -9.16
N ALA H 317 -34.64 -27.46 -10.31
CA ALA H 317 -34.85 -26.26 -11.13
C ALA H 317 -34.46 -26.54 -12.59
N LEU H 318 -35.35 -26.20 -13.55
CA LEU H 318 -35.11 -26.44 -14.99
C LEU H 318 -34.47 -25.23 -15.64
N VAL H 319 -33.48 -25.47 -16.49
CA VAL H 319 -32.73 -24.43 -17.19
C VAL H 319 -33.15 -24.36 -18.66
N THR H 320 -33.69 -23.18 -19.04
CA THR H 320 -34.16 -22.87 -20.37
C THR H 320 -33.17 -21.96 -21.03
N ILE H 321 -32.55 -22.51 -22.08
CA ILE H 321 -31.57 -21.81 -22.90
C ILE H 321 -32.36 -21.01 -23.94
N VAL H 322 -32.07 -19.71 -24.04
CA VAL H 322 -32.81 -18.87 -24.97
C VAL H 322 -31.91 -18.41 -26.12
N GLU H 323 -32.54 -18.41 -27.31
CA GLU H 323 -31.97 -17.95 -28.55
C GLU H 323 -31.91 -16.43 -28.48
N LYS H 324 -33.07 -15.77 -28.23
CA LYS H 324 -33.21 -14.31 -28.11
C LYS H 324 -34.09 -13.91 -26.89
N GLY H 325 -33.95 -12.64 -26.47
CA GLY H 325 -34.71 -12.07 -25.35
C GLY H 325 -36.20 -12.07 -25.61
N PHE H 326 -37.02 -12.25 -24.56
CA PHE H 326 -38.48 -12.33 -24.71
C PHE H 326 -39.27 -11.65 -23.58
N ILE H 327 -40.55 -11.29 -23.88
CA ILE H 327 -41.51 -10.70 -22.95
C ILE H 327 -42.86 -11.41 -23.14
N ASN H 328 -43.32 -12.17 -22.13
CA ASN H 328 -44.62 -12.82 -22.24
C ASN H 328 -45.57 -12.21 -21.26
N ALA H 329 -46.64 -11.62 -21.81
CA ALA H 329 -47.73 -10.93 -21.12
C ALA H 329 -48.91 -10.67 -22.05
N THR H 330 -50.12 -10.63 -21.49
CA THR H 330 -51.35 -10.40 -22.22
C THR H 330 -51.49 -8.90 -22.50
N ASN H 331 -51.36 -8.52 -23.77
CA ASN H 331 -51.45 -7.12 -24.20
C ASN H 331 -52.81 -6.82 -24.81
N SER H 332 -53.87 -7.42 -24.26
CA SER H 332 -55.26 -7.28 -24.71
C SER H 332 -55.76 -5.83 -24.72
N SER H 333 -55.06 -4.92 -24.02
CA SER H 333 -55.37 -3.51 -23.82
C SER H 333 -56.67 -3.46 -23.02
N GLU H 334 -56.58 -3.47 -21.66
CA GLU H 334 -57.73 -3.57 -20.75
C GLU H 334 -58.36 -2.22 -20.39
N ASP H 335 -59.68 -2.20 -20.29
CA ASP H 335 -60.43 -1.00 -19.96
C ASP H 335 -60.96 -1.08 -18.51
N TYR H 336 -60.97 0.08 -17.82
CA TYR H 336 -61.37 0.23 -16.42
C TYR H 336 -62.15 1.53 -16.18
N GLU H 337 -62.80 1.66 -15.00
CA GLU H 337 -63.58 2.85 -14.61
C GLU H 337 -63.82 2.84 -13.10
N ILE H 338 -63.52 3.96 -12.42
CA ILE H 338 -63.75 4.09 -10.97
C ILE H 338 -64.08 5.55 -10.58
N ASP H 339 -64.79 5.72 -9.42
CA ASP H 339 -65.20 7.01 -8.84
C ASP H 339 -64.21 7.43 -7.74
N GLN H 340 -63.72 8.71 -7.78
CA GLN H 340 -62.73 9.33 -6.89
C GLN H 340 -63.15 9.20 -5.42
N TYR H 341 -63.09 7.95 -4.93
CA TYR H 341 -63.46 7.47 -3.60
C TYR H 341 -62.93 6.03 -3.40
N GLU H 342 -62.52 5.37 -4.51
CA GLU H 342 -61.99 3.99 -4.55
C GLU H 342 -60.43 3.97 -4.55
N GLU H 343 -59.81 3.01 -3.78
CA GLU H 343 -58.35 2.79 -3.68
C GLU H 343 -57.96 1.62 -4.63
N PHE H 344 -57.23 1.95 -5.73
CA PHE H 344 -56.88 1.00 -6.79
C PHE H 344 -55.48 1.22 -7.41
N CYS H 345 -54.87 0.10 -7.84
CA CYS H 345 -53.57 -0.03 -8.49
C CYS H 345 -53.66 -0.86 -9.77
N PHE H 346 -53.19 -0.31 -10.90
CA PHE H 346 -53.09 -0.99 -12.19
C PHE H 346 -52.05 -2.11 -12.08
N SER H 347 -52.29 -3.28 -12.71
CA SER H 347 -51.34 -4.38 -12.62
C SER H 347 -51.00 -4.96 -13.98
N VAL H 348 -49.80 -5.60 -14.10
CA VAL H 348 -49.30 -6.30 -15.30
C VAL H 348 -48.40 -7.48 -14.89
N ARG H 349 -48.88 -8.71 -15.08
CA ARG H 349 -48.09 -9.91 -14.78
C ARG H 349 -47.31 -10.32 -16.03
N PHE H 350 -46.00 -10.59 -15.91
CA PHE H 350 -45.18 -10.93 -17.07
C PHE H 350 -43.97 -11.80 -16.74
N LYS H 351 -43.68 -12.77 -17.62
CA LYS H 351 -42.52 -13.63 -17.52
C LYS H 351 -41.64 -13.19 -18.65
N ALA H 352 -40.56 -12.47 -18.32
CA ALA H 352 -39.66 -11.89 -19.31
C ALA H 352 -38.17 -12.01 -18.95
N TYR H 353 -37.33 -12.31 -19.95
CA TYR H 353 -35.87 -12.42 -19.77
C TYR H 353 -35.12 -11.78 -20.97
N PRO H 354 -34.08 -10.94 -20.73
CA PRO H 354 -33.55 -10.50 -19.42
C PRO H 354 -34.48 -9.52 -18.72
N GLN H 355 -34.21 -9.20 -17.44
CA GLN H 355 -35.00 -8.24 -16.65
C GLN H 355 -35.30 -7.01 -17.53
N ILE H 356 -36.59 -6.70 -17.73
CA ILE H 356 -37.05 -5.63 -18.64
C ILE H 356 -37.01 -4.23 -18.02
N ARG H 357 -36.83 -3.23 -18.90
CA ARG H 357 -36.88 -1.81 -18.55
C ARG H 357 -38.32 -1.39 -18.81
N CYS H 358 -39.05 -0.99 -17.76
CA CYS H 358 -40.46 -0.66 -17.90
C CYS H 358 -40.71 0.86 -17.72
N THR H 359 -41.80 1.36 -18.35
CA THR H 359 -42.22 2.76 -18.30
C THR H 359 -43.74 2.88 -18.39
N TRP H 360 -44.35 3.58 -17.42
CA TRP H 360 -45.79 3.84 -17.37
C TRP H 360 -46.02 5.28 -17.85
N THR H 361 -46.46 5.47 -19.10
CA THR H 361 -46.71 6.80 -19.67
C THR H 361 -48.20 7.11 -19.81
N PHE H 362 -48.61 8.39 -19.57
CA PHE H 362 -50.00 8.86 -19.68
C PHE H 362 -50.05 10.36 -20.02
N SER H 363 -50.78 10.71 -21.12
CA SER H 363 -50.96 12.08 -21.65
C SER H 363 -49.59 12.83 -21.76
N ARG H 364 -48.56 12.09 -22.26
CA ARG H 364 -47.13 12.43 -22.46
C ARG H 364 -46.30 12.28 -21.16
N LYS H 365 -46.90 12.56 -19.97
CA LYS H 365 -46.24 12.47 -18.66
C LYS H 365 -45.91 10.99 -18.33
N SER H 366 -44.61 10.65 -18.36
CA SER H 366 -44.15 9.28 -18.12
C SER H 366 -43.46 9.12 -16.77
N PHE H 367 -43.85 8.08 -16.03
CA PHE H 367 -43.30 7.71 -14.71
C PHE H 367 -42.78 6.26 -14.74
N PRO H 368 -41.56 5.97 -14.18
CA PRO H 368 -41.04 4.57 -14.20
C PRO H 368 -41.79 3.67 -13.21
N CYS H 369 -41.45 2.35 -13.21
CA CYS H 369 -42.18 1.39 -12.38
C CYS H 369 -41.30 0.56 -11.46
N GLU H 370 -41.95 0.06 -10.40
CA GLU H 370 -41.39 -0.87 -9.44
C GLU H 370 -41.66 -2.28 -10.01
N GLN H 371 -40.83 -2.69 -10.99
CA GLN H 371 -40.92 -3.97 -11.71
C GLN H 371 -40.53 -5.17 -10.80
N LYS H 372 -41.27 -5.33 -9.67
CA LYS H 372 -41.07 -6.35 -8.63
C LYS H 372 -41.47 -7.74 -9.12
N GLY H 373 -40.95 -8.76 -8.45
CA GLY H 373 -41.26 -10.16 -8.74
C GLY H 373 -42.36 -10.75 -7.88
N LEU H 374 -43.24 -11.58 -8.50
CA LEU H 374 -44.36 -12.29 -7.85
C LEU H 374 -43.92 -13.70 -7.38
N ASP H 375 -42.69 -14.11 -7.77
CA ASP H 375 -42.00 -15.38 -7.43
C ASP H 375 -42.74 -16.64 -7.90
N ASN H 376 -44.03 -16.53 -8.29
CA ASN H 376 -44.89 -17.64 -8.74
C ASN H 376 -44.35 -18.29 -10.03
N GLY H 377 -43.73 -17.45 -10.87
CA GLY H 377 -43.15 -17.83 -12.15
C GLY H 377 -43.25 -16.68 -13.13
N TYR H 378 -43.49 -15.48 -12.57
CA TYR H 378 -43.65 -14.22 -13.30
C TYR H 378 -43.37 -13.04 -12.35
N SER H 379 -43.16 -11.84 -12.93
CA SER H 379 -42.95 -10.59 -12.23
C SER H 379 -44.18 -9.72 -12.48
N ILE H 380 -44.75 -9.10 -11.42
CA ILE H 380 -45.96 -8.28 -11.53
C ILE H 380 -45.65 -6.81 -11.25
N SER H 381 -45.72 -5.96 -12.30
CA SER H 381 -45.50 -4.51 -12.16
C SER H 381 -46.82 -3.83 -11.80
N LYS H 382 -46.75 -2.84 -10.90
CA LYS H 382 -47.92 -2.12 -10.41
C LYS H 382 -47.77 -0.61 -10.57
N PHE H 383 -48.91 0.09 -10.67
CA PHE H 383 -48.98 1.55 -10.77
C PHE H 383 -50.15 2.02 -9.95
N CYS H 384 -49.90 2.91 -8.98
CA CYS H 384 -50.97 3.33 -8.10
C CYS H 384 -51.34 4.81 -8.23
N ASN H 385 -50.35 5.71 -8.48
CA ASN H 385 -50.54 7.17 -8.59
C ASN H 385 -51.42 7.57 -9.80
N HIS H 386 -52.68 7.05 -9.82
CA HIS H 386 -53.72 7.29 -10.83
C HIS H 386 -54.15 8.75 -10.81
N LYS H 387 -54.19 9.35 -9.59
CA LYS H 387 -54.57 10.73 -9.27
C LYS H 387 -56.01 10.99 -9.74
N HIS H 388 -56.86 9.93 -9.70
CA HIS H 388 -58.26 9.89 -10.13
C HIS H 388 -58.43 10.52 -11.56
N GLN H 389 -57.29 10.74 -12.28
CA GLN H 389 -57.20 11.29 -13.64
C GLN H 389 -57.69 10.25 -14.69
N PRO H 390 -58.68 10.60 -15.54
CA PRO H 390 -59.20 9.61 -16.50
C PRO H 390 -58.45 9.56 -17.82
N GLY H 391 -58.51 8.40 -18.49
CA GLY H 391 -57.87 8.22 -19.79
C GLY H 391 -56.96 7.02 -20.00
N GLU H 392 -56.11 7.12 -21.02
CA GLU H 392 -55.17 6.11 -21.49
C GLU H 392 -53.83 6.08 -20.70
N TYR H 393 -53.63 5.00 -19.91
CA TYR H 393 -52.40 4.68 -19.16
C TYR H 393 -51.68 3.53 -19.91
N ILE H 394 -50.58 3.83 -20.64
CA ILE H 394 -49.86 2.84 -21.46
C ILE H 394 -48.58 2.38 -20.78
N PHE H 395 -48.44 1.05 -20.69
CA PHE H 395 -47.31 0.38 -20.08
C PHE H 395 -46.43 -0.21 -21.16
N HIS H 396 -45.24 0.40 -21.34
CA HIS H 396 -44.26 -0.05 -22.34
C HIS H 396 -43.08 -0.64 -21.63
N ALA H 397 -42.82 -1.93 -21.90
CA ALA H 397 -41.70 -2.64 -21.29
C ALA H 397 -40.85 -3.29 -22.37
N GLU H 398 -39.51 -3.17 -22.27
CA GLU H 398 -38.61 -3.73 -23.28
C GLU H 398 -37.27 -4.14 -22.70
N ASN H 399 -36.70 -5.22 -23.26
CA ASN H 399 -35.37 -5.72 -22.93
C ASN H 399 -34.48 -5.59 -24.17
N ASP H 400 -33.19 -5.94 -24.05
CA ASP H 400 -32.20 -5.86 -25.12
C ASP H 400 -32.70 -6.46 -26.49
N ASP H 401 -33.34 -7.64 -26.48
CA ASP H 401 -33.78 -8.26 -27.73
C ASP H 401 -35.32 -8.39 -27.86
N ALA H 402 -36.13 -7.59 -27.09
CA ALA H 402 -37.61 -7.64 -27.16
C ALA H 402 -38.30 -6.37 -26.63
N GLN H 403 -39.51 -6.06 -27.19
CA GLN H 403 -40.32 -4.89 -26.83
C GLN H 403 -41.77 -5.30 -26.52
N PHE H 404 -42.55 -4.38 -25.87
CA PHE H 404 -43.95 -4.59 -25.44
C PHE H 404 -44.67 -3.28 -25.02
N THR H 405 -46.01 -3.27 -25.15
CA THR H 405 -46.89 -2.17 -24.76
C THR H 405 -48.31 -2.69 -24.50
N LYS H 406 -48.96 -2.24 -23.39
CA LYS H 406 -50.36 -2.57 -23.00
C LYS H 406 -51.14 -1.29 -22.62
N MET H 407 -52.29 -1.01 -23.35
CA MET H 407 -53.16 0.18 -23.24
C MET H 407 -54.28 0.01 -22.22
N PHE H 408 -54.25 0.80 -21.15
CA PHE H 408 -55.23 0.72 -20.08
C PHE H 408 -56.18 1.93 -20.03
N THR H 409 -57.44 1.73 -20.50
CA THR H 409 -58.48 2.79 -20.50
C THR H 409 -58.99 3.00 -19.09
N LEU H 410 -59.34 4.25 -18.74
CA LEU H 410 -59.89 4.59 -17.41
C LEU H 410 -61.07 5.64 -17.49
N ASN H 411 -62.18 5.36 -16.77
CA ASN H 411 -63.34 6.26 -16.72
C ASN H 411 -63.93 6.32 -15.30
C1 NAG I . 39.18 -37.17 -16.83
C2 NAG I . 39.72 -38.60 -16.55
C3 NAG I . 39.10 -39.15 -15.25
C4 NAG I . 39.21 -38.15 -14.07
C5 NAG I . 38.73 -36.75 -14.51
C6 NAG I . 38.93 -35.70 -13.42
C7 NAG I . 40.53 -40.14 -18.38
C8 NAG I . 40.06 -41.04 -19.49
N2 NAG I . 39.51 -39.53 -17.68
O3 NAG I . 39.75 -40.40 -14.91
O4 NAG I . 38.40 -38.61 -12.98
O5 NAG I . 39.41 -36.31 -15.70
O6 NAG I . 37.98 -35.85 -12.36
O7 NAG I . 41.73 -39.96 -18.14
C1 NAG J . -5.98 41.06 -12.66
C2 NAG J . -7.33 41.23 -13.44
C3 NAG J . -8.35 41.98 -12.55
C4 NAG J . -8.46 41.36 -11.12
C5 NAG J . -7.04 41.18 -10.52
C6 NAG J . -7.09 40.46 -9.16
C7 NAG J . -7.76 41.46 -15.90
C8 NAG J . -7.43 42.31 -17.10
N2 NAG J . -7.16 41.89 -14.75
O3 NAG J . -9.63 41.97 -13.20
O4 NAG J . -9.20 42.27 -10.28
O5 NAG J . -6.20 40.41 -11.41
O6 NAG J . -7.67 39.17 -9.27
O7 NAG J . -8.49 40.48 -15.98
C1 NAG K . 4.34 23.02 -46.85
C2 NAG K . 2.78 22.91 -46.86
C3 NAG K . 2.33 22.03 -48.05
C4 NAG K . 2.98 22.46 -49.39
C5 NAG K . 4.51 22.61 -49.20
C6 NAG K . 5.20 23.15 -50.46
C7 NAG K . 1.68 23.24 -44.62
C8 NAG K . 1.18 22.50 -43.40
N2 NAG K . 2.23 22.42 -45.58
O3 NAG K . 0.90 22.09 -48.15
O4 NAG K . 2.74 21.44 -50.37
O5 NAG K . 4.81 23.51 -48.10
O6 NAG K . 4.67 24.42 -50.84
O7 NAG K . 1.59 24.47 -44.73
C1 NAG L . 5.27 31.84 -36.26
C2 NAG L . 5.12 32.84 -35.07
C3 NAG L . 4.16 33.97 -35.45
C4 NAG L . 4.51 34.61 -36.82
C5 NAG L . 4.71 33.51 -37.89
C6 NAG L . 5.18 34.07 -39.23
C7 NAG L . 5.42 32.26 -32.63
C8 NAG L . 4.78 31.50 -31.50
N2 NAG L . 4.71 32.18 -33.81
O3 NAG L . 4.18 34.98 -34.42
O4 NAG L . 3.44 35.47 -37.24
O5 NAG L . 5.68 32.53 -37.44
O6 NAG L . 4.18 34.88 -39.85
O7 NAG L . 6.47 32.88 -32.50
C1 NAG M . -5.04 8.87 14.90
C2 NAG M . -5.70 7.63 14.24
C3 NAG M . -5.03 7.34 12.87
C4 NAG M . -4.93 8.61 11.98
C5 NAG M . -4.33 9.79 12.79
C6 NAG M . -4.33 11.10 12.00
C7 NAG M . -6.73 5.53 15.18
C8 NAG M . -6.48 4.40 16.14
N2 NAG M . -5.70 6.44 15.11
O3 NAG M . -5.77 6.31 12.20
O4 NAG M . -4.06 8.34 10.87
O5 NAG M . -5.08 10.00 14.01
O6 NAG M . -5.65 11.47 11.63
O7 NAG M . -7.77 5.63 14.52
C1 NAG N . -50.59 -8.09 -28.81
C2 NAG N . -50.52 -7.19 -30.08
C3 NAG N . -50.38 -8.07 -31.34
C4 NAG N . -49.23 -9.12 -31.21
C5 NAG N . -49.38 -9.88 -29.86
C6 NAG N . -48.21 -10.84 -29.62
C7 NAG N . -51.72 -5.01 -29.68
C8 NAG N . -53.02 -4.28 -29.93
N2 NAG N . -51.68 -6.28 -30.19
O3 NAG N . -50.15 -7.23 -32.48
O4 NAG N . -49.33 -10.06 -32.29
O5 NAG N . -49.44 -8.95 -28.75
O6 NAG N . -46.96 -10.15 -29.60
O7 NAG N . -50.79 -4.49 -29.06
C1 NAG O . -44.10 -17.14 -24.57
C2 NAG O . -43.41 -18.54 -24.69
C3 NAG O . -43.16 -18.89 -26.17
C4 NAG O . -44.42 -18.67 -27.05
C5 NAG O . -45.04 -17.29 -26.77
C6 NAG O . -46.37 -17.08 -27.53
C7 NAG O . -41.88 -19.70 -23.06
C8 NAG O . -40.55 -19.57 -22.36
N2 NAG O . -42.17 -18.64 -23.89
O3 NAG O . -42.69 -20.24 -26.27
O4 NAG O . -44.05 -18.76 -28.44
O5 NAG O . -45.30 -17.10 -25.36
O6 NAG O . -46.14 -16.75 -28.89
O7 NAG O . -42.61 -20.67 -22.90
#